data_4HB0
#
_entry.id   4HB0
#
_cell.length_a   105.536
_cell.length_b   105.536
_cell.length_c   305.044
_cell.angle_alpha   90.00
_cell.angle_beta   90.00
_cell.angle_gamma   90.00
#
_symmetry.space_group_name_H-M   'P 43 21 2'
#
loop_
_entity.id
_entity.type
_entity.pdbx_description
1 polymer 'GTP-binding nuclear protein Ran'
2 polymer 'Ran-specific GTPase-activating protein 1'
3 polymer Exportin-1
4 non-polymer 'PHOSPHOAMINOPHOSPHONIC ACID-GUANYLATE ESTER'
5 non-polymer 'MAGNESIUM ION'
6 non-polymer 'Leptomycin B'
7 non-polymer 'CHLORIDE ION'
8 water water
#
loop_
_entity_poly.entity_id
_entity_poly.type
_entity_poly.pdbx_seq_one_letter_code
_entity_poly.pdbx_strand_id
1 'polypeptide(L)'
;MAAQGEPQVQFKLVLVGDGGTGKTTFVKRHLTGEFEKKYVATLGVEVHPLVFHTNRGPIKFNVWDTAGQEKFGGLRDGYY
IQAQCAIIMFDVTSRVTYKNVPNWHRDLVRVCENIPIVLCGNKVDIKDRKVKAKSIVFHRKKNLQYYDISAKSNYNFEKP
FLWLARKLIGDPNLEFVAMPALAPPEVVMDPALAAQYEHDLEVAQTTALPDEDDDL
;
A
2 'polypeptide(L)'
;DIHFEPVVHLEKVDVKTMEEDEEVLYKVRAKLFRFDKDAKEWKERGTGDCKFLKNKKTNKVRILMRRDKTLKICANHIIA
PEYTLKPNVGSDRSWVYACTADIAEGEAEAFTFAIRFGSKENADKFKEEFEKAQEINKKA
;
B
3 'polypeptide(L)'
;GAMEGILDFSNDLDIALLDQVVSTFYQGSGVQQKQAQEILTKFQDNPDAWQKADQILQFSTNPQSKFIALSILDKLITRK
WKLLPNDHRIGIRNFVVGMIISMCQDDEVFKTQKNLINKSDLTLVQILKQEWPQNWPEFIPELIGSSSSSVNVCENNMIV
LKLLSEEVFDFSAEQMTQAKALHLKNSMSKEFEQIFKLCFQVLEQGSSSSLIVATLESLLRYLHWIPYRYIYETNILELL
STKFMTSPDTRAITLKCLTEVSNLKIPQDNDLIKRQTVLFFQNTLQQIATSVMPVTADLKATYANANGNDQSFLQDLAMF
LTTYLARNRALLESDESLRELLLNAHQYLIQLSKIEERELFKTTLDYWHNLVADLFYEPLKKHIYEEICSQLRLVIIENM
VRPEEVLVVENDEGEIVREFVKESDTIQLYKSEREVLVYLTHLNVIDTEEIMISKLARQIDGSEWSWHNINTLSWAIGSI
SGTMSEDTEKRFVVTVIKDLLDLCVQQSGQDNQAVVASDIMYVVGQYPRFLKAHWNFLRTVILQLFEFMHETHEGVQDMA
CDTFIKIVQKCKYHFVIQQPRESEPFIQTIIRDIQKTTADLQPQQVHTFYKACGIIISEERSVAERNRLLSDLMQLPNMA
WDTIVEQSTANPTLLLDSETVKIIANIIKTNVAVCTSMGADFYPQLGHIYYNMLQLYRAVSSMISAQVAAEGLIATKTPK
VRGLRTIKKEILKLVETYISKARNLDDVVKVLVEPLLNAVLEDYMNNVPDARDAEVLNCMTTVVEKVGHMIPQGVILILQ
SVFECTLDMINKDFTEYPEHRVEFYKLLKVINEKSFAAFLELPPAAFKLFVDAICWAFKHNNRDVEVNGLQIALDLVKNI
ERMGNVPFANEFHKNYFFIFVSETFFVLTDSDHKSGFSKQALLLMKLISLVYDNKISVPLYQEAEVPQGTSNQVYLSQYL
ANMLSNAFPHLTSEQIASFLSALTKQCKDLVVFKGTLRDFLVQIKEVGGDPTDYLFAEDKENA
;
C
#
# COMPACT_ATOMS: atom_id res chain seq x y z
N VAL A 9 27.73 16.00 -7.77
CA VAL A 9 27.31 14.73 -7.12
C VAL A 9 25.83 14.46 -7.45
N GLN A 10 25.58 14.06 -8.71
CA GLN A 10 24.18 13.79 -9.15
C GLN A 10 23.90 12.41 -9.77
N PHE A 11 22.79 11.83 -9.33
CA PHE A 11 22.44 10.48 -9.72
C PHE A 11 21.09 10.44 -10.37
N LYS A 12 21.04 9.66 -11.44
CA LYS A 12 19.78 9.37 -12.14
C LYS A 12 18.97 8.33 -11.37
N LEU A 13 17.74 8.73 -11.06
CA LEU A 13 16.76 7.85 -10.40
C LEU A 13 15.56 7.67 -11.29
N VAL A 14 15.31 6.43 -11.67
CA VAL A 14 14.06 6.13 -12.37
C VAL A 14 13.02 5.64 -11.41
N LEU A 15 11.83 6.16 -11.63
CA LEU A 15 10.69 5.85 -10.82
C LEU A 15 9.63 5.20 -11.69
N VAL A 16 9.39 3.94 -11.36
CA VAL A 16 8.49 3.09 -12.13
C VAL A 16 7.41 2.45 -11.25
N GLY A 17 6.33 2.03 -11.91
CA GLY A 17 5.20 1.39 -11.23
C GLY A 17 3.86 1.69 -11.85
N ASP A 18 2.90 0.87 -11.52
CA ASP A 18 1.55 1.01 -12.13
C ASP A 18 0.92 2.41 -12.05
N GLY A 19 0.03 2.66 -12.99
CA GLY A 19 -0.69 3.92 -13.01
C GLY A 19 -1.47 4.05 -11.71
N GLY A 20 -1.45 5.26 -11.17
CA GLY A 20 -2.27 5.59 -9.98
C GLY A 20 -1.68 5.20 -8.64
N THR A 21 -0.49 4.61 -8.66
CA THR A 21 0.23 4.19 -7.40
C THR A 21 0.76 5.32 -6.53
N GLY A 22 0.89 6.51 -7.11
CA GLY A 22 1.28 7.72 -6.34
C GLY A 22 2.71 8.22 -6.62
N LYS A 23 3.26 7.76 -7.74
CA LYS A 23 4.66 8.11 -8.13
C LYS A 23 4.85 9.63 -8.19
N THR A 24 4.08 10.28 -9.03
CA THR A 24 4.21 11.74 -9.18
C THR A 24 3.88 12.52 -7.89
N THR A 25 2.81 12.12 -7.25
CA THR A 25 2.43 12.74 -5.97
C THR A 25 3.60 12.64 -5.00
N PHE A 26 4.17 11.45 -4.92
CA PHE A 26 5.33 11.19 -4.01
C PHE A 26 6.45 12.19 -4.31
N VAL A 27 6.78 12.29 -5.57
CA VAL A 27 7.86 13.17 -6.00
C VAL A 27 7.53 14.62 -5.64
N LYS A 28 6.33 15.03 -5.99
CA LYS A 28 5.89 16.44 -5.80
C LYS A 28 6.01 16.85 -4.37
N ARG A 29 5.60 15.92 -3.51
CA ARG A 29 5.70 16.09 -2.07
C ARG A 29 7.10 16.44 -1.66
N HIS A 30 8.04 15.71 -2.21
CA HIS A 30 9.47 15.98 -1.92
C HIS A 30 9.96 17.28 -2.52
N LEU A 31 9.44 17.60 -3.69
CA LEU A 31 9.83 18.81 -4.45
C LEU A 31 9.39 20.11 -3.78
N THR A 32 8.09 20.18 -3.50
CA THR A 32 7.48 21.46 -3.14
C THR A 32 6.89 21.43 -1.77
N GLY A 33 6.81 20.23 -1.20
CA GLY A 33 6.09 20.00 0.09
C GLY A 33 4.59 19.70 0.00
N GLU A 34 4.05 19.96 -1.19
CA GLU A 34 2.58 19.83 -1.39
C GLU A 34 2.05 18.39 -1.47
N PHE A 35 0.76 18.26 -1.25
CA PHE A 35 0.05 17.02 -1.60
C PHE A 35 -1.00 17.20 -2.68
N GLU A 36 -0.70 16.69 -3.86
CA GLU A 36 -1.65 16.76 -5.01
C GLU A 36 -2.76 15.72 -4.91
N LYS A 37 -3.99 16.16 -4.73
CA LYS A 37 -5.13 15.21 -4.63
C LYS A 37 -5.61 14.66 -5.97
N LYS A 38 -5.42 15.45 -7.01
CA LYS A 38 -5.94 15.07 -8.34
C LYS A 38 -5.01 14.07 -8.98
N TYR A 39 -5.62 13.12 -9.68
CA TYR A 39 -4.86 12.16 -10.52
C TYR A 39 -4.75 12.66 -11.96
N VAL A 40 -3.62 13.26 -12.26
CA VAL A 40 -3.30 13.59 -13.67
C VAL A 40 -2.16 12.68 -14.11
N ALA A 41 -2.51 11.83 -15.07
CA ALA A 41 -1.60 10.77 -15.56
C ALA A 41 -0.37 11.39 -16.20
N THR A 42 0.79 10.87 -15.82
CA THR A 42 2.08 11.28 -16.39
C THR A 42 2.16 10.88 -17.86
N LEU A 43 2.65 11.79 -18.68
CA LEU A 43 2.82 11.54 -20.15
C LEU A 43 4.29 11.21 -20.49
N GLY A 44 4.58 9.93 -20.66
CA GLY A 44 5.96 9.42 -20.93
C GLY A 44 6.82 9.47 -19.67
N VAL A 45 7.45 10.63 -19.49
CA VAL A 45 8.29 10.90 -18.29
C VAL A 45 8.33 12.39 -17.95
N GLU A 46 8.51 12.67 -16.67
CA GLU A 46 8.84 14.00 -16.16
CA GLU A 46 8.88 13.99 -16.22
C GLU A 46 10.13 13.94 -15.39
N VAL A 47 11.09 14.73 -15.81
CA VAL A 47 12.38 14.79 -15.13
C VAL A 47 12.37 15.94 -14.14
N HIS A 48 12.71 15.64 -12.91
CA HIS A 48 12.84 16.70 -11.88
C HIS A 48 14.08 16.56 -11.06
N PRO A 49 14.85 17.63 -10.95
CA PRO A 49 15.93 17.58 -10.00
C PRO A 49 15.44 17.75 -8.56
N LEU A 50 16.18 17.11 -7.68
CA LEU A 50 15.79 16.97 -6.25
C LEU A 50 17.03 16.81 -5.41
N VAL A 51 17.23 17.78 -4.54
CA VAL A 51 18.46 17.83 -3.73
C VAL A 51 18.20 17.55 -2.26
N PHE A 52 19.14 16.86 -1.65
CA PHE A 52 19.09 16.59 -0.22
C PHE A 52 20.42 16.98 0.42
N HIS A 53 20.31 17.49 1.61
CA HIS A 53 21.49 17.92 2.31
C HIS A 53 21.81 16.90 3.35
N THR A 54 23.04 16.45 3.31
CA THR A 54 23.51 15.36 4.19
C THR A 54 24.79 15.73 4.90
N ASN A 55 25.12 14.98 5.94
CA ASN A 55 26.44 15.14 6.63
C ASN A 55 27.64 14.88 5.72
N ARG A 56 27.38 14.28 4.58
CA ARG A 56 28.44 14.02 3.57
C ARG A 56 28.38 14.98 2.40
N GLY A 57 27.62 16.03 2.60
CA GLY A 57 27.40 17.04 1.57
C GLY A 57 26.05 16.86 0.89
N PRO A 58 25.77 17.73 -0.09
CA PRO A 58 24.54 17.63 -0.80
C PRO A 58 24.64 16.53 -1.79
N ILE A 59 23.49 15.95 -2.02
CA ILE A 59 23.29 14.91 -3.01
C ILE A 59 22.10 15.29 -3.92
N LYS A 60 22.30 15.08 -5.21
CA LYS A 60 21.30 15.45 -6.21
C LYS A 60 20.80 14.25 -6.96
N PHE A 61 19.51 14.04 -6.84
CA PHE A 61 18.83 13.11 -7.70
C PHE A 61 18.18 13.82 -8.88
N ASN A 62 18.39 13.26 -10.05
CA ASN A 62 17.61 13.65 -11.22
C ASN A 62 16.50 12.62 -11.38
N VAL A 63 15.35 12.96 -10.85
CA VAL A 63 14.23 12.00 -10.80
C VAL A 63 13.46 11.91 -12.12
N TRP A 64 13.50 10.70 -12.67
CA TRP A 64 12.82 10.41 -13.95
C TRP A 64 11.57 9.68 -13.65
N ASP A 65 10.50 10.46 -13.53
CA ASP A 65 9.19 9.98 -13.03
C ASP A 65 8.40 9.61 -14.24
N THR A 66 8.35 8.30 -14.43
CA THR A 66 7.78 7.70 -15.62
C THR A 66 6.30 7.35 -15.48
N ALA A 67 5.70 7.20 -16.64
CA ALA A 67 4.28 6.91 -16.80
C ALA A 67 4.05 5.43 -16.54
N GLY A 68 3.06 5.15 -15.68
CA GLY A 68 2.64 3.79 -15.32
C GLY A 68 1.54 3.24 -16.22
N GLN A 69 0.80 4.14 -16.83
CA GLN A 69 -0.28 3.77 -17.74
CA GLN A 69 -0.28 3.76 -17.75
C GLN A 69 0.31 3.33 -19.07
N GLU A 70 0.00 2.10 -19.46
CA GLU A 70 0.56 1.56 -20.70
C GLU A 70 0.39 2.52 -21.85
N LYS A 71 -0.79 3.10 -21.94
CA LYS A 71 -1.16 3.94 -23.10
C LYS A 71 -0.40 5.28 -23.06
N PHE A 72 0.16 5.63 -21.93
CA PHE A 72 1.01 6.86 -21.86
C PHE A 72 2.50 6.52 -21.66
N GLY A 73 2.82 5.28 -21.96
CA GLY A 73 4.16 4.69 -21.67
C GLY A 73 5.37 5.37 -22.29
N GLY A 74 5.13 5.91 -23.48
CA GLY A 74 6.17 6.59 -24.25
C GLY A 74 7.32 5.68 -24.56
N LEU A 75 8.53 6.12 -24.29
CA LEU A 75 9.74 5.32 -24.65
C LEU A 75 9.90 4.06 -23.75
N ARG A 76 9.07 3.97 -22.72
CA ARG A 76 9.12 2.85 -21.75
CA ARG A 76 9.10 2.86 -21.73
C ARG A 76 10.51 2.63 -21.17
N ASP A 77 11.11 1.50 -21.50
CA ASP A 77 12.40 1.10 -20.90
C ASP A 77 13.57 1.98 -21.32
N GLY A 78 13.37 2.66 -22.44
CA GLY A 78 14.30 3.69 -22.89
C GLY A 78 14.62 4.76 -21.85
N TYR A 79 13.70 4.96 -20.94
CA TYR A 79 13.89 5.93 -19.85
C TYR A 79 14.96 5.47 -18.85
N TYR A 80 15.13 4.16 -18.81
CA TYR A 80 15.96 3.48 -17.82
C TYR A 80 17.42 3.55 -18.11
N ILE A 81 17.74 3.94 -19.34
CA ILE A 81 19.15 3.89 -19.78
C ILE A 81 20.02 4.75 -18.88
N GLN A 82 21.06 4.11 -18.38
CA GLN A 82 22.04 4.76 -17.45
C GLN A 82 21.49 5.29 -16.10
N ALA A 83 20.33 4.79 -15.74
CA ALA A 83 19.80 5.00 -14.40
C ALA A 83 20.83 4.47 -13.41
N GLN A 84 21.02 5.21 -12.34
CA GLN A 84 21.99 4.76 -11.30
C GLN A 84 21.31 4.22 -10.05
N CYS A 85 20.01 4.35 -10.06
CA CYS A 85 19.18 3.88 -8.97
C CYS A 85 17.73 3.97 -9.38
N ALA A 86 16.86 3.39 -8.56
CA ALA A 86 15.44 3.33 -8.90
C ALA A 86 14.55 3.06 -7.69
N ILE A 87 13.30 3.46 -7.88
CA ILE A 87 12.21 3.20 -6.95
C ILE A 87 11.08 2.54 -7.71
N ILE A 88 10.69 1.36 -7.26
CA ILE A 88 9.52 0.68 -7.78
C ILE A 88 8.37 0.89 -6.79
N MET A 89 7.29 1.45 -7.31
N MET A 89 7.29 1.43 -7.31
CA MET A 89 6.08 1.81 -6.55
CA MET A 89 6.11 1.74 -6.50
C MET A 89 4.92 0.85 -6.77
C MET A 89 4.90 0.87 -6.77
N PHE A 90 4.23 0.57 -5.67
CA PHE A 90 2.90 -0.03 -5.74
C PHE A 90 1.95 0.58 -4.71
N ASP A 91 0.70 0.11 -4.71
CA ASP A 91 -0.38 0.72 -3.94
C ASP A 91 -0.96 -0.40 -3.08
N VAL A 92 -0.80 -0.27 -1.78
CA VAL A 92 -1.19 -1.32 -0.86
C VAL A 92 -2.71 -1.52 -0.78
N THR A 93 -3.44 -0.60 -1.38
CA THR A 93 -4.92 -0.77 -1.48
C THR A 93 -5.33 -1.43 -2.80
N SER A 94 -4.34 -1.67 -3.66
CA SER A 94 -4.59 -2.28 -5.00
C SER A 94 -3.65 -3.43 -5.32
N ARG A 95 -4.20 -4.63 -5.21
CA ARG A 95 -3.42 -5.88 -5.30
C ARG A 95 -2.78 -6.05 -6.68
N VAL A 96 -3.52 -5.66 -7.71
CA VAL A 96 -2.96 -5.78 -9.07
C VAL A 96 -1.62 -5.06 -9.18
N THR A 97 -1.49 -3.98 -8.43
CA THR A 97 -0.29 -3.12 -8.54
C THR A 97 0.89 -3.87 -7.96
N TYR A 98 0.64 -4.67 -6.92
CA TYR A 98 1.71 -5.54 -6.37
C TYR A 98 2.02 -6.72 -7.30
N LYS A 99 0.98 -7.27 -7.87
CA LYS A 99 1.13 -8.36 -8.85
C LYS A 99 2.05 -7.98 -9.99
N ASN A 100 2.00 -6.70 -10.37
CA ASN A 100 2.78 -6.15 -11.53
C ASN A 100 4.22 -5.77 -11.19
N VAL A 101 4.52 -5.81 -9.91
CA VAL A 101 5.88 -5.45 -9.45
C VAL A 101 7.00 -6.22 -10.19
N PRO A 102 6.86 -7.54 -10.32
CA PRO A 102 7.91 -8.30 -11.01
C PRO A 102 8.04 -7.99 -12.52
N ASN A 103 6.98 -7.46 -13.09
CA ASN A 103 7.04 -7.00 -14.50
C ASN A 103 7.88 -5.70 -14.57
N TRP A 104 7.56 -4.76 -13.72
CA TRP A 104 8.35 -3.53 -13.65
C TRP A 104 9.82 -3.82 -13.38
N HIS A 105 10.05 -4.70 -12.41
CA HIS A 105 11.43 -5.10 -12.02
C HIS A 105 12.20 -5.73 -13.17
N ARG A 106 11.52 -6.63 -13.86
CA ARG A 106 12.09 -7.33 -15.03
C ARG A 106 12.65 -6.32 -16.04
N ASP A 107 11.73 -5.49 -16.52
CA ASP A 107 12.04 -4.49 -17.54
C ASP A 107 13.15 -3.55 -17.11
N LEU A 108 13.12 -3.22 -15.85
CA LEU A 108 14.09 -2.32 -15.23
C LEU A 108 15.51 -2.91 -15.23
N VAL A 109 15.63 -4.10 -14.63
CA VAL A 109 16.97 -4.71 -14.40
C VAL A 109 17.58 -5.21 -15.69
N ARG A 110 16.75 -5.40 -16.69
CA ARG A 110 17.30 -5.76 -18.00
C ARG A 110 18.16 -4.66 -18.59
N VAL A 111 17.78 -3.43 -18.27
CA VAL A 111 18.57 -2.23 -18.71
C VAL A 111 19.59 -1.83 -17.66
N CYS A 112 19.17 -1.92 -16.42
CA CYS A 112 19.99 -1.48 -15.28
C CYS A 112 20.37 -2.66 -14.44
N GLU A 113 21.48 -3.22 -14.81
CA GLU A 113 21.82 -4.54 -14.30
C GLU A 113 22.27 -4.50 -12.84
N ASN A 114 22.99 -3.45 -12.46
CA ASN A 114 23.49 -3.40 -11.06
C ASN A 114 23.35 -2.06 -10.35
N ILE A 115 22.09 -1.77 -10.02
CA ILE A 115 21.74 -0.52 -9.35
C ILE A 115 20.97 -0.79 -8.06
N PRO A 116 21.06 0.11 -7.06
CA PRO A 116 20.24 -0.03 -5.89
C PRO A 116 18.82 0.42 -6.20
N ILE A 117 17.90 -0.38 -5.71
CA ILE A 117 16.47 -0.23 -5.93
C ILE A 117 15.66 -0.35 -4.60
N VAL A 118 14.78 0.62 -4.40
CA VAL A 118 13.79 0.60 -3.31
C VAL A 118 12.40 0.19 -3.86
N LEU A 119 11.82 -0.79 -3.20
CA LEU A 119 10.42 -1.13 -3.38
C LEU A 119 9.60 -0.40 -2.35
N CYS A 120 8.59 0.30 -2.85
CA CYS A 120 7.69 1.09 -1.97
C CYS A 120 6.24 0.79 -2.11
N GLY A 121 5.63 0.45 -0.99
CA GLY A 121 4.19 0.16 -0.92
C GLY A 121 3.51 1.42 -0.41
N ASN A 122 2.92 2.18 -1.32
CA ASN A 122 2.30 3.51 -1.00
C ASN A 122 0.85 3.43 -0.54
N LYS A 123 0.37 4.56 -0.06
CA LYS A 123 -1.04 4.77 0.32
C LYS A 123 -1.47 3.98 1.58
N VAL A 124 -0.52 3.68 2.44
CA VAL A 124 -0.79 2.96 3.69
C VAL A 124 -1.66 3.74 4.66
N ASP A 125 -1.77 5.03 4.43
CA ASP A 125 -2.71 5.90 5.21
C ASP A 125 -4.17 5.44 5.06
N ILE A 126 -4.45 4.72 4.00
CA ILE A 126 -5.80 4.22 3.72
C ILE A 126 -6.16 3.02 4.62
N LYS A 127 -7.31 3.15 5.26
CA LYS A 127 -7.72 2.19 6.30
C LYS A 127 -7.77 0.76 5.77
N ASP A 128 -8.49 0.60 4.67
CA ASP A 128 -8.73 -0.74 4.11
C ASP A 128 -7.56 -1.15 3.19
N ARG A 129 -6.53 -1.63 3.85
CA ARG A 129 -5.34 -2.19 3.22
C ARG A 129 -5.64 -3.54 2.57
N LYS A 130 -5.19 -3.72 1.34
CA LYS A 130 -5.47 -4.98 0.57
C LYS A 130 -4.26 -5.92 0.34
N VAL A 131 -3.09 -5.33 0.20
CA VAL A 131 -1.81 -6.07 0.07
C VAL A 131 -1.21 -6.11 1.45
N LYS A 132 -1.51 -7.21 2.11
CA LYS A 132 -1.04 -7.48 3.46
C LYS A 132 0.46 -7.47 3.59
N ALA A 133 0.90 -6.85 4.68
CA ALA A 133 2.31 -6.76 5.06
C ALA A 133 3.01 -8.06 4.79
N LYS A 134 2.37 -9.09 5.27
CA LYS A 134 2.92 -10.44 5.24
C LYS A 134 3.24 -10.95 3.85
N SER A 135 2.42 -10.55 2.90
CA SER A 135 2.56 -10.97 1.48
C SER A 135 3.74 -10.32 0.78
N ILE A 136 4.25 -9.24 1.33
CA ILE A 136 5.26 -8.43 0.58
C ILE A 136 6.65 -9.02 0.74
N VAL A 137 7.01 -9.87 -0.22
CA VAL A 137 8.26 -10.70 -0.12
C VAL A 137 9.11 -10.69 -1.41
N PHE A 138 8.55 -10.07 -2.44
CA PHE A 138 9.21 -10.06 -3.74
C PHE A 138 10.64 -9.51 -3.65
N HIS A 139 10.84 -8.55 -2.74
CA HIS A 139 12.13 -7.83 -2.64
C HIS A 139 13.29 -8.67 -2.15
N ARG A 140 12.98 -9.78 -1.51
CA ARG A 140 13.97 -10.52 -0.73
C ARG A 140 15.00 -11.16 -1.65
N LYS A 141 14.53 -12.00 -2.57
CA LYS A 141 15.46 -12.64 -3.58
C LYS A 141 16.11 -11.66 -4.54
N LYS A 142 15.54 -10.47 -4.65
CA LYS A 142 16.01 -9.46 -5.63
C LYS A 142 16.87 -8.35 -5.05
N ASN A 143 17.06 -8.45 -3.75
CA ASN A 143 17.93 -7.52 -3.01
C ASN A 143 17.48 -6.05 -3.06
N LEU A 144 16.17 -5.87 -3.15
CA LEU A 144 15.55 -4.54 -3.08
C LEU A 144 15.23 -4.24 -1.64
N GLN A 145 15.46 -3.01 -1.27
CA GLN A 145 14.99 -2.47 0.05
C GLN A 145 13.50 -2.29 -0.05
N TYR A 146 12.79 -2.55 1.01
CA TYR A 146 11.31 -2.35 1.05
C TYR A 146 10.89 -1.36 2.12
N TYR A 147 9.99 -0.46 1.76
CA TYR A 147 9.25 0.40 2.74
C TYR A 147 7.77 0.59 2.47
N ASP A 148 6.96 0.36 3.50
CA ASP A 148 5.60 0.93 3.59
C ASP A 148 5.81 2.46 3.58
N ILE A 149 5.13 3.15 2.69
CA ILE A 149 5.10 4.63 2.67
C ILE A 149 3.70 5.20 2.45
N SER A 150 3.55 6.48 2.79
CA SER A 150 2.37 7.27 2.39
C SER A 150 2.78 8.65 2.02
N ALA A 151 2.57 8.99 0.75
CA ALA A 151 2.77 10.37 0.26
C ALA A 151 1.82 11.37 0.96
N LYS A 152 0.69 10.86 1.44
CA LYS A 152 -0.38 11.69 2.04
C LYS A 152 -0.06 12.07 3.46
N SER A 153 0.30 11.06 4.24
CA SER A 153 0.65 11.27 5.66
C SER A 153 2.13 11.58 5.88
N ASN A 154 2.91 11.46 4.80
CA ASN A 154 4.40 11.45 4.87
C ASN A 154 5.06 10.28 5.60
N TYR A 155 4.27 9.26 5.85
CA TYR A 155 4.79 8.09 6.54
C TYR A 155 5.96 7.52 5.75
N ASN A 156 7.11 7.41 6.42
CA ASN A 156 8.38 6.92 5.83
C ASN A 156 8.81 7.62 4.52
N PHE A 157 8.35 8.85 4.29
CA PHE A 157 8.50 9.45 2.95
C PHE A 157 9.96 9.71 2.57
N GLU A 158 10.76 9.95 3.58
CA GLU A 158 12.19 10.25 3.43
C GLU A 158 13.06 9.01 3.24
N LYS A 159 12.52 7.88 3.72
CA LYS A 159 13.28 6.61 3.79
C LYS A 159 13.87 6.15 2.45
N PRO A 160 13.07 6.13 1.39
CA PRO A 160 13.67 5.67 0.15
C PRO A 160 14.85 6.46 -0.30
N PHE A 161 14.81 7.76 -0.08
CA PHE A 161 15.93 8.61 -0.54
C PHE A 161 17.16 8.51 0.33
N LEU A 162 16.92 8.40 1.62
CA LEU A 162 17.99 8.25 2.60
C LEU A 162 18.78 6.97 2.28
N TRP A 163 18.04 5.87 2.08
CA TRP A 163 18.66 4.57 1.79
C TRP A 163 19.47 4.62 0.53
N LEU A 164 18.87 5.15 -0.51
CA LEU A 164 19.53 5.25 -1.83
C LEU A 164 20.80 6.11 -1.75
N ALA A 165 20.66 7.18 -1.00
CA ALA A 165 21.79 8.10 -0.77
C ALA A 165 22.95 7.37 -0.10
N ARG A 166 22.62 6.55 0.89
CA ARG A 166 23.66 5.81 1.65
C ARG A 166 24.38 4.83 0.73
N LYS A 167 23.59 4.14 -0.07
CA LYS A 167 24.14 3.14 -1.03
C LYS A 167 25.01 3.83 -2.11
N LEU A 168 24.60 5.00 -2.57
CA LEU A 168 25.32 5.62 -3.73
C LEU A 168 26.59 6.34 -3.29
N ILE A 169 26.49 7.00 -2.15
CA ILE A 169 27.65 7.68 -1.53
C ILE A 169 28.57 6.64 -0.90
N GLY A 170 28.00 5.48 -0.63
CA GLY A 170 28.72 4.35 -0.02
C GLY A 170 29.01 4.55 1.46
N ASP A 171 28.13 5.27 2.14
CA ASP A 171 28.33 5.56 3.59
C ASP A 171 27.07 5.24 4.40
N PRO A 172 27.09 4.11 5.12
CA PRO A 172 25.93 3.66 5.89
C PRO A 172 25.51 4.58 7.02
N ASN A 173 26.41 5.46 7.41
CA ASN A 173 26.12 6.41 8.53
C ASN A 173 25.66 7.78 8.07
N LEU A 174 25.40 7.85 6.78
CA LEU A 174 24.89 9.08 6.16
C LEU A 174 23.51 9.44 6.75
N GLU A 175 23.39 10.70 7.15
CA GLU A 175 22.14 11.25 7.65
C GLU A 175 21.83 12.57 6.93
N PHE A 176 20.55 12.87 6.84
CA PHE A 176 20.12 14.19 6.41
C PHE A 176 20.47 15.15 7.53
N VAL A 177 20.92 16.33 7.11
CA VAL A 177 21.21 17.40 8.06
C VAL A 177 20.49 18.69 7.64
N ALA A 178 20.27 19.53 8.65
CA ALA A 178 19.68 20.85 8.43
C ALA A 178 20.64 21.71 7.61
N MET A 179 20.10 22.29 6.56
CA MET A 179 20.81 23.31 5.75
C MET A 179 20.99 24.61 6.60
N PRO A 180 22.17 25.25 6.58
CA PRO A 180 22.27 26.57 7.23
C PRO A 180 21.25 27.56 6.70
N ALA A 181 20.77 28.38 7.61
CA ALA A 181 19.67 29.28 7.31
C ALA A 181 20.14 30.73 7.27
N LEU A 182 20.41 31.19 6.06
CA LEU A 182 20.85 32.60 5.79
C LEU A 182 19.89 33.61 6.41
N ALA A 183 20.42 34.62 7.08
CA ALA A 183 19.59 35.71 7.59
C ALA A 183 18.71 36.25 6.45
N PRO A 184 17.39 36.44 6.65
CA PRO A 184 16.54 36.95 5.57
C PRO A 184 16.47 38.46 5.55
N PRO A 185 16.05 39.03 4.41
CA PRO A 185 16.12 40.47 4.24
C PRO A 185 15.07 41.26 4.98
N GLU A 186 15.44 42.49 5.26
CA GLU A 186 14.51 43.56 5.74
C GLU A 186 13.94 44.41 4.60
N VAL A 187 12.87 43.90 4.00
CA VAL A 187 12.12 44.60 2.89
C VAL A 187 10.89 45.35 3.43
N VAL A 188 10.33 46.23 2.60
CA VAL A 188 9.08 46.97 2.94
C VAL A 188 7.91 46.67 1.98
N ALA A 192 2.92 50.87 -4.11
CA ALA A 192 2.35 50.54 -5.40
C ALA A 192 1.43 49.32 -5.36
N LEU A 193 2.01 48.16 -5.07
CA LEU A 193 1.24 46.86 -5.07
C LEU A 193 0.21 46.77 -3.95
N ALA A 194 0.44 47.54 -2.90
CA ALA A 194 -0.46 47.68 -1.75
C ALA A 194 -1.93 47.52 -2.13
N ALA A 195 -2.31 48.09 -3.26
CA ALA A 195 -3.72 48.07 -3.74
C ALA A 195 -4.16 46.66 -4.11
N GLN A 196 -3.31 46.01 -4.89
CA GLN A 196 -3.60 44.66 -5.44
C GLN A 196 -3.42 43.55 -4.39
N TYR A 197 -2.51 43.80 -3.47
CA TYR A 197 -2.29 42.90 -2.34
C TYR A 197 -3.55 42.72 -1.52
N GLU A 198 -4.36 43.78 -1.48
CA GLU A 198 -5.67 43.72 -0.80
C GLU A 198 -6.59 42.69 -1.47
N HIS A 199 -6.63 42.81 -2.77
CA HIS A 199 -7.44 41.91 -3.60
C HIS A 199 -6.98 40.48 -3.45
N ASP A 200 -5.68 40.32 -3.56
CA ASP A 200 -5.05 38.97 -3.53
C ASP A 200 -5.24 38.23 -2.21
N LEU A 201 -5.19 39.03 -1.16
CA LEU A 201 -5.31 38.55 0.23
C LEU A 201 -6.73 38.06 0.50
N GLU A 202 -7.67 38.81 -0.05
CA GLU A 202 -9.12 38.51 0.03
C GLU A 202 -9.46 37.12 -0.50
N VAL A 203 -9.02 36.91 -1.72
CA VAL A 203 -9.17 35.64 -2.44
C VAL A 203 -8.55 34.51 -1.62
N ALA A 204 -7.44 34.82 -1.00
CA ALA A 204 -6.70 33.83 -0.21
C ALA A 204 -7.47 33.50 1.06
N GLN A 205 -7.89 34.54 1.76
CA GLN A 205 -8.59 34.35 3.05
C GLN A 205 -9.85 33.54 2.94
N THR A 206 -10.56 33.79 1.84
CA THR A 206 -11.87 33.19 1.58
C THR A 206 -11.81 31.94 0.71
N THR A 207 -10.61 31.47 0.46
CA THR A 207 -10.45 30.11 -0.05
C THR A 207 -10.12 29.18 1.11
N ALA A 208 -10.99 28.22 1.32
CA ALA A 208 -10.85 27.24 2.38
C ALA A 208 -9.55 26.47 2.28
N LEU A 209 -8.91 26.33 3.43
CA LEU A 209 -7.70 25.50 3.56
C LEU A 209 -8.13 24.04 3.45
N PRO A 210 -7.36 23.22 2.73
CA PRO A 210 -7.70 21.82 2.61
C PRO A 210 -7.51 21.00 3.90
N ASP A 211 -8.22 19.89 3.93
CA ASP A 211 -8.12 18.88 4.99
C ASP A 211 -8.13 19.47 6.37
N GLU A 212 -9.18 20.21 6.66
CA GLU A 212 -9.34 20.91 7.95
C GLU A 212 -9.62 19.88 9.05
N ASP A 213 -9.85 18.66 8.63
CA ASP A 213 -10.06 17.56 9.60
C ASP A 213 -8.81 16.72 9.90
N ASP A 214 -7.67 17.19 9.42
CA ASP A 214 -6.40 16.59 9.79
C ASP A 214 -5.91 17.14 11.12
N ASP A 215 -4.96 16.40 11.67
CA ASP A 215 -4.42 16.73 13.00
C ASP A 215 -3.71 18.03 12.95
N LEU A 216 -2.97 18.21 11.87
CA LEU A 216 -2.35 19.51 11.58
C LEU A 216 -2.82 20.12 10.26
N GLU B 19 22.01 29.12 13.16
CA GLU B 19 21.04 29.32 14.29
C GLU B 19 21.74 29.31 15.64
N GLU B 20 23.05 29.46 15.57
CA GLU B 20 23.95 29.54 16.74
C GLU B 20 23.88 30.94 17.41
N ASP B 21 23.79 31.93 16.54
CA ASP B 21 23.67 33.33 16.97
C ASP B 21 22.24 33.72 17.39
N GLU B 22 21.36 32.73 17.49
CA GLU B 22 19.93 32.98 17.73
C GLU B 22 19.27 32.39 19.00
N GLU B 23 18.43 33.22 19.59
CA GLU B 23 17.62 32.82 20.75
C GLU B 23 16.23 32.41 20.25
N VAL B 24 15.82 31.26 20.73
CA VAL B 24 14.49 30.70 20.37
C VAL B 24 13.42 31.30 21.28
N LEU B 25 12.62 32.18 20.72
CA LEU B 25 11.63 32.91 21.56
C LEU B 25 10.36 32.07 21.71
N TYR B 26 10.10 31.28 20.70
CA TYR B 26 8.84 30.52 20.62
C TYR B 26 8.96 29.45 19.58
N LYS B 27 8.46 28.27 19.94
CA LYS B 27 8.42 27.13 19.04
C LYS B 27 7.04 26.47 19.09
N VAL B 28 6.57 26.08 17.92
CA VAL B 28 5.28 25.42 17.77
C VAL B 28 5.23 24.58 16.49
N ARG B 29 4.59 23.45 16.65
CA ARG B 29 4.37 22.55 15.55
C ARG B 29 3.26 23.11 14.68
N ALA B 30 3.52 23.14 13.39
CA ALA B 30 2.63 23.75 12.42
C ALA B 30 2.66 23.10 11.06
N LYS B 31 1.64 23.44 10.28
CA LYS B 31 1.59 23.14 8.86
C LYS B 31 1.43 24.44 8.11
N LEU B 32 2.37 24.65 7.21
CA LEU B 32 2.45 25.84 6.38
C LEU B 32 1.96 25.57 4.97
N PHE B 33 1.13 26.50 4.51
CA PHE B 33 0.62 26.58 3.14
C PHE B 33 1.01 27.89 2.40
N ARG B 34 1.10 27.76 1.09
CA ARG B 34 1.24 28.90 0.16
C ARG B 34 0.08 28.91 -0.83
N PHE B 35 -0.35 30.10 -1.18
CA PHE B 35 -1.51 30.28 -2.03
C PHE B 35 -1.06 30.34 -3.46
N ASP B 36 -1.49 29.35 -4.22
CA ASP B 36 -1.28 29.35 -5.68
C ASP B 36 -2.39 30.21 -6.27
N LYS B 37 -1.96 31.35 -6.80
CA LYS B 37 -2.91 32.38 -7.29
C LYS B 37 -3.52 31.95 -8.63
N ASP B 38 -2.66 31.38 -9.45
CA ASP B 38 -3.00 30.92 -10.81
C ASP B 38 -4.06 29.86 -10.77
N ALA B 39 -3.72 28.75 -10.11
CA ALA B 39 -4.75 27.83 -9.57
C ALA B 39 -5.49 28.69 -8.57
N LYS B 40 -6.53 28.19 -7.91
CA LYS B 40 -7.03 28.98 -6.79
C LYS B 40 -7.10 28.13 -5.56
N GLU B 41 -5.94 27.60 -5.21
CA GLU B 41 -5.87 26.64 -4.09
C GLU B 41 -4.70 26.90 -3.20
N TRP B 42 -4.92 26.57 -1.94
CA TRP B 42 -3.83 26.41 -0.99
C TRP B 42 -3.09 25.12 -1.28
N LYS B 43 -1.78 25.25 -1.16
CA LYS B 43 -0.81 24.15 -1.35
C LYS B 43 0.14 24.08 -0.16
N GLU B 44 0.24 22.89 0.42
CA GLU B 44 1.14 22.65 1.54
C GLU B 44 2.56 22.95 1.12
N ARG B 45 3.26 23.65 1.97
CA ARG B 45 4.68 23.96 1.77
C ARG B 45 5.58 23.19 2.73
N GLY B 46 5.02 22.85 3.89
CA GLY B 46 5.72 22.03 4.88
C GLY B 46 5.03 21.83 6.22
N THR B 47 5.39 20.72 6.86
CA THR B 47 4.98 20.42 8.24
C THR B 47 6.23 20.22 9.11
N GLY B 48 6.23 20.91 10.25
CA GLY B 48 7.33 20.86 11.20
C GLY B 48 7.30 21.90 12.31
N ASP B 49 8.46 22.11 12.91
CA ASP B 49 8.54 23.12 13.97
C ASP B 49 8.72 24.50 13.35
N CYS B 50 7.71 25.32 13.53
CA CYS B 50 7.86 26.76 13.28
C CYS B 50 8.51 27.44 14.51
N LYS B 51 9.66 28.07 14.28
CA LYS B 51 10.41 28.80 15.34
C LYS B 51 10.54 30.30 15.09
N PHE B 52 10.34 31.04 16.17
CA PHE B 52 10.64 32.48 16.20
C PHE B 52 12.07 32.62 16.76
N LEU B 53 12.94 33.16 15.93
CA LEU B 53 14.34 33.31 16.31
C LEU B 53 14.81 34.77 16.32
N LYS B 54 15.32 35.14 17.50
CA LYS B 54 15.98 36.45 17.77
C LYS B 54 17.49 36.40 17.63
N ASN B 55 17.96 37.13 16.63
CA ASN B 55 19.42 37.25 16.37
C ASN B 55 20.09 38.08 17.49
N LYS B 56 21.03 37.42 18.16
CA LYS B 56 21.60 37.93 19.41
C LYS B 56 22.43 39.20 19.20
N LYS B 57 22.90 39.34 17.98
CA LYS B 57 23.75 40.49 17.54
C LYS B 57 22.92 41.68 17.04
N THR B 58 21.85 41.36 16.34
CA THR B 58 21.03 42.41 15.64
C THR B 58 19.69 42.69 16.26
N ASN B 59 19.19 41.70 16.99
CA ASN B 59 17.91 41.80 17.74
C ASN B 59 16.72 41.69 16.83
N LYS B 60 17.01 41.37 15.59
CA LYS B 60 15.98 41.04 14.62
C LYS B 60 15.37 39.68 14.94
N VAL B 61 14.05 39.61 14.78
CA VAL B 61 13.27 38.35 14.92
C VAL B 61 12.69 37.87 13.59
N ARG B 62 13.05 36.64 13.27
CA ARG B 62 12.58 35.91 12.09
C ARG B 62 11.75 34.69 12.41
N ILE B 63 10.94 34.31 11.44
CA ILE B 63 10.35 32.95 11.40
C ILE B 63 11.28 32.03 10.63
N LEU B 64 11.55 30.89 11.23
CA LEU B 64 12.32 29.80 10.59
C LEU B 64 11.64 28.47 10.85
N MET B 65 11.33 27.81 9.77
CA MET B 65 10.54 26.60 9.82
C MET B 65 11.19 25.58 8.90
N ARG B 66 11.27 24.37 9.42
CA ARG B 66 11.89 23.26 8.67
C ARG B 66 10.97 22.08 8.66
N ARG B 67 11.01 21.39 7.54
CA ARG B 67 10.27 20.12 7.40
C ARG B 67 10.77 19.01 8.29
N ASP B 68 9.85 18.25 8.85
CA ASP B 68 10.24 17.01 9.53
C ASP B 68 11.05 16.12 8.60
N LYS B 69 12.04 15.49 9.20
CA LYS B 69 12.80 14.38 8.63
C LYS B 69 13.83 14.81 7.61
N THR B 70 13.42 15.66 6.69
CA THR B 70 14.37 16.14 5.65
C THR B 70 15.13 17.37 6.15
N LEU B 71 14.51 18.01 7.13
CA LEU B 71 15.02 19.24 7.79
C LEU B 71 15.14 20.45 6.85
N LYS B 72 14.47 20.32 5.71
CA LYS B 72 14.45 21.36 4.65
C LYS B 72 13.67 22.58 5.09
N ILE B 73 14.30 23.72 4.85
CA ILE B 73 13.71 25.03 5.18
C ILE B 73 12.51 25.31 4.28
N CYS B 74 11.35 25.47 4.90
CA CYS B 74 10.09 25.83 4.17
C CYS B 74 9.60 27.27 4.50
N ALA B 75 10.23 27.87 5.49
CA ALA B 75 10.00 29.28 5.84
C ALA B 75 11.23 29.93 6.46
N ASN B 76 11.58 31.08 5.89
CA ASN B 76 12.70 31.91 6.39
C ASN B 76 12.50 33.40 6.01
N HIS B 77 11.92 34.12 6.95
CA HIS B 77 11.56 35.54 6.77
C HIS B 77 11.42 36.27 8.06
N ILE B 78 11.72 37.54 7.96
CA ILE B 78 11.59 38.44 9.10
C ILE B 78 10.10 38.60 9.42
N ILE B 79 9.84 38.73 10.70
CA ILE B 79 8.48 39.02 11.19
C ILE B 79 8.24 40.54 11.05
N ALA B 80 8.06 40.98 9.81
CA ALA B 80 7.93 42.42 9.50
C ALA B 80 6.79 43.06 10.30
N PRO B 81 7.03 44.27 10.84
CA PRO B 81 6.01 45.06 11.56
C PRO B 81 4.76 45.31 10.72
N GLU B 82 4.96 45.38 9.42
CA GLU B 82 3.90 45.68 8.45
C GLU B 82 2.86 44.56 8.31
N TYR B 83 3.27 43.35 8.67
CA TYR B 83 2.43 42.14 8.42
C TYR B 83 1.21 42.07 9.31
N THR B 84 0.14 41.50 8.76
CA THR B 84 -1.11 41.26 9.54
C THR B 84 -1.67 39.84 9.40
N LEU B 85 -1.85 39.22 10.54
CA LEU B 85 -2.43 37.86 10.60
C LEU B 85 -3.94 37.92 10.40
N LYS B 86 -4.43 37.29 9.36
CA LYS B 86 -5.87 37.35 9.08
C LYS B 86 -6.46 35.96 9.21
N PRO B 87 -7.75 35.85 9.58
CA PRO B 87 -8.36 34.53 9.61
C PRO B 87 -8.65 34.02 8.23
N ASN B 88 -8.74 32.70 8.18
CA ASN B 88 -9.18 31.96 6.99
C ASN B 88 -10.59 31.53 7.22
N VAL B 89 -11.37 31.52 6.15
CA VAL B 89 -12.82 31.27 6.25
C VAL B 89 -13.08 29.86 6.81
N GLY B 90 -12.13 28.97 6.57
CA GLY B 90 -12.34 27.53 6.85
C GLY B 90 -11.95 27.06 8.23
N SER B 91 -11.27 27.92 8.95
CA SER B 91 -10.49 27.47 10.10
C SER B 91 -10.57 28.41 11.29
N ASP B 92 -10.68 27.82 12.47
CA ASP B 92 -10.56 28.57 13.74
C ASP B 92 -9.20 28.41 14.38
N ARG B 93 -8.26 27.92 13.57
CA ARG B 93 -6.92 27.56 14.08
C ARG B 93 -5.82 27.80 13.04
N SER B 94 -6.02 28.86 12.29
CA SER B 94 -5.06 29.27 11.24
C SER B 94 -4.96 30.78 11.08
N TRP B 95 -3.81 31.21 10.59
CA TRP B 95 -3.64 32.61 10.16
C TRP B 95 -3.22 32.65 8.76
N VAL B 96 -3.67 33.69 8.07
CA VAL B 96 -3.14 33.99 6.72
C VAL B 96 -2.50 35.39 6.68
N TYR B 97 -1.41 35.51 5.93
CA TYR B 97 -0.72 36.80 5.77
C TYR B 97 0.20 36.89 4.54
N ALA B 98 0.25 38.10 4.00
CA ALA B 98 1.19 38.43 2.91
C ALA B 98 2.64 38.57 3.43
N CYS B 99 3.54 37.82 2.81
CA CYS B 99 5.00 37.90 3.08
C CYS B 99 5.67 38.37 1.82
N THR B 100 6.41 39.43 1.91
CA THR B 100 7.01 40.05 0.69
C THR B 100 8.42 39.57 0.39
N ALA B 101 9.05 38.97 1.38
CA ALA B 101 10.46 38.47 1.25
C ALA B 101 10.77 37.19 2.07
N ASP B 102 10.40 36.05 1.48
CA ASP B 102 10.80 34.72 2.01
C ASP B 102 11.93 34.10 1.18
N ILE B 103 12.98 33.69 1.87
CA ILE B 103 14.19 33.10 1.20
C ILE B 103 14.35 31.60 1.45
N ALA B 104 13.27 30.92 1.82
CA ALA B 104 13.33 29.45 2.02
C ALA B 104 13.86 28.75 0.77
N GLU B 105 13.28 29.11 -0.36
CA GLU B 105 13.62 28.50 -1.67
C GLU B 105 14.89 29.06 -2.30
N GLY B 106 15.37 30.14 -1.73
CA GLY B 106 16.62 30.76 -2.13
C GLY B 106 16.47 32.26 -2.26
N GLU B 107 16.17 32.70 -3.48
N GLU B 107 16.19 32.72 -3.47
CA GLU B 107 16.04 34.12 -3.74
CA GLU B 107 16.08 34.14 -3.70
C GLU B 107 14.75 34.66 -3.16
C GLU B 107 14.76 34.66 -3.14
N ALA B 108 14.86 35.84 -2.55
CA ALA B 108 13.72 36.54 -1.93
C ALA B 108 12.53 36.52 -2.87
N GLU B 109 11.40 36.20 -2.30
CA GLU B 109 10.19 35.98 -3.06
C GLU B 109 8.99 36.26 -2.21
N ALA B 110 7.96 36.82 -2.85
CA ALA B 110 6.71 37.16 -2.16
C ALA B 110 5.73 35.96 -2.18
N PHE B 111 5.00 35.83 -1.10
CA PHE B 111 4.03 34.75 -0.94
C PHE B 111 2.90 35.23 -0.10
N THR B 112 1.74 34.62 -0.34
CA THR B 112 0.66 34.64 0.64
C THR B 112 0.66 33.30 1.38
N PHE B 113 0.96 33.38 2.66
CA PHE B 113 1.09 32.20 3.49
C PHE B 113 -0.17 31.98 4.31
N ALA B 114 -0.49 30.71 4.51
CA ALA B 114 -1.37 30.27 5.62
C ALA B 114 -0.62 29.29 6.53
N ILE B 115 -0.82 29.45 7.82
CA ILE B 115 -0.22 28.52 8.76
C ILE B 115 -1.28 28.01 9.73
N ARG B 116 -1.37 26.68 9.80
CA ARG B 116 -2.35 25.99 10.69
C ARG B 116 -1.68 25.21 11.82
N PHE B 117 -2.35 25.24 12.96
CA PHE B 117 -1.86 24.63 14.18
C PHE B 117 -2.74 23.48 14.63
N GLY B 118 -2.27 22.78 15.66
CA GLY B 118 -3.00 21.62 16.24
C GLY B 118 -4.27 22.00 16.97
N SER B 119 -4.35 23.24 17.41
CA SER B 119 -5.51 23.77 18.14
C SER B 119 -5.63 25.28 18.04
N LYS B 120 -6.81 25.75 18.38
CA LYS B 120 -7.10 27.19 18.45
C LYS B 120 -6.17 27.89 19.44
N GLU B 121 -5.94 27.24 20.57
CA GLU B 121 -5.04 27.78 21.64
C GLU B 121 -3.70 28.12 21.05
N ASN B 122 -3.23 27.17 20.25
CA ASN B 122 -1.91 27.26 19.64
C ASN B 122 -1.89 28.36 18.62
N ALA B 123 -2.95 28.43 17.84
CA ALA B 123 -3.11 29.51 16.86
C ALA B 123 -3.08 30.88 17.54
N ASP B 124 -3.85 30.98 18.59
CA ASP B 124 -3.99 32.24 19.37
C ASP B 124 -2.68 32.61 20.03
N LYS B 125 -1.93 31.60 20.43
CA LYS B 125 -0.61 31.83 21.10
C LYS B 125 0.41 32.36 20.07
N PHE B 126 0.38 31.77 18.92
CA PHE B 126 1.25 32.15 17.77
C PHE B 126 1.07 33.63 17.43
N LYS B 127 -0.18 34.05 17.38
CA LYS B 127 -0.57 35.44 16.98
C LYS B 127 -0.01 36.46 17.95
N GLU B 128 -0.13 36.11 19.21
CA GLU B 128 0.34 36.96 20.30
C GLU B 128 1.85 37.09 20.19
N GLU B 129 2.48 35.93 20.06
CA GLU B 129 3.95 35.84 19.94
C GLU B 129 4.42 36.62 18.72
N PHE B 130 3.68 36.44 17.65
CA PHE B 130 3.99 37.08 16.33
C PHE B 130 4.00 38.59 16.51
N GLU B 131 2.99 39.04 17.21
CA GLU B 131 2.80 40.47 17.42
C GLU B 131 3.85 41.07 18.32
N LYS B 132 4.22 40.33 19.33
CA LYS B 132 5.32 40.75 20.20
C LYS B 132 6.59 40.87 19.35
N ALA B 133 6.90 39.79 18.65
CA ALA B 133 8.11 39.78 17.79
C ALA B 133 8.17 41.02 16.89
N GLN B 134 7.03 41.34 16.31
CA GLN B 134 6.85 42.54 15.45
C GLN B 134 7.28 43.80 16.18
N GLU B 135 6.89 43.88 17.44
CA GLU B 135 7.28 45.03 18.31
C GLU B 135 8.79 45.07 18.54
N ILE B 136 9.37 43.89 18.73
CA ILE B 136 10.83 43.80 18.94
C ILE B 136 11.53 44.32 17.68
N ASN B 137 11.06 43.82 16.55
CA ASN B 137 11.62 44.26 15.26
C ASN B 137 11.52 45.77 15.04
N LYS B 138 10.44 46.36 15.51
CA LYS B 138 10.25 47.84 15.41
C LYS B 138 11.39 48.65 16.04
N LYS B 139 11.76 48.25 17.26
CA LYS B 139 12.78 48.96 18.08
C LYS B 139 14.01 49.46 17.31
N GLY C 1 10.51 23.64 -33.80
CA GLY C 1 11.99 23.81 -33.69
C GLY C 1 12.78 22.96 -34.69
N ALA C 2 14.10 23.13 -34.64
CA ALA C 2 15.08 22.38 -35.47
C ALA C 2 14.91 20.88 -35.29
N MET C 3 14.67 20.53 -34.03
CA MET C 3 14.59 19.14 -33.54
C MET C 3 13.40 18.36 -34.12
N GLU C 4 12.34 19.08 -34.45
CA GLU C 4 11.10 18.44 -34.98
C GLU C 4 11.24 17.88 -36.39
N GLY C 5 12.40 18.13 -36.99
CA GLY C 5 12.65 17.69 -38.36
C GLY C 5 12.43 16.20 -38.56
N ILE C 6 12.90 15.42 -37.58
CA ILE C 6 12.79 13.94 -37.65
C ILE C 6 11.34 13.41 -37.78
N LEU C 7 10.38 14.27 -37.44
CA LEU C 7 8.93 13.93 -37.52
C LEU C 7 8.37 13.97 -38.94
N ASP C 8 9.12 14.62 -39.80
CA ASP C 8 8.73 14.76 -41.21
C ASP C 8 9.32 13.64 -42.04
N PHE C 9 8.49 12.60 -42.21
CA PHE C 9 8.86 11.38 -42.97
C PHE C 9 8.89 11.52 -44.49
N SER C 10 8.30 12.61 -44.97
CA SER C 10 8.30 12.92 -46.44
C SER C 10 9.69 13.32 -46.94
N ASN C 11 10.56 13.63 -45.97
CA ASN C 11 12.01 13.84 -46.20
C ASN C 11 12.84 12.74 -45.54
N ASP C 12 14.00 12.46 -46.10
CA ASP C 12 14.93 11.46 -45.49
C ASP C 12 15.17 11.76 -44.02
N LEU C 13 15.33 10.71 -43.22
CA LEU C 13 15.77 10.89 -41.83
C LEU C 13 17.21 11.41 -41.75
N ASP C 14 17.33 12.58 -41.16
CA ASP C 14 18.64 13.13 -40.80
C ASP C 14 19.06 12.45 -39.49
N ILE C 15 19.90 11.44 -39.64
CA ILE C 15 20.41 10.65 -38.51
C ILE C 15 21.17 11.48 -37.49
N ALA C 16 22.05 12.32 -38.02
CA ALA C 16 22.80 13.30 -37.23
C ALA C 16 21.83 14.10 -36.34
N LEU C 17 20.74 14.52 -36.96
CA LEU C 17 19.69 15.30 -36.26
C LEU C 17 19.07 14.43 -35.14
N LEU C 18 18.78 13.19 -35.48
CA LEU C 18 18.19 12.24 -34.52
C LEU C 18 19.09 12.12 -33.30
N ASP C 19 20.35 11.88 -33.59
CA ASP C 19 21.39 11.80 -32.54
C ASP C 19 21.41 13.02 -31.62
N GLN C 20 21.24 14.19 -32.21
CA GLN C 20 21.17 15.44 -31.41
C GLN C 20 19.93 15.45 -30.53
N VAL C 21 18.82 15.08 -31.13
CA VAL C 21 17.56 15.02 -30.38
C VAL C 21 17.74 14.12 -29.14
N VAL C 22 18.34 12.97 -29.41
CA VAL C 22 18.50 11.89 -28.40
C VAL C 22 19.45 12.35 -27.27
N SER C 23 20.60 12.86 -27.68
CA SER C 23 21.56 13.45 -26.72
C SER C 23 20.91 14.52 -25.84
N THR C 24 20.13 15.36 -26.49
CA THR C 24 19.38 16.44 -25.79
C THR C 24 18.47 15.89 -24.73
N PHE C 25 17.80 14.80 -25.08
CA PHE C 25 16.90 14.16 -24.14
C PHE C 25 17.66 13.53 -22.98
N TYR C 26 18.64 12.70 -23.30
CA TYR C 26 19.35 11.94 -22.25
C TYR C 26 20.29 12.77 -21.40
N GLN C 27 21.06 13.62 -22.06
CA GLN C 27 22.15 14.39 -21.39
C GLN C 27 21.79 15.84 -21.09
N GLY C 28 20.66 16.26 -21.64
CA GLY C 28 20.24 17.67 -21.59
C GLY C 28 19.41 17.93 -20.35
N SER C 29 18.71 19.06 -20.33
CA SER C 29 17.91 19.43 -19.16
C SER C 29 16.83 20.46 -19.46
N GLY C 30 15.96 20.65 -18.48
CA GLY C 30 14.92 21.69 -18.54
C GLY C 30 14.00 21.62 -19.74
N VAL C 31 13.83 22.75 -20.40
CA VAL C 31 12.84 22.90 -21.51
C VAL C 31 13.25 22.10 -22.76
N GLN C 32 14.54 22.17 -23.05
CA GLN C 32 15.17 21.46 -24.18
C GLN C 32 15.02 19.95 -24.18
N GLN C 33 15.32 19.39 -23.03
CA GLN C 33 15.20 17.95 -22.77
C GLN C 33 13.75 17.55 -22.97
N LYS C 34 12.89 18.38 -22.40
CA LYS C 34 11.44 18.15 -22.37
C LYS C 34 10.87 18.14 -23.78
N GLN C 35 11.26 19.15 -24.55
CA GLN C 35 10.83 19.20 -25.97
C GLN C 35 11.31 17.97 -26.73
N ALA C 36 12.56 17.62 -26.49
CA ALA C 36 13.22 16.49 -27.18
C ALA C 36 12.49 15.20 -26.87
N GLN C 37 12.22 15.01 -25.58
CA GLN C 37 11.41 13.86 -25.10
C GLN C 37 10.09 13.68 -25.89
N GLU C 38 9.37 14.76 -26.05
CA GLU C 38 8.05 14.74 -26.79
C GLU C 38 8.22 14.44 -28.24
N ILE C 39 9.25 15.05 -28.79
CA ILE C 39 9.64 14.81 -30.18
C ILE C 39 9.95 13.32 -30.42
N LEU C 40 10.77 12.77 -29.54
CA LEU C 40 11.21 11.36 -29.66
C LEU C 40 10.06 10.38 -29.52
N THR C 41 9.14 10.70 -28.61
CA THR C 41 7.99 9.83 -28.35
C THR C 41 7.11 9.81 -29.58
N LYS C 42 7.00 10.98 -30.19
CA LYS C 42 6.15 11.13 -31.40
C LYS C 42 6.73 10.28 -32.52
N PHE C 43 8.01 10.48 -32.74
CA PHE C 43 8.79 9.67 -33.67
C PHE C 43 8.57 8.18 -33.46
N GLN C 44 8.78 7.75 -32.23
CA GLN C 44 8.74 6.32 -31.90
C GLN C 44 7.38 5.72 -32.20
N ASP C 45 6.36 6.40 -31.74
CA ASP C 45 4.94 6.03 -31.93
C ASP C 45 4.48 6.07 -33.41
N ASN C 46 5.26 6.68 -34.27
CA ASN C 46 4.91 6.77 -35.71
C ASN C 46 4.93 5.36 -36.31
N PRO C 47 3.82 4.91 -36.92
CA PRO C 47 3.73 3.51 -37.36
C PRO C 47 4.64 3.11 -38.50
N ASP C 48 5.26 4.06 -39.15
CA ASP C 48 6.26 3.71 -40.17
C ASP C 48 7.67 3.81 -39.61
N ALA C 49 7.73 4.33 -38.40
CA ALA C 49 9.03 4.64 -37.75
C ALA C 49 10.04 3.49 -37.89
N TRP C 50 9.49 2.29 -37.83
CA TRP C 50 10.27 1.02 -37.89
C TRP C 50 11.08 0.89 -39.11
N GLN C 51 10.56 1.45 -40.18
CA GLN C 51 11.24 1.37 -41.49
C GLN C 51 12.59 2.06 -41.47
N LYS C 52 12.72 2.98 -40.53
CA LYS C 52 13.97 3.74 -40.38
C LYS C 52 15.02 2.99 -39.55
N ALA C 53 14.60 1.90 -38.94
CA ALA C 53 15.45 1.21 -37.93
C ALA C 53 16.81 0.82 -38.49
N ASP C 54 16.78 0.19 -39.66
CA ASP C 54 18.01 -0.27 -40.29
C ASP C 54 19.00 0.90 -40.49
N GLN C 55 18.46 1.95 -41.09
CA GLN C 55 19.19 3.23 -41.33
C GLN C 55 19.82 3.78 -40.06
N ILE C 56 19.04 3.77 -38.98
CA ILE C 56 19.53 4.23 -37.66
C ILE C 56 20.68 3.36 -37.15
N LEU C 57 20.42 2.06 -37.09
CA LEU C 57 21.42 1.09 -36.60
C LEU C 57 22.73 1.22 -37.34
N GLN C 58 22.62 1.34 -38.66
CA GLN C 58 23.81 1.46 -39.51
C GLN C 58 24.59 2.74 -39.28
N PHE C 59 23.85 3.84 -39.35
CA PHE C 59 24.46 5.19 -39.44
C PHE C 59 24.57 6.02 -38.16
N SER C 60 23.84 5.64 -37.11
CA SER C 60 23.92 6.36 -35.85
C SER C 60 25.27 6.12 -35.15
N THR C 61 25.67 7.14 -34.40
CA THR C 61 26.90 7.09 -33.60
C THR C 61 26.58 7.22 -32.10
N ASN C 62 25.29 7.06 -31.81
CA ASN C 62 24.71 7.22 -30.47
C ASN C 62 23.95 5.94 -30.18
N PRO C 63 24.40 5.18 -29.15
CA PRO C 63 23.80 3.90 -28.77
C PRO C 63 22.34 3.99 -28.30
N GLN C 64 22.00 5.11 -27.69
CA GLN C 64 20.62 5.39 -27.26
C GLN C 64 19.66 5.52 -28.46
N SER C 65 20.19 6.07 -29.52
CA SER C 65 19.47 6.17 -30.80
C SER C 65 19.11 4.78 -31.30
N LYS C 66 20.08 3.91 -31.24
CA LYS C 66 19.90 2.51 -31.68
C LYS C 66 18.98 1.73 -30.77
N PHE C 67 19.13 2.00 -29.49
CA PHE C 67 18.29 1.39 -28.47
C PHE C 67 16.84 1.70 -28.81
N ILE C 68 16.60 2.98 -29.03
CA ILE C 68 15.26 3.50 -29.44
C ILE C 68 14.76 2.82 -30.72
N ALA C 69 15.66 2.76 -31.68
CA ALA C 69 15.46 1.97 -32.92
C ALA C 69 14.90 0.58 -32.58
N LEU C 70 15.53 -0.03 -31.57
CA LEU C 70 15.19 -1.41 -31.16
C LEU C 70 13.85 -1.49 -30.43
N SER C 71 13.57 -0.47 -29.64
CA SER C 71 12.21 -0.36 -29.00
C SER C 71 11.12 -0.28 -30.08
N ILE C 72 11.40 0.44 -31.14
CA ILE C 72 10.44 0.61 -32.25
C ILE C 72 10.16 -0.72 -32.93
N LEU C 73 11.23 -1.45 -33.17
CA LEU C 73 11.15 -2.78 -33.74
C LEU C 73 10.37 -3.72 -32.82
N ASP C 74 10.77 -3.70 -31.57
CA ASP C 74 10.14 -4.52 -30.53
C ASP C 74 8.62 -4.34 -30.48
N LYS C 75 8.19 -3.10 -30.59
CA LYS C 75 6.75 -2.75 -30.64
C LYS C 75 6.09 -3.36 -31.89
N LEU C 76 6.77 -3.19 -33.00
CA LEU C 76 6.32 -3.74 -34.31
C LEU C 76 6.22 -5.25 -34.27
N ILE C 77 7.25 -5.89 -33.70
CA ILE C 77 7.36 -7.36 -33.67
C ILE C 77 6.29 -7.95 -32.76
N THR C 78 6.14 -7.33 -31.61
CA THR C 78 5.23 -7.85 -30.60
C THR C 78 3.74 -7.64 -30.95
N ARG C 79 3.47 -6.64 -31.80
CA ARG C 79 2.09 -6.21 -32.06
C ARG C 79 1.58 -6.45 -33.45
N LYS C 80 2.45 -6.35 -34.42
CA LYS C 80 2.05 -6.28 -35.84
C LYS C 80 2.84 -7.20 -36.78
N TRP C 81 3.67 -8.04 -36.20
CA TRP C 81 4.60 -8.89 -36.96
C TRP C 81 3.98 -9.54 -38.18
N LYS C 82 2.82 -10.16 -37.98
CA LYS C 82 2.16 -10.96 -39.05
C LYS C 82 1.34 -10.13 -40.04
N LEU C 83 1.26 -8.84 -39.76
CA LEU C 83 0.71 -7.81 -40.69
C LEU C 83 1.73 -7.52 -41.82
N LEU C 84 2.99 -7.76 -41.52
CA LEU C 84 4.12 -7.44 -42.42
C LEU C 84 4.20 -8.40 -43.57
N PRO C 85 4.59 -7.89 -44.75
CA PRO C 85 4.93 -8.79 -45.85
C PRO C 85 6.03 -9.73 -45.42
N ASN C 86 6.10 -10.89 -46.05
CA ASN C 86 7.11 -11.90 -45.65
C ASN C 86 8.54 -11.37 -45.72
N ASP C 87 8.85 -10.78 -46.85
CA ASP C 87 10.15 -10.10 -47.10
C ASP C 87 10.62 -9.18 -45.98
N HIS C 88 9.69 -8.36 -45.51
CA HIS C 88 9.98 -7.47 -44.39
C HIS C 88 10.32 -8.22 -43.12
N ARG C 89 9.77 -9.42 -42.94
CA ARG C 89 10.08 -10.21 -41.71
C ARG C 89 11.50 -10.78 -41.73
N ILE C 90 11.82 -11.36 -42.87
CA ILE C 90 13.16 -11.91 -43.14
C ILE C 90 14.22 -10.83 -42.93
N GLY C 91 13.95 -9.70 -43.56
CA GLY C 91 14.87 -8.53 -43.60
C GLY C 91 15.18 -8.07 -42.18
N ILE C 92 14.13 -8.02 -41.40
CA ILE C 92 14.21 -7.58 -39.98
C ILE C 92 15.01 -8.61 -39.16
N ARG C 93 14.67 -9.86 -39.35
CA ARG C 93 15.42 -10.96 -38.73
C ARG C 93 16.91 -10.83 -39.04
N ASN C 94 17.20 -10.80 -40.33
CA ASN C 94 18.60 -10.69 -40.79
C ASN C 94 19.38 -9.52 -40.19
N PHE C 95 18.79 -8.33 -40.16
CA PHE C 95 19.63 -7.18 -39.72
C PHE C 95 19.74 -7.11 -38.20
N VAL C 96 18.78 -7.72 -37.52
CA VAL C 96 18.86 -7.89 -36.04
C VAL C 96 19.97 -8.90 -35.69
N VAL C 97 19.95 -10.04 -36.39
CA VAL C 97 20.98 -11.08 -36.20
C VAL C 97 22.38 -10.51 -36.53
N GLY C 98 22.45 -9.93 -37.71
CA GLY C 98 23.71 -9.37 -38.26
C GLY C 98 24.36 -8.39 -37.29
N MET C 99 23.51 -7.52 -36.77
CA MET C 99 23.92 -6.52 -35.78
C MET C 99 24.54 -7.16 -34.54
N ILE C 100 23.88 -8.21 -34.08
CA ILE C 100 24.30 -8.95 -32.87
C ILE C 100 25.68 -9.57 -33.08
N ILE C 101 25.81 -10.22 -34.22
CA ILE C 101 27.08 -10.84 -34.64
C ILE C 101 28.18 -9.77 -34.68
N SER C 102 27.83 -8.70 -35.36
CA SER C 102 28.78 -7.63 -35.65
C SER C 102 29.27 -6.97 -34.36
N MET C 103 28.35 -6.79 -33.42
N MET C 103 28.34 -6.79 -33.42
CA MET C 103 28.69 -6.21 -32.10
CA MET C 103 28.65 -6.24 -32.09
C MET C 103 29.47 -7.17 -31.21
C MET C 103 29.53 -7.18 -31.28
N CYS C 104 29.23 -8.46 -31.39
CA CYS C 104 29.98 -9.52 -30.68
C CYS C 104 31.41 -9.72 -31.15
N GLN C 105 31.62 -9.52 -32.44
CA GLN C 105 32.96 -9.71 -33.06
C GLN C 105 33.97 -8.57 -32.80
N ASP C 106 33.46 -7.35 -32.79
CA ASP C 106 34.20 -6.17 -32.28
C ASP C 106 34.27 -6.15 -30.74
N ASP C 107 35.42 -6.53 -30.21
CA ASP C 107 35.65 -6.59 -28.74
C ASP C 107 35.34 -5.30 -27.97
N GLU C 108 35.78 -4.19 -28.56
CA GLU C 108 35.60 -2.88 -27.90
C GLU C 108 34.11 -2.58 -27.71
N VAL C 109 33.37 -2.76 -28.79
CA VAL C 109 31.87 -2.65 -28.79
C VAL C 109 31.24 -3.63 -27.78
N PHE C 110 31.70 -4.86 -27.84
CA PHE C 110 31.19 -5.90 -26.93
C PHE C 110 31.38 -5.56 -25.44
N LYS C 111 32.51 -4.91 -25.16
CA LYS C 111 32.89 -4.58 -23.79
C LYS C 111 32.14 -3.37 -23.29
N THR C 112 31.95 -2.42 -24.18
CA THR C 112 31.48 -1.07 -23.80
C THR C 112 30.03 -0.73 -24.16
N GLN C 113 29.42 -1.59 -24.96
CA GLN C 113 28.02 -1.35 -25.43
C GLN C 113 27.02 -2.38 -24.94
N LYS C 114 27.19 -2.82 -23.70
CA LYS C 114 26.36 -3.94 -23.16
C LYS C 114 24.86 -3.67 -23.15
N ASN C 115 24.51 -2.43 -22.83
CA ASN C 115 23.08 -2.04 -22.80
C ASN C 115 22.42 -2.33 -24.14
N LEU C 116 23.13 -1.90 -25.18
CA LEU C 116 22.63 -2.00 -26.56
C LEU C 116 22.60 -3.44 -27.00
N ILE C 117 23.58 -4.21 -26.56
CA ILE C 117 23.64 -5.66 -26.91
C ILE C 117 22.50 -6.44 -26.23
N ASN C 118 22.30 -6.14 -24.97
CA ASN C 118 21.20 -6.71 -24.20
C ASN C 118 19.83 -6.41 -24.82
N LYS C 119 19.62 -5.17 -25.20
CA LYS C 119 18.39 -4.78 -25.92
C LYS C 119 18.20 -5.57 -27.22
N SER C 120 19.30 -5.71 -27.95
CA SER C 120 19.32 -6.39 -29.25
C SER C 120 18.92 -7.83 -29.06
N ASP C 121 19.54 -8.42 -28.07
CA ASP C 121 19.24 -9.83 -27.70
C ASP C 121 17.74 -10.05 -27.41
N LEU C 122 17.21 -9.18 -26.57
CA LEU C 122 15.77 -9.22 -26.25
C LEU C 122 14.92 -9.03 -27.51
N THR C 123 15.36 -8.11 -28.37
CA THR C 123 14.63 -7.86 -29.64
C THR C 123 14.58 -9.16 -30.44
N LEU C 124 15.72 -9.80 -30.54
CA LEU C 124 15.82 -11.12 -31.21
C LEU C 124 14.86 -12.13 -30.61
N VAL C 125 14.87 -12.17 -29.29
CA VAL C 125 14.01 -13.10 -28.54
C VAL C 125 12.53 -12.86 -28.87
N GLN C 126 12.16 -11.60 -29.07
CA GLN C 126 10.78 -11.26 -29.52
CA GLN C 126 10.79 -11.27 -29.51
C GLN C 126 10.51 -11.91 -30.89
N ILE C 127 11.52 -11.90 -31.75
CA ILE C 127 11.36 -12.53 -33.10
C ILE C 127 11.18 -14.05 -32.96
N LEU C 128 11.99 -14.63 -32.09
CA LEU C 128 11.91 -16.06 -31.83
C LEU C 128 10.47 -16.43 -31.38
N LYS C 129 9.91 -15.62 -30.49
CA LYS C 129 8.58 -15.91 -29.90
C LYS C 129 7.54 -16.04 -31.02
N GLN C 130 7.80 -15.29 -32.08
CA GLN C 130 6.89 -15.25 -33.22
C GLN C 130 7.15 -16.40 -34.21
N GLU C 131 8.43 -16.72 -34.36
CA GLU C 131 8.90 -17.50 -35.52
C GLU C 131 9.47 -18.88 -35.24
N TRP C 132 9.72 -19.13 -33.97
CA TRP C 132 10.54 -20.29 -33.55
C TRP C 132 9.72 -21.26 -32.73
N PRO C 133 9.91 -22.57 -32.96
CA PRO C 133 10.78 -23.19 -33.95
C PRO C 133 10.17 -23.44 -35.34
N GLN C 134 8.86 -23.31 -35.46
CA GLN C 134 8.12 -23.64 -36.76
C GLN C 134 8.78 -23.09 -38.01
N ASN C 135 9.21 -21.84 -37.93
CA ASN C 135 9.85 -21.13 -39.07
C ASN C 135 11.32 -20.77 -38.80
N TRP C 136 11.92 -21.52 -37.88
CA TRP C 136 13.34 -21.33 -37.52
C TRP C 136 13.92 -22.49 -36.79
N PRO C 137 13.71 -23.71 -37.30
CA PRO C 137 14.03 -24.91 -36.53
C PRO C 137 15.49 -25.08 -36.15
N GLU C 138 16.34 -24.38 -36.87
CA GLU C 138 17.80 -24.59 -36.72
C GLU C 138 18.47 -23.59 -35.79
N PHE C 139 17.65 -22.74 -35.22
CA PHE C 139 18.14 -21.64 -34.40
C PHE C 139 19.10 -22.17 -33.35
N ILE C 140 18.62 -23.15 -32.59
CA ILE C 140 19.35 -23.70 -31.42
C ILE C 140 20.62 -24.43 -31.83
N PRO C 141 20.51 -25.40 -32.74
CA PRO C 141 21.75 -26.10 -33.16
C PRO C 141 22.81 -25.19 -33.70
N GLU C 142 22.40 -24.13 -34.36
CA GLU C 142 23.35 -23.13 -34.90
C GLU C 142 23.89 -22.17 -33.82
N LEU C 143 23.00 -21.74 -32.95
CA LEU C 143 23.41 -21.05 -31.72
C LEU C 143 24.50 -21.85 -31.02
N ILE C 144 24.20 -23.12 -30.81
CA ILE C 144 25.13 -24.05 -30.18
C ILE C 144 26.47 -24.07 -30.91
N GLY C 145 26.40 -24.29 -32.22
CA GLY C 145 27.59 -24.36 -33.06
C GLY C 145 28.44 -23.09 -32.90
N SER C 146 27.76 -21.96 -33.11
CA SER C 146 28.39 -20.62 -33.13
CA SER C 146 28.42 -20.63 -33.12
C SER C 146 29.18 -20.36 -31.84
N SER C 147 28.72 -20.96 -30.76
CA SER C 147 29.28 -20.71 -29.40
C SER C 147 30.76 -21.08 -29.24
N SER C 148 31.19 -22.12 -29.97
CA SER C 148 32.60 -22.60 -29.91
C SER C 148 33.56 -21.67 -30.68
N SER C 149 33.01 -20.94 -31.64
CA SER C 149 33.84 -20.11 -32.54
C SER C 149 34.36 -18.82 -31.91
N SER C 150 33.77 -18.42 -30.79
CA SER C 150 34.06 -17.08 -30.19
C SER C 150 33.54 -16.96 -28.78
N VAL C 151 34.39 -16.44 -27.90
CA VAL C 151 34.06 -16.33 -26.47
C VAL C 151 32.92 -15.31 -26.25
N ASN C 152 33.00 -14.23 -27.01
CA ASN C 152 31.99 -13.15 -26.94
C ASN C 152 30.59 -13.63 -27.38
N VAL C 153 30.58 -14.27 -28.52
CA VAL C 153 29.38 -14.90 -29.11
C VAL C 153 28.77 -15.90 -28.16
N CYS C 154 29.63 -16.71 -27.59
CA CYS C 154 29.21 -17.77 -26.68
C CYS C 154 28.55 -17.15 -25.43
N GLU C 155 29.21 -16.13 -24.91
CA GLU C 155 28.74 -15.49 -23.68
C GLU C 155 27.38 -14.86 -24.00
N ASN C 156 27.35 -14.25 -25.17
CA ASN C 156 26.15 -13.53 -25.62
C ASN C 156 24.97 -14.47 -25.85
N ASN C 157 25.32 -15.68 -26.25
CA ASN C 157 24.32 -16.72 -26.50
C ASN C 157 23.65 -17.09 -25.21
N MET C 158 24.44 -17.15 -24.17
CA MET C 158 23.94 -17.38 -22.80
C MET C 158 22.88 -16.33 -22.36
N ILE C 159 23.16 -15.08 -22.64
CA ILE C 159 22.22 -13.94 -22.37
C ILE C 159 20.89 -14.18 -23.12
N VAL C 160 21.05 -14.53 -24.40
CA VAL C 160 19.91 -14.78 -25.34
C VAL C 160 19.01 -15.89 -24.79
N LEU C 161 19.67 -16.94 -24.35
CA LEU C 161 18.97 -18.12 -23.80
C LEU C 161 18.29 -17.83 -22.49
N LYS C 162 18.98 -17.09 -21.63
CA LYS C 162 18.41 -16.62 -20.34
C LYS C 162 17.11 -15.84 -20.63
N LEU C 163 17.18 -14.97 -21.63
CA LEU C 163 16.02 -14.10 -21.95
C LEU C 163 14.88 -14.93 -22.50
N LEU C 164 15.24 -15.86 -23.36
CA LEU C 164 14.26 -16.79 -23.96
C LEU C 164 13.53 -17.60 -22.90
N SER C 165 14.29 -18.24 -22.03
CA SER C 165 13.70 -18.98 -20.90
C SER C 165 12.78 -18.11 -20.03
N GLU C 166 13.22 -16.92 -19.77
CA GLU C 166 12.37 -15.93 -19.03
C GLU C 166 11.07 -15.69 -19.74
N GLU C 167 11.17 -15.40 -21.00
CA GLU C 167 9.99 -14.96 -21.77
C GLU C 167 9.05 -16.12 -21.92
N VAL C 168 9.63 -17.31 -21.91
CA VAL C 168 8.82 -18.55 -22.18
C VAL C 168 8.17 -19.12 -20.89
N PHE C 169 8.99 -19.29 -19.87
CA PHE C 169 8.52 -19.89 -18.58
C PHE C 169 8.11 -18.94 -17.48
N ASP C 170 8.72 -17.77 -17.41
CA ASP C 170 8.52 -16.91 -16.21
C ASP C 170 7.47 -15.82 -16.42
N PHE C 171 7.38 -15.36 -17.63
CA PHE C 171 6.58 -14.15 -17.93
C PHE C 171 5.61 -14.34 -19.08
N SER C 172 5.24 -15.57 -19.31
CA SER C 172 4.40 -15.86 -20.48
C SER C 172 2.91 -15.78 -20.16
N ALA C 173 2.56 -16.03 -18.91
CA ALA C 173 1.14 -16.23 -18.53
C ALA C 173 0.28 -15.05 -18.96
N GLU C 174 0.75 -13.85 -18.66
CA GLU C 174 -0.02 -12.63 -18.99
C GLU C 174 0.08 -12.24 -20.46
N GLN C 175 1.06 -12.79 -21.16
CA GLN C 175 1.54 -12.23 -22.46
C GLN C 175 1.29 -13.10 -23.68
N MET C 176 0.81 -14.31 -23.46
CA MET C 176 0.58 -15.27 -24.55
C MET C 176 -0.64 -16.03 -24.28
N THR C 177 -1.24 -16.54 -25.34
CA THR C 177 -2.33 -17.49 -25.15
C THR C 177 -1.80 -18.80 -24.53
N GLN C 178 -2.73 -19.51 -23.95
CA GLN C 178 -2.47 -20.82 -23.35
C GLN C 178 -1.80 -21.73 -24.35
N ALA C 179 -2.33 -21.76 -25.56
CA ALA C 179 -1.81 -22.64 -26.62
C ALA C 179 -0.38 -22.28 -27.03
N LYS C 180 -0.14 -20.99 -27.18
CA LYS C 180 1.14 -20.55 -27.69
C LYS C 180 2.22 -20.80 -26.63
N ALA C 181 1.83 -20.49 -25.40
CA ALA C 181 2.67 -20.70 -24.21
C ALA C 181 3.18 -22.14 -24.16
N LEU C 182 2.21 -23.07 -24.24
CA LEU C 182 2.48 -24.48 -24.24
C LEU C 182 3.47 -24.87 -25.38
N HIS C 183 3.13 -24.40 -26.56
CA HIS C 183 3.94 -24.66 -27.75
C HIS C 183 5.39 -24.30 -27.51
N LEU C 184 5.63 -23.11 -26.98
CA LEU C 184 7.01 -22.66 -26.81
C LEU C 184 7.72 -23.36 -25.62
N LYS C 185 7.01 -23.59 -24.53
CA LYS C 185 7.54 -24.42 -23.41
C LYS C 185 7.95 -25.79 -23.93
N ASN C 186 7.09 -26.35 -24.79
CA ASN C 186 7.32 -27.70 -25.32
C ASN C 186 8.57 -27.72 -26.17
N SER C 187 8.65 -26.68 -26.99
CA SER C 187 9.76 -26.51 -27.93
C SER C 187 11.07 -26.33 -27.18
N MET C 188 11.01 -25.56 -26.10
CA MET C 188 12.25 -25.32 -25.31
C MET C 188 12.70 -26.63 -24.70
N SER C 189 11.71 -27.34 -24.20
CA SER C 189 11.92 -28.60 -23.54
CA SER C 189 11.92 -28.63 -23.55
C SER C 189 12.54 -29.63 -24.48
N LYS C 190 11.96 -29.79 -25.66
CA LYS C 190 12.45 -30.76 -26.68
C LYS C 190 13.92 -30.59 -27.05
N GLU C 191 14.44 -29.40 -26.87
CA GLU C 191 15.86 -29.10 -27.22
C GLU C 191 16.77 -28.77 -26.02
N PHE C 192 16.24 -28.89 -24.83
CA PHE C 192 17.04 -28.48 -23.66
C PHE C 192 18.30 -29.34 -23.45
N GLU C 193 18.18 -30.61 -23.82
CA GLU C 193 19.30 -31.61 -23.81
C GLU C 193 20.62 -31.00 -24.32
N GLN C 194 20.49 -30.39 -25.49
CA GLN C 194 21.63 -29.76 -26.16
CA GLN C 194 21.62 -29.75 -26.18
C GLN C 194 22.03 -28.46 -25.48
N ILE C 195 21.04 -27.69 -25.08
CA ILE C 195 21.27 -26.40 -24.39
C ILE C 195 22.13 -26.66 -23.15
N PHE C 196 21.75 -27.72 -22.46
CA PHE C 196 22.38 -28.03 -21.15
C PHE C 196 23.80 -28.52 -21.33
N LYS C 197 24.00 -29.29 -22.37
CA LYS C 197 25.29 -29.87 -22.71
C LYS C 197 26.29 -28.72 -22.89
N LEU C 198 25.90 -27.74 -23.68
CA LEU C 198 26.73 -26.52 -23.85
C LEU C 198 27.01 -25.86 -22.49
N CYS C 199 25.93 -25.69 -21.75
CA CYS C 199 26.00 -25.04 -20.43
CA CYS C 199 25.98 -25.06 -20.42
C CYS C 199 26.99 -25.79 -19.52
N PHE C 200 26.86 -27.10 -19.46
CA PHE C 200 27.76 -27.91 -18.65
C PHE C 200 29.23 -27.81 -19.12
N GLN C 201 29.44 -27.84 -20.42
CA GLN C 201 30.81 -27.81 -20.93
C GLN C 201 31.52 -26.53 -20.51
N VAL C 202 30.87 -25.44 -20.84
CA VAL C 202 31.39 -24.10 -20.53
C VAL C 202 31.74 -24.06 -19.05
N LEU C 203 30.85 -24.62 -18.23
CA LEU C 203 31.03 -24.55 -16.75
C LEU C 203 32.24 -25.34 -16.28
N GLU C 204 32.49 -26.41 -17.02
CA GLU C 204 33.64 -27.30 -16.78
C GLU C 204 34.97 -26.74 -17.19
N GLN C 205 35.01 -26.16 -18.37
CA GLN C 205 36.25 -25.59 -18.97
C GLN C 205 36.46 -24.10 -18.65
N GLY C 206 36.10 -23.71 -17.44
CA GLY C 206 36.28 -22.33 -16.95
C GLY C 206 36.15 -22.19 -15.43
N SER C 207 36.59 -21.04 -14.92
CA SER C 207 36.68 -20.77 -13.45
C SER C 207 35.84 -19.57 -12.94
N SER C 208 36.15 -18.40 -13.48
CA SER C 208 35.59 -17.11 -12.97
C SER C 208 35.38 -16.00 -14.04
N SER C 209 34.83 -16.42 -15.17
CA SER C 209 34.73 -15.61 -16.39
C SER C 209 33.40 -14.86 -16.43
N SER C 210 33.37 -13.84 -17.24
CA SER C 210 32.09 -13.22 -17.56
C SER C 210 31.21 -14.23 -18.30
N LEU C 211 31.85 -15.09 -19.08
CA LEU C 211 31.17 -16.22 -19.73
C LEU C 211 30.57 -17.21 -18.70
N ILE C 212 31.34 -17.53 -17.71
CA ILE C 212 30.88 -18.36 -16.59
C ILE C 212 29.72 -17.70 -15.84
N VAL C 213 29.86 -16.41 -15.56
CA VAL C 213 28.77 -15.70 -14.87
C VAL C 213 27.49 -15.77 -15.74
N ALA C 214 27.64 -15.38 -17.01
CA ALA C 214 26.50 -15.40 -17.95
C ALA C 214 25.84 -16.79 -17.97
N THR C 215 26.67 -17.82 -18.03
CA THR C 215 26.19 -19.20 -18.09
C THR C 215 25.36 -19.49 -16.84
N LEU C 216 25.94 -19.10 -15.72
CA LEU C 216 25.31 -19.32 -14.40
C LEU C 216 23.97 -18.54 -14.26
N GLU C 217 23.96 -17.33 -14.78
CA GLU C 217 22.73 -16.49 -14.86
C GLU C 217 21.64 -17.30 -15.58
N SER C 218 22.01 -17.92 -16.69
CA SER C 218 21.03 -18.69 -17.51
C SER C 218 20.55 -19.94 -16.75
N LEU C 219 21.50 -20.58 -16.08
CA LEU C 219 21.18 -21.74 -15.22
C LEU C 219 20.10 -21.41 -14.18
N LEU C 220 20.19 -20.22 -13.61
CA LEU C 220 19.23 -19.75 -12.58
C LEU C 220 17.82 -19.82 -13.16
N ARG C 221 17.66 -19.32 -14.36
CA ARG C 221 16.37 -19.35 -15.07
C ARG C 221 15.88 -20.78 -15.36
N TYR C 222 16.79 -21.59 -15.84
CA TYR C 222 16.45 -22.96 -16.28
C TYR C 222 15.96 -23.73 -15.08
N LEU C 223 16.59 -23.45 -13.96
CA LEU C 223 16.23 -24.17 -12.72
C LEU C 223 14.72 -24.01 -12.34
N HIS C 224 14.07 -22.97 -12.83
CA HIS C 224 12.60 -22.76 -12.56
C HIS C 224 11.77 -23.89 -13.14
N TRP C 225 12.30 -24.61 -14.11
CA TRP C 225 11.46 -25.57 -14.88
C TRP C 225 12.06 -26.85 -15.38
N ILE C 226 13.39 -26.91 -15.45
CA ILE C 226 14.03 -28.14 -16.03
C ILE C 226 13.81 -29.37 -15.14
N PRO C 227 13.73 -30.56 -15.74
CA PRO C 227 13.61 -31.77 -14.95
C PRO C 227 14.83 -32.00 -14.09
N TYR C 228 14.58 -32.62 -12.93
CA TYR C 228 15.59 -32.67 -11.84
C TYR C 228 16.84 -33.52 -12.22
N ARG C 229 16.64 -34.54 -13.05
CA ARG C 229 17.78 -35.36 -13.50
C ARG C 229 18.97 -34.52 -13.99
N TYR C 230 18.69 -33.42 -14.64
CA TYR C 230 19.79 -32.55 -15.18
C TYR C 230 20.65 -32.00 -14.03
N ILE C 231 20.01 -31.86 -12.90
CA ILE C 231 20.69 -31.34 -11.69
C ILE C 231 21.38 -32.42 -10.90
N TYR C 232 20.70 -33.54 -10.76
CA TYR C 232 21.16 -34.62 -9.89
C TYR C 232 21.98 -35.67 -10.57
N GLU C 233 21.88 -35.78 -11.88
CA GLU C 233 22.54 -36.89 -12.57
C GLU C 233 23.75 -36.48 -13.34
N THR C 234 24.14 -35.26 -13.11
CA THR C 234 25.40 -34.72 -13.65
C THR C 234 26.28 -34.31 -12.50
N ASN C 235 27.48 -33.85 -12.81
CA ASN C 235 28.40 -33.38 -11.75
C ASN C 235 28.11 -31.94 -11.28
N ILE C 236 26.98 -31.42 -11.71
CA ILE C 236 26.74 -29.97 -11.61
C ILE C 236 26.67 -29.46 -10.15
N LEU C 237 26.13 -30.29 -9.27
CA LEU C 237 25.98 -29.86 -7.85
C LEU C 237 27.35 -29.60 -7.19
N GLU C 238 28.27 -30.51 -7.48
CA GLU C 238 29.68 -30.42 -7.03
CA GLU C 238 29.68 -30.42 -7.02
C GLU C 238 30.31 -29.11 -7.48
N LEU C 239 30.17 -28.82 -8.77
CA LEU C 239 30.71 -27.57 -9.36
C LEU C 239 30.19 -26.31 -8.64
N LEU C 240 28.87 -26.25 -8.57
CA LEU C 240 28.16 -25.09 -8.01
C LEU C 240 28.57 -24.87 -6.57
N SER C 241 28.59 -25.98 -5.83
CA SER C 241 28.73 -25.98 -4.37
C SER C 241 30.20 -25.93 -3.87
N THR C 242 31.13 -26.13 -4.79
CA THR C 242 32.57 -26.02 -4.45
C THR C 242 33.26 -24.93 -5.28
N LYS C 243 33.65 -25.31 -6.49
CA LYS C 243 34.32 -24.46 -7.46
C LYS C 243 33.74 -23.04 -7.52
N PHE C 244 32.47 -22.94 -7.83
CA PHE C 244 31.86 -21.62 -8.10
C PHE C 244 31.57 -20.79 -6.86
N MET C 245 31.63 -21.45 -5.72
CA MET C 245 31.54 -20.75 -4.42
C MET C 245 32.85 -20.02 -4.09
N THR C 246 33.96 -20.56 -4.54
CA THR C 246 35.29 -20.04 -4.09
C THR C 246 35.64 -18.63 -4.65
N SER C 247 35.27 -18.37 -5.89
CA SER C 247 35.48 -17.04 -6.48
C SER C 247 34.25 -16.15 -6.27
N PRO C 248 34.45 -14.87 -5.89
CA PRO C 248 33.35 -13.98 -5.53
C PRO C 248 32.48 -13.50 -6.68
N ASP C 249 33.10 -13.30 -7.83
CA ASP C 249 32.32 -12.94 -9.05
C ASP C 249 31.33 -14.02 -9.47
N THR C 250 31.61 -15.28 -9.16
CA THR C 250 30.59 -16.34 -9.37
C THR C 250 29.73 -16.68 -8.19
N ARG C 251 30.13 -16.21 -7.03
CA ARG C 251 29.51 -16.68 -5.78
C ARG C 251 28.03 -16.32 -5.64
N ALA C 252 27.72 -15.08 -6.00
CA ALA C 252 26.39 -14.52 -5.78
C ALA C 252 25.39 -15.33 -6.60
N ILE C 253 25.72 -15.50 -7.87
CA ILE C 253 24.84 -16.23 -8.80
C ILE C 253 24.69 -17.69 -8.41
N THR C 254 25.80 -18.27 -7.97
CA THR C 254 25.83 -19.72 -7.60
C THR C 254 24.92 -20.02 -6.45
N LEU C 255 25.05 -19.17 -5.47
CA LEU C 255 24.27 -19.25 -4.28
C LEU C 255 22.77 -19.14 -4.60
N LYS C 256 22.42 -18.23 -5.48
CA LYS C 256 21.00 -18.10 -5.96
C LYS C 256 20.54 -19.33 -6.70
N CYS C 257 21.43 -19.92 -7.49
CA CYS C 257 21.12 -21.18 -8.22
C CYS C 257 20.89 -22.32 -7.25
N LEU C 258 21.80 -22.42 -6.29
CA LEU C 258 21.72 -23.42 -5.21
C LEU C 258 20.46 -23.26 -4.39
N THR C 259 20.05 -22.02 -4.20
CA THR C 259 18.76 -21.75 -3.54
C THR C 259 17.59 -22.30 -4.33
N GLU C 260 17.64 -22.11 -5.63
CA GLU C 260 16.57 -22.61 -6.49
C GLU C 260 16.56 -24.14 -6.51
N VAL C 261 17.75 -24.72 -6.58
CA VAL C 261 17.93 -26.18 -6.46
C VAL C 261 17.25 -26.71 -5.21
N SER C 262 17.43 -25.97 -4.14
CA SER C 262 16.87 -26.37 -2.87
C SER C 262 15.32 -26.42 -2.89
N ASN C 263 14.75 -25.94 -3.99
CA ASN C 263 13.27 -26.06 -4.30
C ASN C 263 12.88 -26.99 -5.48
N LEU C 264 13.85 -27.71 -6.04
CA LEU C 264 13.55 -28.57 -7.19
C LEU C 264 12.48 -29.62 -6.84
N LYS C 265 11.74 -30.08 -7.83
CA LYS C 265 10.81 -31.20 -7.63
C LYS C 265 11.62 -32.52 -7.59
N ILE C 266 11.56 -33.18 -6.42
CA ILE C 266 12.53 -34.26 -6.01
C ILE C 266 11.96 -35.45 -5.17
N PRO C 267 12.09 -36.68 -5.70
CA PRO C 267 11.60 -37.88 -5.04
C PRO C 267 12.05 -38.01 -3.60
N GLN C 268 11.19 -38.58 -2.78
CA GLN C 268 11.37 -38.61 -1.30
C GLN C 268 11.92 -39.93 -0.73
N ASP C 269 11.90 -40.95 -1.56
CA ASP C 269 12.24 -42.32 -1.14
C ASP C 269 13.59 -42.79 -1.65
N ASN C 270 14.29 -41.86 -2.28
CA ASN C 270 15.57 -42.13 -2.98
C ASN C 270 16.81 -41.71 -2.20
N ASP C 271 17.42 -42.69 -1.54
CA ASP C 271 18.54 -42.42 -0.63
C ASP C 271 19.73 -41.71 -1.26
N LEU C 272 20.03 -42.09 -2.49
CA LEU C 272 21.22 -41.55 -3.17
C LEU C 272 21.04 -40.03 -3.40
N ILE C 273 19.85 -39.65 -3.79
CA ILE C 273 19.47 -38.24 -4.03
C ILE C 273 19.51 -37.42 -2.75
N LYS C 274 19.06 -38.04 -1.68
CA LYS C 274 19.14 -37.44 -0.36
C LYS C 274 20.59 -37.07 -0.08
N ARG C 275 21.46 -38.02 -0.39
CA ARG C 275 22.91 -37.89 -0.12
C ARG C 275 23.51 -36.72 -0.87
N GLN C 276 22.97 -36.53 -2.06
CA GLN C 276 23.41 -35.46 -2.94
C GLN C 276 22.92 -34.13 -2.47
N THR C 277 21.70 -34.12 -2.01
CA THR C 277 21.10 -32.93 -1.39
C THR C 277 21.88 -32.58 -0.14
N VAL C 278 22.33 -33.58 0.59
CA VAL C 278 23.18 -33.33 1.83
C VAL C 278 24.58 -32.78 1.44
N LEU C 279 25.10 -33.36 0.39
CA LEU C 279 26.47 -33.11 -0.01
C LEU C 279 26.70 -31.67 -0.49
N PHE C 280 25.80 -31.18 -1.33
CA PHE C 280 25.95 -29.82 -1.88
C PHE C 280 25.86 -28.79 -0.78
N PHE C 281 25.02 -29.09 0.21
CA PHE C 281 24.81 -28.21 1.38
C PHE C 281 26.09 -28.18 2.21
N GLN C 282 26.57 -29.36 2.44
CA GLN C 282 27.78 -29.55 3.22
C GLN C 282 28.97 -28.83 2.56
N ASN C 283 29.08 -28.99 1.25
CA ASN C 283 30.13 -28.33 0.45
C ASN C 283 30.00 -26.84 0.57
N THR C 284 28.76 -26.40 0.42
CA THR C 284 28.45 -24.96 0.35
C THR C 284 28.86 -24.31 1.67
N LEU C 285 28.43 -24.93 2.75
CA LEU C 285 28.75 -24.43 4.10
C LEU C 285 30.28 -24.45 4.36
N GLN C 286 30.93 -25.46 3.86
CA GLN C 286 32.39 -25.57 4.00
CA GLN C 286 32.38 -25.54 4.02
C GLN C 286 33.08 -24.40 3.29
N GLN C 287 32.60 -24.07 2.11
CA GLN C 287 33.19 -22.93 1.36
C GLN C 287 33.02 -21.58 2.10
N ILE C 288 31.87 -21.40 2.69
CA ILE C 288 31.55 -20.19 3.45
CA ILE C 288 31.58 -20.15 3.40
C ILE C 288 32.52 -20.03 4.60
N ALA C 289 32.65 -21.10 5.34
CA ALA C 289 33.49 -21.12 6.56
C ALA C 289 34.96 -20.86 6.24
N THR C 290 35.42 -21.36 5.10
CA THR C 290 36.85 -21.23 4.75
C THR C 290 37.19 -20.07 3.85
N SER C 291 36.26 -19.73 2.95
CA SER C 291 36.49 -18.66 1.94
C SER C 291 35.90 -17.26 2.19
N VAL C 292 34.90 -17.23 3.06
CA VAL C 292 34.15 -15.98 3.32
C VAL C 292 34.26 -15.52 4.78
N MET C 293 33.65 -16.28 5.66
CA MET C 293 33.70 -16.01 7.10
C MET C 293 33.34 -17.20 7.97
N PRO C 294 34.01 -17.36 9.12
CA PRO C 294 33.64 -18.42 10.06
C PRO C 294 32.29 -18.13 10.75
N VAL C 295 31.79 -19.14 11.43
CA VAL C 295 30.49 -19.14 12.11
CA VAL C 295 30.46 -19.09 12.06
C VAL C 295 30.44 -18.13 13.24
N THR C 296 31.61 -17.86 13.79
CA THR C 296 31.74 -16.94 14.93
C THR C 296 31.69 -15.49 14.45
N ALA C 297 31.73 -15.28 13.15
CA ALA C 297 31.88 -13.91 12.59
C ALA C 297 30.71 -13.00 12.97
N ASP C 298 31.06 -11.74 13.15
CA ASP C 298 30.11 -10.71 13.57
C ASP C 298 29.43 -10.17 12.32
N LEU C 299 28.37 -10.85 11.94
CA LEU C 299 27.57 -10.53 10.73
C LEU C 299 26.79 -9.22 10.83
N LYS C 300 26.34 -8.93 12.03
CA LYS C 300 25.76 -7.64 12.31
C LYS C 300 26.72 -6.51 11.89
N ALA C 301 27.94 -6.60 12.42
CA ALA C 301 29.01 -5.62 12.17
C ALA C 301 29.31 -5.52 10.68
N THR C 302 29.46 -6.67 10.06
CA THR C 302 29.79 -6.74 8.64
C THR C 302 28.73 -6.07 7.80
N TYR C 303 27.48 -6.35 8.12
CA TYR C 303 26.36 -5.84 7.33
C TYR C 303 26.32 -4.30 7.45
N ALA C 304 26.40 -3.85 8.69
CA ALA C 304 26.41 -2.43 9.08
C ALA C 304 27.51 -1.62 8.36
N ASN C 305 28.64 -2.28 8.10
CA ASN C 305 29.81 -1.66 7.40
C ASN C 305 29.55 -1.47 5.93
N ALA C 306 28.78 -2.39 5.39
CA ALA C 306 28.29 -2.30 3.99
C ALA C 306 29.40 -2.28 2.94
N ASN C 307 30.48 -2.99 3.16
CA ASN C 307 31.50 -3.12 2.08
C ASN C 307 30.99 -3.85 0.87
N GLY C 308 31.47 -3.38 -0.27
CA GLY C 308 31.28 -4.09 -1.52
C GLY C 308 29.88 -4.61 -1.59
N ASN C 309 29.77 -5.92 -1.78
CA ASN C 309 28.46 -6.55 -1.94
C ASN C 309 28.07 -7.35 -0.73
N ASP C 310 28.70 -7.03 0.38
CA ASP C 310 28.43 -7.75 1.64
C ASP C 310 26.95 -7.88 2.03
N GLN C 311 26.23 -6.78 1.93
CA GLN C 311 24.81 -6.79 2.34
C GLN C 311 24.03 -7.81 1.50
N SER C 312 24.28 -7.74 0.22
CA SER C 312 23.62 -8.61 -0.74
C SER C 312 23.92 -10.07 -0.47
N PHE C 313 25.20 -10.30 -0.26
CA PHE C 313 25.67 -11.66 -0.03
C PHE C 313 24.98 -12.25 1.22
N LEU C 314 25.03 -11.48 2.29
CA LEU C 314 24.40 -11.88 3.57
C LEU C 314 22.88 -12.16 3.39
N GLN C 315 22.24 -11.27 2.65
CA GLN C 315 20.87 -11.48 2.28
C GLN C 315 20.65 -12.80 1.51
N ASP C 316 21.50 -13.03 0.53
CA ASP C 316 21.35 -14.23 -0.27
C ASP C 316 21.65 -15.49 0.55
N LEU C 317 22.55 -15.34 1.49
CA LEU C 317 22.94 -16.45 2.38
C LEU C 317 21.73 -16.83 3.26
N ALA C 318 21.15 -15.80 3.85
CA ALA C 318 19.91 -15.97 4.64
C ALA C 318 18.87 -16.73 3.82
N MET C 319 18.71 -16.31 2.57
CA MET C 319 17.69 -16.89 1.68
C MET C 319 18.08 -18.35 1.43
N PHE C 320 19.36 -18.59 1.26
CA PHE C 320 19.82 -19.94 0.94
C PHE C 320 19.62 -20.89 2.10
N LEU C 321 20.12 -20.45 3.26
CA LEU C 321 20.03 -21.27 4.51
C LEU C 321 18.59 -21.56 4.86
N THR C 322 17.78 -20.51 4.80
CA THR C 322 16.35 -20.63 5.24
C THR C 322 15.55 -21.56 4.32
N THR C 323 15.79 -21.42 3.03
CA THR C 323 15.07 -22.18 2.00
C THR C 323 15.44 -23.62 2.15
N TYR C 324 16.74 -23.86 2.24
CA TYR C 324 17.26 -25.24 2.28
C TYR C 324 16.78 -25.97 3.50
N LEU C 325 16.96 -25.32 4.62
CA LEU C 325 16.69 -25.95 5.91
C LEU C 325 15.23 -26.25 6.08
N ALA C 326 14.43 -25.26 5.70
CA ALA C 326 12.96 -25.37 5.74
C ALA C 326 12.50 -26.63 5.06
N ARG C 327 13.12 -26.92 3.93
CA ARG C 327 12.78 -28.13 3.15
C ARG C 327 13.52 -29.38 3.59
N ASN C 328 14.80 -29.24 3.93
CA ASN C 328 15.64 -30.43 4.04
C ASN C 328 16.24 -30.73 5.40
N ARG C 329 15.94 -29.93 6.41
CA ARG C 329 16.73 -30.06 7.65
C ARG C 329 16.59 -31.46 8.27
N ALA C 330 15.49 -32.15 7.97
CA ALA C 330 15.28 -33.51 8.50
C ALA C 330 16.36 -34.44 8.01
N LEU C 331 16.86 -34.17 6.79
CA LEU C 331 17.98 -34.98 6.24
C LEU C 331 19.21 -34.99 7.13
N LEU C 332 19.33 -33.96 7.95
CA LEU C 332 20.51 -33.70 8.81
C LEU C 332 20.32 -34.06 10.30
N GLU C 333 19.11 -34.46 10.66
CA GLU C 333 18.71 -34.49 12.07
C GLU C 333 18.96 -35.79 12.79
N SER C 334 18.92 -36.89 12.04
CA SER C 334 19.10 -38.26 12.58
C SER C 334 20.55 -38.77 12.59
N ASP C 335 21.25 -38.49 11.52
CA ASP C 335 22.62 -38.98 11.33
C ASP C 335 23.59 -38.15 12.15
N GLU C 336 24.19 -38.77 13.16
CA GLU C 336 25.15 -38.06 14.05
C GLU C 336 26.29 -37.35 13.32
N SER C 337 26.72 -37.94 12.22
CA SER C 337 27.79 -37.33 11.43
C SER C 337 27.35 -36.01 10.78
N LEU C 338 26.07 -35.73 10.80
CA LEU C 338 25.54 -34.52 10.14
C LEU C 338 25.14 -33.43 11.12
N ARG C 339 25.26 -33.78 12.40
CA ARG C 339 24.79 -32.91 13.49
C ARG C 339 25.49 -31.56 13.46
N GLU C 340 26.80 -31.59 13.35
CA GLU C 340 27.64 -30.37 13.41
C GLU C 340 27.23 -29.39 12.31
N LEU C 341 27.05 -29.95 11.14
CA LEU C 341 26.63 -29.21 9.94
C LEU C 341 25.28 -28.56 10.13
N LEU C 342 24.35 -29.35 10.59
CA LEU C 342 23.00 -28.85 10.89
C LEU C 342 23.06 -27.66 11.83
N LEU C 343 23.81 -27.84 12.90
CA LEU C 343 23.91 -26.82 13.95
C LEU C 343 24.66 -25.59 13.48
N ASN C 344 25.74 -25.82 12.74
CA ASN C 344 26.52 -24.70 12.15
C ASN C 344 25.68 -23.84 11.21
N ALA C 345 24.88 -24.52 10.42
CA ALA C 345 23.96 -23.81 9.49
C ALA C 345 23.07 -22.92 10.32
N HIS C 346 22.59 -23.50 11.40
CA HIS C 346 21.72 -22.74 12.29
C HIS C 346 22.40 -21.61 12.99
N GLN C 347 23.67 -21.79 13.22
CA GLN C 347 24.44 -20.82 13.99
C GLN C 347 24.67 -19.60 13.07
N TYR C 348 24.97 -19.91 11.81
CA TYR C 348 24.98 -18.84 10.80
C TYR C 348 23.67 -18.04 10.84
N LEU C 349 22.56 -18.75 10.91
CA LEU C 349 21.24 -18.07 10.92
C LEU C 349 21.07 -17.18 12.15
N ILE C 350 21.51 -17.71 13.27
CA ILE C 350 21.48 -16.98 14.50
C ILE C 350 22.26 -15.68 14.31
N GLN C 351 23.47 -15.78 13.80
CA GLN C 351 24.31 -14.61 13.53
C GLN C 351 23.64 -13.62 12.56
N LEU C 352 23.08 -14.13 11.49
CA LEU C 352 22.38 -13.28 10.54
C LEU C 352 21.19 -12.58 11.21
N SER C 353 20.61 -13.22 12.23
CA SER C 353 19.38 -12.73 12.86
C SER C 353 19.69 -11.59 13.79
N LYS C 354 20.96 -11.27 13.88
CA LYS C 354 21.38 -10.14 14.74
C LYS C 354 21.62 -8.86 13.95
N ILE C 355 21.63 -9.04 12.65
CA ILE C 355 21.78 -7.92 11.73
C ILE C 355 20.67 -6.89 11.94
N GLU C 356 21.06 -5.64 11.82
CA GLU C 356 20.10 -4.50 11.88
C GLU C 356 19.57 -4.25 10.49
N GLU C 357 18.45 -4.85 10.17
CA GLU C 357 17.85 -4.63 8.87
C GLU C 357 16.50 -5.26 8.95
N ARG C 358 15.45 -4.45 9.02
CA ARG C 358 14.12 -4.99 9.30
C ARG C 358 13.71 -6.07 8.36
N GLU C 359 13.90 -5.84 7.10
CA GLU C 359 13.36 -6.76 6.10
C GLU C 359 14.11 -8.12 6.14
N LEU C 360 15.40 -8.03 6.38
CA LEU C 360 16.23 -9.21 6.50
C LEU C 360 15.82 -9.98 7.76
N PHE C 361 15.65 -9.23 8.82
CA PHE C 361 15.15 -9.83 10.07
C PHE C 361 13.85 -10.57 9.87
N LYS C 362 12.95 -10.02 9.08
CA LYS C 362 11.66 -10.68 8.87
C LYS C 362 11.82 -12.02 8.15
N THR C 363 12.85 -12.08 7.33
CA THR C 363 13.14 -13.26 6.50
C THR C 363 13.60 -14.38 7.41
N THR C 364 14.52 -14.02 8.27
CA THR C 364 15.06 -14.99 9.21
C THR C 364 13.98 -15.40 10.19
N LEU C 365 13.18 -14.43 10.62
CA LEU C 365 12.11 -14.66 11.64
C LEU C 365 11.07 -15.67 11.11
N ASP C 366 10.79 -15.56 9.83
CA ASP C 366 9.86 -16.44 9.17
C ASP C 366 10.41 -17.84 9.19
N TYR C 367 11.73 -17.95 9.11
CA TYR C 367 12.36 -19.28 9.18
C TYR C 367 12.25 -19.81 10.60
N TRP C 368 12.60 -18.95 11.55
CA TRP C 368 12.49 -19.37 12.94
C TRP C 368 11.09 -19.88 13.27
N HIS C 369 10.10 -19.19 12.71
CA HIS C 369 8.69 -19.54 12.96
C HIS C 369 8.41 -20.93 12.52
N ASN C 370 8.85 -21.15 11.30
CA ASN C 370 8.78 -22.46 10.64
C ASN C 370 9.44 -23.54 11.52
N LEU C 371 10.66 -23.26 11.95
CA LEU C 371 11.39 -24.19 12.82
C LEU C 371 10.63 -24.45 14.11
N VAL C 372 10.34 -23.39 14.86
CA VAL C 372 9.81 -23.62 16.25
C VAL C 372 8.43 -24.30 16.22
N ALA C 373 7.66 -23.94 15.18
CA ALA C 373 6.28 -24.48 14.99
C ALA C 373 6.37 -25.97 14.83
N ASP C 374 7.40 -26.36 14.06
CA ASP C 374 7.76 -27.80 13.86
C ASP C 374 8.25 -28.47 15.12
N LEU C 375 9.10 -27.78 15.86
CA LEU C 375 9.66 -28.36 17.10
C LEU C 375 8.61 -28.57 18.19
N PHE C 376 7.55 -27.81 18.09
CA PHE C 376 6.47 -27.73 19.08
C PHE C 376 5.59 -28.98 18.99
N TYR C 377 5.56 -29.56 17.80
CA TYR C 377 4.77 -30.75 17.45
C TYR C 377 5.55 -32.03 17.22
N GLU C 378 6.63 -31.94 16.47
CA GLU C 378 7.37 -33.12 16.01
C GLU C 378 8.16 -33.78 17.13
N PRO C 379 7.93 -35.22 17.32
CA PRO C 379 8.49 -35.89 18.47
C PRO C 379 10.00 -36.00 18.37
N LEU C 380 10.63 -35.74 19.50
CA LEU C 380 12.10 -35.95 19.67
C LEU C 380 13.00 -35.00 18.87
N LYS C 381 12.46 -33.90 18.41
CA LYS C 381 13.27 -32.95 17.60
C LYS C 381 13.83 -31.76 18.39
N LYS C 382 13.02 -31.24 19.31
CA LYS C 382 13.42 -29.98 20.06
C LYS C 382 14.79 -30.06 20.76
N HIS C 383 15.09 -31.21 21.30
CA HIS C 383 16.34 -31.34 22.07
C HIS C 383 17.56 -31.09 21.17
N ILE C 384 17.44 -31.37 19.89
CA ILE C 384 18.55 -31.13 18.94
C ILE C 384 18.95 -29.63 18.94
N TYR C 385 17.94 -28.79 19.03
CA TYR C 385 18.05 -27.36 18.77
C TYR C 385 18.06 -26.51 20.05
N GLU C 386 18.15 -27.22 21.16
CA GLU C 386 18.01 -26.57 22.49
CA GLU C 386 18.08 -26.63 22.53
C GLU C 386 18.93 -25.35 22.65
N GLU C 387 20.19 -25.49 22.27
CA GLU C 387 21.17 -24.40 22.38
C GLU C 387 20.89 -23.27 21.38
N ILE C 388 20.61 -23.64 20.13
CA ILE C 388 20.11 -22.69 19.09
C ILE C 388 18.90 -21.85 19.59
N CYS C 389 17.94 -22.55 20.18
CA CYS C 389 16.68 -21.91 20.67
C CYS C 389 16.97 -20.98 21.84
N SER C 390 17.88 -21.43 22.66
CA SER C 390 18.31 -20.63 23.79
C SER C 390 18.94 -19.28 23.34
N GLN C 391 19.76 -19.34 22.31
CA GLN C 391 20.39 -18.11 21.78
C GLN C 391 19.29 -17.25 21.10
N LEU C 392 18.33 -17.95 20.50
CA LEU C 392 17.21 -17.29 19.77
C LEU C 392 16.35 -16.46 20.73
N ARG C 393 16.12 -17.03 21.91
CA ARG C 393 15.31 -16.34 22.94
C ARG C 393 15.94 -14.97 23.18
N LEU C 394 17.28 -14.94 23.23
CA LEU C 394 18.02 -13.70 23.50
C LEU C 394 17.84 -12.70 22.38
N VAL C 395 18.05 -13.20 21.18
CA VAL C 395 17.99 -12.33 20.02
C VAL C 395 16.62 -11.65 19.97
N ILE C 396 15.57 -12.44 20.16
CA ILE C 396 14.20 -11.92 20.02
CA ILE C 396 14.20 -11.91 20.02
C ILE C 396 13.86 -10.97 21.18
N ILE C 397 14.15 -11.41 22.39
CA ILE C 397 13.85 -10.56 23.55
C ILE C 397 14.50 -9.20 23.42
N GLU C 398 15.72 -9.21 22.90
CA GLU C 398 16.54 -7.97 22.73
C GLU C 398 16.21 -7.14 21.45
N ASN C 399 15.45 -7.72 20.55
CA ASN C 399 15.01 -7.00 19.32
C ASN C 399 13.50 -6.83 19.20
N MET C 400 12.82 -6.84 20.36
CA MET C 400 11.32 -6.64 20.41
C MET C 400 10.99 -5.25 19.95
N VAL C 401 10.17 -5.19 18.93
CA VAL C 401 9.70 -3.90 18.42
C VAL C 401 8.57 -3.39 19.34
N ARG C 402 8.46 -2.07 19.42
CA ARG C 402 7.42 -1.39 20.20
C ARG C 402 6.00 -1.85 19.84
N PRO C 403 5.30 -2.41 20.80
CA PRO C 403 3.91 -2.76 20.53
C PRO C 403 3.08 -1.52 20.23
N GLU C 404 2.00 -1.74 19.49
N GLU C 404 1.99 -1.75 19.48
CA GLU C 404 1.10 -0.68 19.07
CA GLU C 404 1.05 -0.70 19.06
C GLU C 404 0.48 0.04 20.28
C GLU C 404 0.48 0.03 20.28
N GLU C 405 0.37 -0.68 21.38
CA GLU C 405 -0.22 -0.10 22.65
C GLU C 405 0.66 0.92 23.37
N VAL C 406 1.96 0.79 23.16
CA VAL C 406 2.96 1.62 23.85
C VAL C 406 3.05 2.94 23.07
N LEU C 407 2.41 3.98 23.64
CA LEU C 407 2.13 5.24 22.87
C LEU C 407 3.19 6.31 23.07
N VAL C 408 4.10 6.01 23.95
CA VAL C 408 5.25 6.88 24.16
C VAL C 408 6.46 6.41 23.36
N VAL C 409 7.25 7.40 23.01
CA VAL C 409 8.44 7.23 22.17
C VAL C 409 9.44 8.36 22.42
N GLU C 410 10.71 8.04 22.22
CA GLU C 410 11.82 9.03 22.38
C GLU C 410 12.05 9.88 21.12
N ASN C 411 11.97 11.20 21.27
CA ASN C 411 12.19 12.12 20.14
C ASN C 411 13.67 12.30 19.86
N ASP C 412 13.97 13.06 18.82
CA ASP C 412 15.39 13.26 18.40
C ASP C 412 16.24 13.95 19.46
N GLU C 413 15.56 14.60 20.40
CA GLU C 413 16.22 15.39 21.48
C GLU C 413 16.32 14.63 22.82
N GLY C 414 16.09 13.33 22.77
CA GLY C 414 16.10 12.46 24.00
C GLY C 414 15.01 12.70 25.05
N GLU C 415 13.87 13.17 24.56
CA GLU C 415 12.67 13.38 25.38
C GLU C 415 11.62 12.30 25.14
N ILE C 416 11.02 11.83 26.23
CA ILE C 416 9.97 10.80 26.11
C ILE C 416 8.64 11.53 25.89
N VAL C 417 8.15 11.40 24.67
CA VAL C 417 6.94 12.08 24.25
C VAL C 417 5.90 11.13 23.68
N ARG C 418 4.70 11.66 23.55
CA ARG C 418 3.63 11.00 22.80
C ARG C 418 4.00 10.93 21.32
N GLU C 419 3.67 9.79 20.73
CA GLU C 419 3.88 9.53 19.30
C GLU C 419 3.01 10.46 18.49
N PHE C 420 3.55 10.87 17.35
CA PHE C 420 2.87 11.79 16.42
C PHE C 420 1.80 11.05 15.66
N VAL C 421 2.16 9.84 15.30
CA VAL C 421 1.30 8.92 14.51
C VAL C 421 1.57 7.47 14.91
N LYS C 422 0.68 6.59 14.50
CA LYS C 422 0.87 5.14 14.73
C LYS C 422 2.13 4.71 13.93
N GLU C 423 2.90 3.79 14.50
CA GLU C 423 3.93 3.04 13.72
C GLU C 423 3.24 1.89 12.96
N SER C 424 2.60 2.22 11.87
CA SER C 424 1.75 1.23 11.21
C SER C 424 2.57 0.06 10.64
N ASP C 425 3.78 0.34 10.22
CA ASP C 425 4.57 -0.71 9.55
C ASP C 425 5.25 -1.74 10.46
N THR C 426 5.09 -1.60 11.78
CA THR C 426 5.63 -2.58 12.73
C THR C 426 4.60 -3.49 13.41
N ILE C 427 3.35 -3.33 12.99
CA ILE C 427 2.25 -4.16 13.51
CA ILE C 427 2.22 -4.16 13.50
C ILE C 427 2.48 -5.65 13.22
N GLN C 428 2.76 -5.95 11.98
CA GLN C 428 2.97 -7.35 11.59
C GLN C 428 4.26 -7.91 12.20
N LEU C 429 5.30 -7.09 12.19
CA LEU C 429 6.59 -7.44 12.81
C LEU C 429 6.38 -7.84 14.27
N TYR C 430 5.58 -7.09 15.00
CA TYR C 430 5.33 -7.43 16.42
CA TYR C 430 5.33 -7.42 16.41
C TYR C 430 4.64 -8.78 16.52
N LYS C 431 3.62 -8.98 15.72
CA LYS C 431 2.86 -10.27 15.74
C LYS C 431 3.77 -11.49 15.48
N SER C 432 4.70 -11.27 14.56
CA SER C 432 5.65 -12.30 14.11
C SER C 432 6.63 -12.61 15.23
N GLU C 433 7.15 -11.57 15.80
CA GLU C 433 8.04 -11.72 16.96
C GLU C 433 7.37 -12.45 18.15
N ARG C 434 6.16 -12.02 18.41
CA ARG C 434 5.39 -12.60 19.54
C ARG C 434 5.12 -14.11 19.33
N GLU C 435 4.71 -14.39 18.13
CA GLU C 435 4.44 -15.77 17.71
CA GLU C 435 4.41 -15.78 17.75
C GLU C 435 5.66 -16.66 17.96
N VAL C 436 6.81 -16.19 17.51
CA VAL C 436 8.04 -16.98 17.57
C VAL C 436 8.40 -17.16 19.04
N LEU C 437 8.34 -16.05 19.76
CA LEU C 437 8.70 -16.03 21.19
C LEU C 437 7.77 -16.92 22.04
N VAL C 438 6.48 -16.88 21.71
CA VAL C 438 5.46 -17.75 22.37
C VAL C 438 5.84 -19.22 22.27
N TYR C 439 6.10 -19.63 21.04
CA TYR C 439 6.60 -20.94 20.73
C TYR C 439 7.88 -21.27 21.48
N LEU C 440 8.81 -20.33 21.45
CA LEU C 440 10.11 -20.50 22.17
C LEU C 440 9.85 -20.71 23.63
N THR C 441 8.85 -20.01 24.13
CA THR C 441 8.56 -20.07 25.61
C THR C 441 8.05 -21.43 25.93
N HIS C 442 7.13 -21.89 25.10
N HIS C 442 7.11 -21.88 25.11
CA HIS C 442 6.53 -23.23 25.28
CA HIS C 442 6.51 -23.24 25.27
C HIS C 442 7.60 -24.28 25.23
C HIS C 442 7.60 -24.28 25.23
N LEU C 443 8.54 -24.10 24.31
CA LEU C 443 9.64 -25.09 24.15
C LEU C 443 10.53 -25.25 25.40
N ASN C 444 10.76 -24.17 26.11
CA ASN C 444 11.51 -24.22 27.38
C ASN C 444 11.21 -23.01 28.27
N VAL C 445 10.24 -23.23 29.11
CA VAL C 445 9.67 -22.17 29.89
C VAL C 445 10.66 -21.78 30.98
N ILE C 446 11.49 -22.73 31.39
CA ILE C 446 12.43 -22.46 32.51
C ILE C 446 13.49 -21.46 32.05
N ASP C 447 14.07 -21.81 30.91
CA ASP C 447 15.06 -20.97 30.25
C ASP C 447 14.53 -19.57 30.04
N THR C 448 13.29 -19.49 29.56
CA THR C 448 12.71 -18.20 29.16
C THR C 448 12.50 -17.34 30.41
N GLU C 449 11.93 -17.97 31.39
CA GLU C 449 11.76 -17.28 32.67
C GLU C 449 13.08 -16.80 33.26
N GLU C 450 14.07 -17.69 33.29
CA GLU C 450 15.40 -17.37 33.91
C GLU C 450 16.03 -16.20 33.15
N ILE C 451 15.92 -16.26 31.84
CA ILE C 451 16.48 -15.18 31.03
C ILE C 451 15.85 -13.86 31.46
N MET C 452 14.52 -13.87 31.54
CA MET C 452 13.76 -12.61 31.71
C MET C 452 13.92 -12.04 33.12
N ILE C 453 13.74 -12.93 34.08
CA ILE C 453 13.85 -12.61 35.55
C ILE C 453 15.25 -12.05 35.93
N SER C 454 16.27 -12.48 35.20
CA SER C 454 17.65 -12.09 35.55
C SER C 454 18.02 -10.83 34.77
N LYS C 455 17.55 -10.74 33.54
CA LYS C 455 17.67 -9.46 32.79
C LYS C 455 17.05 -8.30 33.58
N LEU C 456 15.90 -8.63 34.13
CA LEU C 456 15.10 -7.67 34.92
C LEU C 456 15.86 -7.23 36.16
N ALA C 457 16.42 -8.20 36.88
CA ALA C 457 17.19 -7.94 38.14
C ALA C 457 18.41 -7.04 37.90
N ARG C 458 18.85 -7.06 36.66
CA ARG C 458 20.00 -6.28 36.21
C ARG C 458 19.60 -4.86 35.82
N GLN C 459 18.30 -4.65 35.71
CA GLN C 459 17.74 -3.29 35.51
C GLN C 459 17.64 -2.58 36.87
N ILE C 460 17.08 -3.33 37.83
CA ILE C 460 16.88 -2.91 39.24
C ILE C 460 18.16 -2.42 39.88
N ASP C 461 19.17 -3.29 39.89
CA ASP C 461 20.49 -2.95 40.48
C ASP C 461 21.26 -1.91 39.65
N GLY C 462 20.66 -1.52 38.54
CA GLY C 462 21.18 -0.43 37.70
C GLY C 462 22.23 -0.82 36.71
N SER C 463 22.76 -2.02 36.85
CA SER C 463 23.94 -2.42 36.07
C SER C 463 23.73 -2.31 34.55
N GLU C 464 22.50 -2.59 34.16
CA GLU C 464 22.13 -2.71 32.71
C GLU C 464 21.04 -1.73 32.27
N TRP C 465 20.69 -0.89 33.23
CA TRP C 465 19.63 0.12 33.06
C TRP C 465 19.78 0.94 31.81
N SER C 466 18.68 1.03 31.08
CA SER C 466 18.53 1.93 29.95
C SER C 466 17.09 1.86 29.42
N TRP C 467 16.71 2.81 28.60
CA TRP C 467 15.31 2.85 28.16
C TRP C 467 15.04 1.69 27.26
N HIS C 468 15.92 1.55 26.29
CA HIS C 468 15.88 0.44 25.32
C HIS C 468 15.77 -0.91 25.98
N ASN C 469 16.50 -1.08 27.07
CA ASN C 469 16.60 -2.42 27.72
C ASN C 469 15.37 -2.81 28.54
N ILE C 470 14.94 -1.89 29.38
CA ILE C 470 13.69 -2.07 30.10
C ILE C 470 12.52 -2.24 29.12
N ASN C 471 12.56 -1.47 28.06
CA ASN C 471 11.51 -1.55 27.04
C ASN C 471 11.42 -2.92 26.38
N THR C 472 12.44 -3.24 25.60
CA THR C 472 12.46 -4.54 24.89
CA THR C 472 12.46 -4.55 24.89
C THR C 472 12.07 -5.67 25.86
N LEU C 473 12.59 -5.60 27.06
CA LEU C 473 12.31 -6.66 28.10
C LEU C 473 10.83 -6.70 28.51
N SER C 474 10.33 -5.51 28.83
CA SER C 474 8.92 -5.36 29.25
C SER C 474 7.94 -5.85 28.16
N TRP C 475 8.26 -5.46 26.96
CA TRP C 475 7.45 -5.83 25.79
C TRP C 475 7.46 -7.34 25.62
N ALA C 476 8.64 -7.93 25.77
CA ALA C 476 8.81 -9.39 25.65
C ALA C 476 7.94 -10.14 26.66
N ILE C 477 8.05 -9.68 27.90
CA ILE C 477 7.33 -10.23 29.04
C ILE C 477 5.81 -10.15 28.85
N GLY C 478 5.39 -9.01 28.37
CA GLY C 478 3.96 -8.83 28.00
C GLY C 478 3.53 -9.77 26.89
N SER C 479 4.41 -9.92 25.92
CA SER C 479 4.04 -10.66 24.70
C SER C 479 3.90 -12.18 24.91
N ILE C 480 4.48 -12.71 25.99
CA ILE C 480 4.42 -14.18 26.24
C ILE C 480 3.25 -14.62 27.14
N SER C 481 2.31 -13.71 27.32
CA SER C 481 1.16 -13.94 28.17
C SER C 481 0.37 -15.12 27.62
N GLY C 482 0.03 -16.07 28.45
CA GLY C 482 -0.68 -17.24 27.91
C GLY C 482 0.18 -18.46 27.82
N THR C 483 1.48 -18.26 27.86
CA THR C 483 2.39 -19.39 27.62
C THR C 483 2.61 -20.23 28.84
N MET C 484 2.38 -19.64 29.99
CA MET C 484 2.58 -20.36 31.23
C MET C 484 1.25 -20.83 31.78
N SER C 485 1.35 -21.80 32.67
CA SER C 485 0.19 -22.22 33.46
C SER C 485 -0.23 -21.07 34.38
N GLU C 486 -1.49 -21.06 34.72
CA GLU C 486 -2.02 -19.98 35.56
C GLU C 486 -1.13 -19.83 36.78
N ASP C 487 -0.86 -20.97 37.38
CA ASP C 487 -0.09 -21.03 38.63
C ASP C 487 1.38 -20.52 38.50
N THR C 488 1.97 -20.93 37.40
CA THR C 488 3.35 -20.55 37.08
C THR C 488 3.35 -19.05 36.81
N GLU C 489 2.40 -18.68 35.95
CA GLU C 489 2.18 -17.28 35.54
C GLU C 489 2.08 -16.36 36.76
N LYS C 490 1.24 -16.81 37.68
CA LYS C 490 0.99 -16.06 38.93
C LYS C 490 2.31 -15.56 39.62
N ARG C 491 3.22 -16.49 39.83
CA ARG C 491 4.50 -16.16 40.54
C ARG C 491 5.37 -15.26 39.71
N PHE C 492 5.42 -15.62 38.43
CA PHE C 492 6.19 -14.89 37.45
C PHE C 492 5.74 -13.43 37.45
N VAL C 493 4.43 -13.26 37.35
CA VAL C 493 3.87 -11.89 37.18
C VAL C 493 4.11 -11.08 38.44
N VAL C 494 3.90 -11.76 39.57
CA VAL C 494 4.18 -11.14 40.90
C VAL C 494 5.63 -10.57 40.94
N THR C 495 6.59 -11.40 40.58
CA THR C 495 8.00 -11.01 40.59
C THR C 495 8.26 -9.81 39.69
N VAL C 496 7.69 -9.91 38.50
CA VAL C 496 7.89 -8.87 37.46
C VAL C 496 7.35 -7.52 37.90
N ILE C 497 6.11 -7.54 38.35
CA ILE C 497 5.44 -6.30 38.81
C ILE C 497 6.22 -5.65 39.98
N LYS C 498 6.57 -6.49 40.94
CA LYS C 498 7.35 -6.05 42.12
C LYS C 498 8.60 -5.29 41.69
N ASP C 499 9.26 -5.88 40.71
CA ASP C 499 10.48 -5.29 40.16
C ASP C 499 10.23 -4.00 39.40
N LEU C 500 9.15 -3.99 38.65
CA LEU C 500 8.82 -2.77 37.88
C LEU C 500 8.44 -1.62 38.81
N LEU C 501 7.75 -1.98 39.89
CA LEU C 501 7.38 -0.95 40.89
C LEU C 501 8.64 -0.43 41.61
N ASP C 502 9.57 -1.33 41.79
CA ASP C 502 10.87 -1.00 42.35
C ASP C 502 11.52 0.07 41.45
N LEU C 503 11.55 -0.21 40.17
CA LEU C 503 12.11 0.72 39.17
C LEU C 503 11.44 2.08 39.17
N CYS C 504 10.13 2.02 39.35
CA CYS C 504 9.24 3.21 39.44
C CYS C 504 9.67 4.13 40.55
N VAL C 505 10.04 3.50 41.65
CA VAL C 505 10.55 4.21 42.85
C VAL C 505 11.95 4.79 42.62
N GLN C 506 12.84 4.00 42.05
CA GLN C 506 14.27 4.41 41.87
C GLN C 506 14.47 5.39 40.72
N GLN C 507 13.76 5.15 39.64
CA GLN C 507 13.95 5.97 38.43
C GLN C 507 12.95 7.10 38.37
N SER C 508 13.46 8.30 38.60
CA SER C 508 12.64 9.51 38.66
C SER C 508 12.96 10.50 37.54
N GLY C 509 12.20 11.58 37.53
CA GLY C 509 12.20 12.55 36.42
C GLY C 509 11.10 12.18 35.44
N GLN C 510 10.69 13.12 34.61
CA GLN C 510 9.41 12.93 33.84
C GLN C 510 9.55 11.87 32.73
N ASP C 511 10.67 11.95 32.01
CA ASP C 511 10.99 11.01 30.89
C ASP C 511 11.11 9.54 31.36
N ASN C 512 11.85 9.36 32.44
CA ASN C 512 12.02 8.05 33.09
C ASN C 512 10.67 7.49 33.47
N GLN C 513 9.93 8.34 34.14
CA GLN C 513 8.57 8.00 34.63
C GLN C 513 7.62 7.62 33.47
N ALA C 514 7.70 8.38 32.39
CA ALA C 514 6.87 8.10 31.20
C ALA C 514 7.17 6.69 30.71
N VAL C 515 8.46 6.39 30.64
CA VAL C 515 8.94 5.09 30.15
C VAL C 515 8.43 3.96 31.06
N VAL C 516 8.66 4.10 32.36
CA VAL C 516 8.32 3.01 33.28
C VAL C 516 6.80 2.82 33.34
N ALA C 517 6.09 3.92 33.28
CA ALA C 517 4.60 3.89 33.28
C ALA C 517 4.09 3.11 32.11
N SER C 518 4.60 3.47 30.95
CA SER C 518 4.20 2.82 29.70
C SER C 518 4.39 1.31 29.78
N ASP C 519 5.49 0.93 30.44
CA ASP C 519 5.95 -0.46 30.43
C ASP C 519 5.07 -1.28 31.34
N ILE C 520 4.77 -0.70 32.48
CA ILE C 520 3.87 -1.33 33.46
C ILE C 520 2.45 -1.49 32.89
N MET C 521 1.97 -0.42 32.28
CA MET C 521 0.64 -0.45 31.69
C MET C 521 0.64 -1.53 30.63
N TYR C 522 1.68 -1.62 29.83
CA TYR C 522 1.67 -2.64 28.76
C TYR C 522 1.60 -4.06 29.38
N VAL C 523 2.45 -4.27 30.39
CA VAL C 523 2.51 -5.56 31.05
C VAL C 523 1.16 -5.93 31.69
N VAL C 524 0.62 -5.00 32.49
CA VAL C 524 -0.64 -5.27 33.23
C VAL C 524 -1.78 -5.55 32.28
N GLY C 525 -1.80 -4.82 31.19
CA GLY C 525 -2.86 -4.96 30.18
C GLY C 525 -2.85 -6.30 29.49
N GLN C 526 -1.65 -6.84 29.43
CA GLN C 526 -1.38 -8.12 28.76
C GLN C 526 -1.69 -9.37 29.61
N TYR C 527 -1.90 -9.17 30.90
CA TYR C 527 -2.21 -10.30 31.82
C TYR C 527 -3.59 -10.29 32.51
N PRO C 528 -4.65 -10.25 31.71
CA PRO C 528 -5.97 -10.16 32.34
C PRO C 528 -6.25 -11.35 33.24
N ARG C 529 -5.75 -12.49 32.83
CA ARG C 529 -6.04 -13.72 33.60
C ARG C 529 -5.63 -13.50 35.06
N PHE C 530 -4.46 -12.91 35.19
CA PHE C 530 -3.92 -12.55 36.49
C PHE C 530 -4.80 -11.56 37.26
N LEU C 531 -5.21 -10.55 36.53
CA LEU C 531 -6.02 -9.46 37.08
C LEU C 531 -7.31 -10.05 37.68
N LYS C 532 -7.86 -10.99 36.94
CA LYS C 532 -9.15 -11.61 37.33
C LYS C 532 -9.11 -12.37 38.66
N ALA C 533 -7.93 -12.83 39.03
CA ALA C 533 -7.71 -13.62 40.27
C ALA C 533 -7.18 -12.75 41.41
N HIS C 534 -6.92 -11.49 41.12
CA HIS C 534 -6.31 -10.59 42.11
C HIS C 534 -7.05 -9.28 42.15
N TRP C 535 -8.24 -9.35 42.72
CA TRP C 535 -9.13 -8.18 42.78
C TRP C 535 -8.45 -6.95 43.39
N ASN C 536 -7.85 -7.11 44.55
CA ASN C 536 -7.21 -5.94 45.18
C ASN C 536 -6.25 -5.28 44.25
N PHE C 537 -5.48 -6.12 43.60
CA PHE C 537 -4.44 -5.68 42.67
C PHE C 537 -5.08 -4.93 41.51
N LEU C 538 -6.13 -5.54 41.01
CA LEU C 538 -6.82 -5.01 39.81
C LEU C 538 -7.34 -3.61 40.11
N ARG C 539 -8.03 -3.55 41.26
CA ARG C 539 -8.69 -2.28 41.72
C ARG C 539 -7.65 -1.17 41.82
N THR C 540 -6.49 -1.55 42.31
CA THR C 540 -5.42 -0.57 42.58
C THR C 540 -4.82 -0.11 41.26
N VAL C 541 -4.68 -1.05 40.36
CA VAL C 541 -4.23 -0.74 38.99
C VAL C 541 -5.16 0.28 38.36
N ILE C 542 -6.46 -0.01 38.39
CA ILE C 542 -7.46 0.90 37.75
C ILE C 542 -7.41 2.33 38.33
N LEU C 543 -7.35 2.39 39.66
CA LEU C 543 -7.30 3.67 40.37
C LEU C 543 -6.06 4.45 39.92
N GLN C 544 -4.96 3.74 39.81
CA GLN C 544 -3.69 4.32 39.34
C GLN C 544 -3.81 4.87 37.91
N LEU C 545 -4.52 4.12 37.10
CA LEU C 545 -4.80 4.55 35.76
C LEU C 545 -5.59 5.85 35.79
N PHE C 546 -6.54 5.94 36.73
CA PHE C 546 -7.39 7.16 36.83
C PHE C 546 -6.50 8.36 37.15
N GLU C 547 -5.56 8.11 38.03
CA GLU C 547 -4.58 9.15 38.40
C GLU C 547 -3.86 9.63 37.14
N PHE C 548 -3.42 8.66 36.34
CA PHE C 548 -2.75 8.97 35.08
C PHE C 548 -3.60 9.83 34.15
N MET C 549 -4.91 9.70 34.29
CA MET C 549 -5.85 10.50 33.48
C MET C 549 -5.79 12.02 33.77
N HIS C 550 -5.15 12.35 34.87
CA HIS C 550 -4.75 13.74 35.24
C HIS C 550 -3.29 14.04 35.00
N GLU C 551 -2.61 13.15 34.29
CA GLU C 551 -1.19 13.38 33.95
C GLU C 551 -1.09 14.55 33.00
N THR C 552 -0.08 15.38 33.23
CA THR C 552 0.28 16.41 32.25
C THR C 552 0.98 15.77 31.05
N HIS C 553 1.66 14.66 31.30
CA HIS C 553 2.19 13.85 30.22
C HIS C 553 1.07 13.22 29.41
N GLU C 554 0.98 13.66 28.17
CA GLU C 554 -0.17 13.32 27.33
C GLU C 554 -0.13 11.88 26.85
N GLY C 555 1.08 11.41 26.65
CA GLY C 555 1.29 10.05 26.18
C GLY C 555 0.83 9.06 27.21
N VAL C 556 1.34 9.24 28.42
CA VAL C 556 0.89 8.42 29.57
C VAL C 556 -0.64 8.47 29.81
N GLN C 557 -1.14 9.69 29.77
CA GLN C 557 -2.58 9.95 29.94
C GLN C 557 -3.43 9.12 28.95
N ASP C 558 -3.06 9.22 27.69
CA ASP C 558 -3.74 8.56 26.59
C ASP C 558 -3.65 7.06 26.72
N MET C 559 -2.46 6.61 27.13
CA MET C 559 -2.19 5.19 27.33
C MET C 559 -3.03 4.64 28.46
N ALA C 560 -3.24 5.48 29.47
CA ALA C 560 -4.08 5.06 30.63
C ALA C 560 -5.49 4.75 30.13
N CYS C 561 -5.99 5.63 29.26
CA CYS C 561 -7.34 5.44 28.70
C CYS C 561 -7.43 4.12 27.97
N ASP C 562 -6.50 3.91 27.05
CA ASP C 562 -6.52 2.66 26.24
C ASP C 562 -6.34 1.39 27.09
N THR C 563 -5.48 1.49 28.10
CA THR C 563 -5.18 0.35 28.98
C THR C 563 -6.43 -0.01 29.77
N PHE C 564 -7.14 1.04 30.18
CA PHE C 564 -8.37 0.91 30.99
C PHE C 564 -9.39 0.08 30.20
N ILE C 565 -9.65 0.54 29.00
CA ILE C 565 -10.61 -0.17 28.18
C ILE C 565 -10.07 -1.56 27.80
N LYS C 566 -8.76 -1.65 27.58
CA LYS C 566 -8.15 -2.95 27.20
C LYS C 566 -8.41 -3.99 28.32
N ILE C 567 -8.19 -3.54 29.55
CA ILE C 567 -8.42 -4.38 30.74
C ILE C 567 -9.91 -4.72 30.93
N VAL C 568 -10.72 -3.67 30.83
CA VAL C 568 -12.18 -3.79 30.99
C VAL C 568 -12.75 -4.79 29.96
N GLN C 569 -12.24 -4.71 28.74
CA GLN C 569 -12.70 -5.64 27.68
C GLN C 569 -12.60 -7.13 28.09
N LYS C 570 -11.58 -7.42 28.86
CA LYS C 570 -11.33 -8.81 29.35
C LYS C 570 -11.85 -9.13 30.75
N CYS C 571 -11.97 -8.10 31.57
CA CYS C 571 -12.18 -8.27 33.05
C CYS C 571 -13.48 -7.69 33.59
N LYS C 572 -14.27 -7.15 32.67
CA LYS C 572 -15.53 -6.45 32.99
C LYS C 572 -16.44 -7.07 34.07
N TYR C 573 -16.50 -8.39 34.12
CA TYR C 573 -17.38 -9.11 35.05
C TYR C 573 -17.01 -8.75 36.49
N HIS C 574 -15.71 -8.56 36.70
CA HIS C 574 -15.16 -8.23 38.05
C HIS C 574 -15.46 -6.82 38.48
N PHE C 575 -15.96 -6.03 37.57
CA PHE C 575 -16.32 -4.64 37.91
C PHE C 575 -17.81 -4.52 38.20
N VAL C 576 -18.55 -5.50 37.67
CA VAL C 576 -20.02 -5.47 37.71
C VAL C 576 -20.54 -6.07 39.01
N ILE C 577 -19.85 -7.09 39.49
CA ILE C 577 -20.23 -7.78 40.74
C ILE C 577 -19.67 -7.05 41.93
N GLN C 578 -20.26 -7.33 43.07
CA GLN C 578 -19.73 -6.87 44.35
C GLN C 578 -18.69 -7.86 44.91
N GLN C 579 -17.48 -7.35 45.04
CA GLN C 579 -16.34 -8.15 45.49
C GLN C 579 -16.36 -8.34 47.03
N PRO C 580 -15.80 -9.44 47.53
CA PRO C 580 -15.54 -9.59 48.95
C PRO C 580 -14.86 -8.34 49.50
N ARG C 581 -15.36 -7.88 50.63
CA ARG C 581 -14.74 -6.73 51.35
C ARG C 581 -14.89 -5.39 50.60
N GLU C 582 -15.82 -5.35 49.67
CA GLU C 582 -16.22 -4.10 49.02
C GLU C 582 -17.65 -3.80 49.40
N SER C 583 -17.93 -2.51 49.54
CA SER C 583 -19.28 -2.01 49.87
C SER C 583 -20.23 -1.93 48.66
N GLU C 584 -19.64 -1.87 47.47
CA GLU C 584 -20.42 -1.71 46.21
C GLU C 584 -19.68 -2.29 45.00
N PRO C 585 -20.43 -2.72 43.97
CA PRO C 585 -19.73 -3.07 42.73
C PRO C 585 -18.93 -1.87 42.28
N PHE C 586 -17.78 -2.16 41.67
CA PHE C 586 -16.81 -1.10 41.36
C PHE C 586 -17.34 -0.15 40.32
N ILE C 587 -18.13 -0.68 39.41
CA ILE C 587 -18.78 0.20 38.39
C ILE C 587 -19.50 1.40 39.04
N GLN C 588 -20.03 1.16 40.23
CA GLN C 588 -20.81 2.18 40.93
C GLN C 588 -19.82 3.27 41.32
N THR C 589 -18.68 2.82 41.77
CA THR C 589 -17.61 3.74 42.24
C THR C 589 -17.07 4.61 41.10
N ILE C 590 -16.90 3.96 39.97
CA ILE C 590 -16.44 4.60 38.73
C ILE C 590 -17.44 5.68 38.29
N ILE C 591 -18.69 5.27 38.16
CA ILE C 591 -19.77 6.19 37.74
C ILE C 591 -19.87 7.39 38.70
N ARG C 592 -19.85 7.13 40.00
CA ARG C 592 -20.05 8.21 41.02
C ARG C 592 -19.04 9.32 40.86
N ASP C 593 -17.84 8.92 40.49
CA ASP C 593 -16.68 9.83 40.41
C ASP C 593 -16.24 10.21 38.98
N ILE C 594 -17.10 9.92 38.02
CA ILE C 594 -16.77 10.03 36.55
C ILE C 594 -16.40 11.43 36.08
N GLN C 595 -17.06 12.41 36.65
CA GLN C 595 -16.73 13.82 36.39
C GLN C 595 -15.30 14.14 36.81
N LYS C 596 -14.93 13.81 38.04
CA LYS C 596 -13.53 14.02 38.55
C LYS C 596 -12.50 13.29 37.71
N THR C 597 -12.76 12.01 37.51
CA THR C 597 -11.82 11.11 36.86
C THR C 597 -11.46 11.58 35.43
N THR C 598 -12.47 12.04 34.73
CA THR C 598 -12.37 12.35 33.30
C THR C 598 -12.20 13.84 33.02
N ALA C 599 -12.11 14.64 34.08
CA ALA C 599 -12.11 16.12 33.94
C ALA C 599 -11.04 16.65 33.00
N ASP C 600 -9.82 16.12 33.12
CA ASP C 600 -8.66 16.63 32.29
C ASP C 600 -8.46 15.91 30.94
N LEU C 601 -9.37 15.02 30.63
CA LEU C 601 -9.26 14.24 29.39
C LEU C 601 -9.79 15.01 28.19
N GLN C 602 -9.22 14.75 27.04
CA GLN C 602 -9.78 15.24 25.78
C GLN C 602 -11.14 14.56 25.53
N PRO C 603 -12.07 15.23 24.85
CA PRO C 603 -13.38 14.65 24.60
C PRO C 603 -13.43 13.21 24.13
N GLN C 604 -12.63 12.91 23.14
CA GLN C 604 -12.64 11.55 22.58
C GLN C 604 -12.19 10.51 23.63
N GLN C 605 -11.33 10.98 24.52
CA GLN C 605 -10.86 10.13 25.63
C GLN C 605 -11.98 9.88 26.62
N VAL C 606 -12.75 10.92 26.85
CA VAL C 606 -13.91 10.85 27.72
C VAL C 606 -14.89 9.84 27.12
N HIS C 607 -15.03 9.87 25.81
CA HIS C 607 -15.98 8.95 25.15
C HIS C 607 -15.53 7.53 25.30
N THR C 608 -14.24 7.31 25.10
CA THR C 608 -13.60 5.96 25.31
C THR C 608 -13.92 5.45 26.72
N PHE C 609 -13.79 6.34 27.66
CA PHE C 609 -14.07 6.03 29.07
C PHE C 609 -15.50 5.55 29.28
N TYR C 610 -16.41 6.35 28.78
CA TYR C 610 -17.84 6.02 28.79
C TYR C 610 -18.13 4.69 28.10
N LYS C 611 -17.48 4.48 26.95
CA LYS C 611 -17.57 3.22 26.21
C LYS C 611 -17.18 1.99 27.07
N ALA C 612 -16.11 2.15 27.84
CA ALA C 612 -15.62 1.07 28.69
C ALA C 612 -16.70 0.75 29.72
N CYS C 613 -17.22 1.82 30.34
CA CYS C 613 -18.24 1.68 31.41
C CYS C 613 -19.43 0.89 30.84
N GLY C 614 -19.78 1.19 29.60
CA GLY C 614 -20.82 0.47 28.85
C GLY C 614 -20.59 -1.05 28.78
N ILE C 615 -19.35 -1.43 28.52
CA ILE C 615 -18.98 -2.86 28.48
C ILE C 615 -19.37 -3.53 29.81
N ILE C 616 -19.01 -2.87 30.87
CA ILE C 616 -19.25 -3.35 32.24
C ILE C 616 -20.72 -3.48 32.52
N ILE C 617 -21.46 -2.48 32.08
CA ILE C 617 -22.88 -2.37 32.42
C ILE C 617 -23.68 -3.50 31.77
N SER C 618 -23.25 -3.84 30.58
CA SER C 618 -23.87 -4.89 29.78
C SER C 618 -23.59 -6.31 30.32
N GLU C 619 -22.68 -6.38 31.27
CA GLU C 619 -22.49 -7.63 32.05
C GLU C 619 -23.65 -7.93 32.98
N GLU C 620 -24.30 -6.87 33.42
CA GLU C 620 -25.49 -6.96 34.28
C GLU C 620 -26.68 -7.44 33.46
N ARG C 621 -27.10 -8.68 33.69
CA ARG C 621 -28.16 -9.30 32.85
C ARG C 621 -29.56 -9.09 33.37
N SER C 622 -29.64 -8.72 34.63
CA SER C 622 -30.89 -8.25 35.18
C SER C 622 -31.27 -6.87 34.59
N VAL C 623 -32.41 -6.85 33.93
CA VAL C 623 -32.87 -5.65 33.15
C VAL C 623 -33.04 -4.39 34.03
N ALA C 624 -33.70 -4.52 35.17
CA ALA C 624 -33.94 -3.35 36.01
C ALA C 624 -32.62 -2.73 36.45
N GLU C 625 -31.74 -3.58 36.93
CA GLU C 625 -30.40 -3.16 37.44
C GLU C 625 -29.57 -2.55 36.30
N ARG C 626 -29.66 -3.16 35.13
CA ARG C 626 -28.84 -2.70 34.01
C ARG C 626 -29.24 -1.27 33.57
N ASN C 627 -30.53 -1.11 33.39
CA ASN C 627 -31.16 0.17 32.97
C ASN C 627 -30.89 1.28 33.95
N ARG C 628 -30.83 0.89 35.19
CA ARG C 628 -30.52 1.79 36.25
C ARG C 628 -29.07 2.25 36.13
N LEU C 629 -28.18 1.29 35.91
CA LEU C 629 -26.75 1.62 35.69
C LEU C 629 -26.58 2.53 34.46
N LEU C 630 -27.25 2.18 33.40
CA LEU C 630 -27.19 2.98 32.14
C LEU C 630 -27.59 4.44 32.44
N SER C 631 -28.67 4.52 33.18
CA SER C 631 -29.23 5.81 33.61
C SER C 631 -28.22 6.64 34.36
N ASP C 632 -27.59 5.99 35.32
CA ASP C 632 -26.60 6.65 36.19
C ASP C 632 -25.38 7.11 35.37
N LEU C 633 -24.88 6.18 34.57
CA LEU C 633 -23.75 6.48 33.67
C LEU C 633 -24.04 7.75 32.85
N MET C 634 -25.24 7.78 32.28
CA MET C 634 -25.66 8.87 31.33
C MET C 634 -26.13 10.17 32.02
N GLN C 635 -25.95 10.22 33.33
CA GLN C 635 -26.57 11.29 34.16
C GLN C 635 -26.09 12.68 33.67
N LEU C 636 -24.78 12.84 33.53
CA LEU C 636 -24.20 14.14 33.09
C LEU C 636 -24.56 14.51 31.63
N PRO C 637 -24.31 13.63 30.66
CA PRO C 637 -24.80 13.98 29.34
C PRO C 637 -26.34 14.22 29.27
N ASN C 638 -27.11 13.45 30.00
CA ASN C 638 -28.58 13.64 29.98
C ASN C 638 -29.04 14.99 30.58
N MET C 639 -28.32 15.44 31.59
CA MET C 639 -28.65 16.75 32.21
C MET C 639 -28.24 17.91 31.30
N ALA C 640 -27.04 17.83 30.73
CA ALA C 640 -26.59 18.78 29.69
C ALA C 640 -27.61 18.84 28.59
N TRP C 641 -28.03 17.65 28.19
CA TRP C 641 -28.99 17.50 27.09
C TRP C 641 -30.29 18.17 27.41
N ASP C 642 -30.80 17.84 28.58
CA ASP C 642 -32.13 18.32 28.98
C ASP C 642 -32.17 19.85 28.96
N THR C 643 -31.12 20.45 29.51
CA THR C 643 -31.03 21.94 29.55
C THR C 643 -30.86 22.52 28.13
N ILE C 644 -30.10 21.85 27.28
CA ILE C 644 -29.95 22.32 25.88
C ILE C 644 -31.25 22.29 25.13
N VAL C 645 -31.98 21.19 25.31
CA VAL C 645 -33.29 20.98 24.66
C VAL C 645 -34.30 22.07 25.07
N GLU C 646 -34.11 22.61 26.27
CA GLU C 646 -34.95 23.74 26.74
C GLU C 646 -34.71 25.01 25.94
N GLN C 647 -33.44 25.34 25.83
CA GLN C 647 -33.04 26.65 25.29
C GLN C 647 -33.29 26.78 23.79
N SER C 648 -33.11 25.67 23.11
CA SER C 648 -33.27 25.65 21.65
C SER C 648 -34.75 25.60 21.24
N THR C 649 -35.56 24.94 22.04
CA THR C 649 -37.02 24.82 21.72
C THR C 649 -37.79 26.11 22.05
N ALA C 650 -37.24 26.90 22.94
CA ALA C 650 -37.70 28.29 23.16
C ALA C 650 -37.43 29.16 21.90
N ASN C 651 -36.17 29.14 21.45
CA ASN C 651 -35.69 29.90 20.24
C ASN C 651 -34.58 29.19 19.45
N PRO C 652 -34.81 28.88 18.14
CA PRO C 652 -33.77 28.32 17.24
C PRO C 652 -32.54 29.21 16.99
N THR C 653 -32.21 30.00 18.01
CA THR C 653 -31.01 30.87 17.97
C THR C 653 -29.88 30.47 18.93
N LEU C 655 -28.26 28.04 19.72
CA LEU C 655 -27.64 27.01 18.87
C LEU C 655 -26.59 27.62 17.97
N LEU C 656 -26.83 28.85 17.61
CA LEU C 656 -25.87 29.65 16.82
C LEU C 656 -24.54 29.83 17.60
N ASP C 657 -24.53 29.29 18.80
CA ASP C 657 -23.40 29.43 19.66
C ASP C 657 -22.50 28.25 19.31
N SER C 658 -21.26 28.55 19.00
CA SER C 658 -20.29 27.49 18.71
C SER C 658 -20.04 26.60 19.94
N GLU C 659 -20.09 27.20 21.11
CA GLU C 659 -19.82 26.48 22.36
C GLU C 659 -20.89 25.41 22.62
N THR C 660 -22.10 25.85 22.33
CA THR C 660 -23.29 24.99 22.43
C THR C 660 -23.23 23.85 21.44
N VAL C 661 -22.77 24.17 20.26
CA VAL C 661 -22.68 23.19 19.18
C VAL C 661 -21.72 22.07 19.56
N LYS C 662 -20.61 22.48 20.15
CA LYS C 662 -19.61 21.52 20.57
C LYS C 662 -20.15 20.63 21.67
N ILE C 663 -20.80 21.25 22.63
CA ILE C 663 -21.46 20.55 23.73
C ILE C 663 -22.41 19.45 23.21
N ILE C 664 -23.25 19.84 22.29
CA ILE C 664 -24.24 18.92 21.72
C ILE C 664 -23.56 17.72 21.03
N ALA C 665 -22.56 18.08 20.24
CA ALA C 665 -21.77 17.12 19.49
C ALA C 665 -21.14 16.10 20.41
N ASN C 666 -20.67 16.60 21.56
CA ASN C 666 -20.01 15.72 22.53
C ASN C 666 -21.02 14.88 23.30
N ILE C 667 -22.21 15.42 23.46
CA ILE C 667 -23.31 14.64 24.09
C ILE C 667 -23.63 13.42 23.20
N ILE C 668 -23.80 13.71 21.93
CA ILE C 668 -24.20 12.66 20.97
C ILE C 668 -23.09 11.63 20.86
N LYS C 669 -21.87 12.15 20.80
CA LYS C 669 -20.69 11.30 20.64
C LYS C 669 -20.62 10.32 21.81
N THR C 670 -20.89 10.85 23.00
CA THR C 670 -20.91 10.01 24.22
C THR C 670 -21.96 8.94 24.11
N ASN C 671 -23.14 9.33 23.67
CA ASN C 671 -24.22 8.35 23.41
C ASN C 671 -23.75 7.25 22.41
N VAL C 672 -23.11 7.69 21.32
CA VAL C 672 -22.57 6.76 20.30
C VAL C 672 -21.59 5.76 20.95
N ALA C 673 -20.75 6.32 21.81
CA ALA C 673 -19.67 5.54 22.45
C ALA C 673 -20.28 4.41 23.27
N VAL C 674 -21.25 4.79 24.11
CA VAL C 674 -21.93 3.85 24.99
C VAL C 674 -22.78 2.87 24.19
N CYS C 675 -23.45 3.37 23.17
CA CYS C 675 -24.24 2.48 22.29
C CYS C 675 -23.37 1.37 21.64
N THR C 676 -22.16 1.77 21.29
CA THR C 676 -21.22 0.91 20.57
C THR C 676 -20.92 -0.34 21.38
N SER C 677 -20.62 -0.13 22.67
CA SER C 677 -20.35 -1.26 23.57
C SER C 677 -21.60 -1.94 24.09
N MET C 678 -22.68 -1.21 24.22
CA MET C 678 -23.89 -1.79 24.87
C MET C 678 -24.86 -2.40 23.87
N GLY C 679 -24.76 -1.97 22.63
CA GLY C 679 -25.61 -2.48 21.57
C GLY C 679 -27.09 -2.42 21.88
N ALA C 680 -27.72 -3.57 21.75
CA ALA C 680 -29.14 -3.74 22.01
C ALA C 680 -29.56 -3.22 23.38
N ASP C 681 -28.67 -3.32 24.34
CA ASP C 681 -29.00 -2.91 25.75
C ASP C 681 -29.18 -1.42 25.89
N PHE C 682 -28.72 -0.68 24.87
CA PHE C 682 -28.69 0.81 24.89
C PHE C 682 -30.08 1.40 24.73
N TYR C 683 -31.05 0.56 24.37
CA TYR C 683 -32.39 1.06 23.90
C TYR C 683 -33.06 2.09 24.84
N PRO C 684 -33.00 1.87 26.15
CA PRO C 684 -33.73 2.80 27.03
C PRO C 684 -33.20 4.20 27.01
N GLN C 685 -31.88 4.29 26.90
CA GLN C 685 -31.20 5.60 26.80
C GLN C 685 -31.53 6.26 25.46
N LEU C 686 -31.58 5.43 24.43
CA LEU C 686 -31.92 5.93 23.09
C LEU C 686 -33.30 6.60 23.11
N GLY C 687 -34.21 5.99 23.83
CA GLY C 687 -35.61 6.48 23.90
C GLY C 687 -35.73 7.77 24.69
N HIS C 688 -34.86 7.91 25.66
CA HIS C 688 -34.87 9.14 26.48
C HIS C 688 -34.61 10.33 25.60
N ILE C 689 -33.74 10.21 24.62
CA ILE C 689 -33.34 11.38 23.82
C ILE C 689 -33.97 11.42 22.40
N TYR C 690 -34.62 10.32 22.00
CA TYR C 690 -34.85 10.05 20.57
C TYR C 690 -35.62 11.18 19.85
N TYR C 691 -36.80 11.53 20.36
CA TYR C 691 -37.69 12.50 19.67
CA TYR C 691 -37.72 12.53 19.75
C TYR C 691 -37.08 13.91 19.66
N ASN C 692 -36.57 14.34 20.77
CA ASN C 692 -35.92 15.65 20.86
C ASN C 692 -34.68 15.70 19.96
N MET C 693 -34.04 14.54 19.82
CA MET C 693 -32.82 14.40 19.04
C MET C 693 -33.13 14.61 17.56
N LEU C 694 -34.27 14.07 17.14
CA LEU C 694 -34.72 14.19 15.72
C LEU C 694 -35.23 15.59 15.42
N GLN C 695 -35.80 16.21 16.44
CA GLN C 695 -36.19 17.61 16.34
C GLN C 695 -34.94 18.47 16.20
N LEU C 696 -33.96 18.16 17.01
CA LEU C 696 -32.69 18.92 17.00
C LEU C 696 -32.00 18.81 15.65
N TYR C 697 -32.02 17.60 15.11
CA TYR C 697 -31.56 17.30 13.72
C TYR C 697 -32.21 18.24 12.70
N ARG C 698 -33.52 18.41 12.85
CA ARG C 698 -34.30 19.34 11.98
C ARG C 698 -33.86 20.78 12.18
N ALA C 699 -33.86 21.21 13.43
CA ALA C 699 -33.44 22.58 13.79
C ALA C 699 -32.09 22.92 13.15
N VAL C 700 -31.13 22.05 13.42
CA VAL C 700 -29.75 22.16 12.87
C VAL C 700 -29.72 22.15 11.32
N SER C 701 -30.49 21.25 10.74
CA SER C 701 -30.63 21.22 9.27
C SER C 701 -31.02 22.62 8.75
N SER C 702 -31.96 23.25 9.44
CA SER C 702 -32.51 24.58 9.02
C SER C 702 -31.43 25.63 9.03
N MET C 703 -30.64 25.58 10.10
CA MET C 703 -29.47 26.48 10.28
C MET C 703 -28.47 26.36 9.12
N ILE C 704 -28.18 25.13 8.76
CA ILE C 704 -27.17 24.85 7.72
C ILE C 704 -27.65 25.45 6.38
N SER C 705 -28.89 25.14 6.03
CA SER C 705 -29.53 25.71 4.81
C SER C 705 -29.54 27.24 4.82
N ALA C 706 -29.97 27.79 5.93
CA ALA C 706 -30.03 29.26 6.12
C ALA C 706 -28.66 29.86 5.90
N GLN C 707 -27.69 29.23 6.51
CA GLN C 707 -26.30 29.66 6.41
C GLN C 707 -25.78 29.61 4.95
N VAL C 708 -26.11 28.55 4.25
CA VAL C 708 -25.68 28.44 2.83
C VAL C 708 -26.34 29.54 1.97
N ALA C 709 -27.58 29.84 2.30
CA ALA C 709 -28.35 30.79 1.52
C ALA C 709 -27.75 32.17 1.71
N ALA C 710 -27.47 32.47 2.97
CA ALA C 710 -26.94 33.81 3.36
C ALA C 710 -25.46 34.00 2.98
N GLU C 711 -24.67 32.94 3.04
CA GLU C 711 -23.20 33.07 2.81
C GLU C 711 -22.63 32.42 1.57
N GLY C 712 -23.43 31.62 0.91
CA GLY C 712 -22.90 30.82 -0.20
C GLY C 712 -22.41 29.45 0.19
N LEU C 713 -22.04 28.68 -0.82
CA LEU C 713 -21.53 27.29 -0.62
C LEU C 713 -20.34 27.25 0.34
N ILE C 714 -19.63 28.36 0.33
CA ILE C 714 -18.41 28.50 1.12
C ILE C 714 -18.76 28.29 2.60
N ALA C 715 -19.99 28.62 2.96
CA ALA C 715 -20.52 28.38 4.32
C ALA C 715 -20.16 26.98 4.84
N THR C 716 -20.20 26.01 3.93
CA THR C 716 -19.97 24.60 4.29
C THR C 716 -18.58 24.32 4.81
N LYS C 717 -17.67 25.23 4.53
CA LYS C 717 -16.27 25.12 4.98
C LYS C 717 -16.06 25.66 6.34
N THR C 718 -16.97 26.52 6.74
CA THR C 718 -16.82 27.25 7.98
C THR C 718 -16.85 26.32 9.20
N PRO C 719 -16.13 26.68 10.26
CA PRO C 719 -16.21 25.94 11.51
C PRO C 719 -17.64 25.79 12.02
N LYS C 720 -18.39 26.86 11.95
CA LYS C 720 -19.80 26.82 12.39
C LYS C 720 -20.60 25.71 11.73
N VAL C 721 -20.57 25.73 10.41
CA VAL C 721 -21.38 24.80 9.60
C VAL C 721 -20.84 23.36 9.74
N ARG C 722 -19.53 23.22 9.75
CA ARG C 722 -18.91 21.89 9.90
C ARG C 722 -19.40 21.32 11.24
N GLY C 723 -19.40 22.17 12.23
CA GLY C 723 -19.91 21.85 13.58
C GLY C 723 -21.38 21.38 13.58
N LEU C 724 -22.21 22.16 12.89
CA LEU C 724 -23.64 21.77 12.80
C LEU C 724 -23.80 20.42 12.10
N ARG C 725 -22.98 20.17 11.11
CA ARG C 725 -23.05 18.92 10.37
C ARG C 725 -22.55 17.74 11.20
N THR C 726 -21.54 18.01 12.00
CA THR C 726 -21.05 17.01 12.94
C THR C 726 -22.21 16.52 13.82
N ILE C 727 -23.06 17.43 14.25
CA ILE C 727 -24.26 17.04 15.01
C ILE C 727 -25.13 16.05 14.22
N LYS C 728 -25.41 16.41 12.99
CA LYS C 728 -26.24 15.60 12.10
C LYS C 728 -25.60 14.23 11.90
N LYS C 729 -24.30 14.25 11.71
CA LYS C 729 -23.56 13.02 11.39
C LYS C 729 -23.52 12.09 12.60
N GLU C 730 -23.32 12.70 13.74
CA GLU C 730 -23.24 11.89 14.97
C GLU C 730 -24.61 11.29 15.30
N ILE C 731 -25.65 12.08 15.05
CA ILE C 731 -27.05 11.61 15.19
C ILE C 731 -27.25 10.39 14.29
N LEU C 732 -26.82 10.53 13.06
CA LEU C 732 -26.99 9.46 12.04
C LEU C 732 -26.19 8.21 12.52
N LYS C 733 -25.01 8.48 13.04
CA LYS C 733 -24.10 7.42 13.50
C LYS C 733 -24.71 6.66 14.69
N LEU C 734 -25.29 7.43 15.57
CA LEU C 734 -25.93 6.83 16.75
C LEU C 734 -27.04 5.85 16.36
N VAL C 735 -27.90 6.32 15.49
CA VAL C 735 -29.08 5.51 15.05
C VAL C 735 -28.60 4.27 14.25
N GLU C 736 -27.61 4.49 13.42
CA GLU C 736 -27.02 3.41 12.63
C GLU C 736 -26.44 2.33 13.55
N THR C 737 -25.66 2.82 14.50
CA THR C 737 -24.99 1.93 15.48
C THR C 737 -26.05 1.09 16.16
N TYR C 738 -27.07 1.76 16.66
CA TYR C 738 -28.10 1.07 17.44
C TYR C 738 -28.83 0.04 16.55
N ILE C 739 -29.30 0.48 15.41
CA ILE C 739 -30.05 -0.41 14.49
C ILE C 739 -29.21 -1.64 14.05
N SER C 740 -27.93 -1.44 13.82
CA SER C 740 -27.01 -2.54 13.41
C SER C 740 -26.92 -3.65 14.46
N LYS C 741 -27.09 -3.27 15.73
CA LYS C 741 -27.04 -4.24 16.86
C LYS C 741 -28.38 -4.62 17.49
N ALA C 742 -29.43 -4.00 16.97
CA ALA C 742 -30.76 -4.10 17.62
C ALA C 742 -31.24 -5.53 17.60
N ARG C 743 -31.86 -5.94 18.69
CA ARG C 743 -32.37 -7.33 18.83
C ARG C 743 -33.88 -7.38 18.68
N ASN C 744 -34.50 -6.28 19.09
CA ASN C 744 -35.95 -6.09 18.94
C ASN C 744 -36.25 -5.24 17.70
N LEU C 745 -36.43 -5.95 16.61
CA LEU C 745 -36.67 -5.36 15.31
C LEU C 745 -38.04 -4.70 15.23
N ASP C 746 -38.97 -5.14 16.06
CA ASP C 746 -40.35 -4.59 16.00
C ASP C 746 -40.39 -3.13 16.46
N ASP C 747 -39.67 -2.87 17.53
CA ASP C 747 -39.53 -1.49 18.04
C ASP C 747 -38.78 -0.62 17.04
N VAL C 748 -37.77 -1.19 16.40
CA VAL C 748 -37.03 -0.44 15.37
C VAL C 748 -38.02 0.14 14.35
N VAL C 749 -38.84 -0.76 13.86
CA VAL C 749 -39.80 -0.46 12.79
C VAL C 749 -40.93 0.43 13.30
N LYS C 750 -41.52 0.02 14.41
CA LYS C 750 -42.70 0.75 14.97
C LYS C 750 -42.39 2.09 15.61
N VAL C 751 -41.22 2.17 16.22
CA VAL C 751 -40.85 3.35 17.02
C VAL C 751 -39.79 4.25 16.38
N LEU C 752 -38.76 3.63 15.82
CA LEU C 752 -37.58 4.39 15.32
C LEU C 752 -37.68 4.86 13.87
N VAL C 753 -38.13 3.96 13.01
CA VAL C 753 -38.00 4.15 11.52
C VAL C 753 -38.78 5.32 10.90
N GLU C 754 -40.09 5.42 11.20
CA GLU C 754 -40.94 6.51 10.65
CA GLU C 754 -40.96 6.52 10.68
C GLU C 754 -40.41 7.92 11.01
N PRO C 755 -40.18 8.19 12.29
CA PRO C 755 -39.65 9.51 12.58
C PRO C 755 -38.27 9.74 11.94
N LEU C 756 -37.44 8.69 11.94
CA LEU C 756 -36.09 8.79 11.28
C LEU C 756 -36.26 9.25 9.84
N LEU C 757 -37.04 8.49 9.11
CA LEU C 757 -37.24 8.74 7.66
C LEU C 757 -37.75 10.15 7.46
N ASN C 758 -38.71 10.50 8.29
CA ASN C 758 -39.40 11.81 8.21
C ASN C 758 -38.37 12.92 8.46
N ALA C 759 -37.51 12.70 9.43
CA ALA C 759 -36.46 13.68 9.79
C ALA C 759 -35.35 13.87 8.74
N VAL C 760 -34.95 12.79 8.09
CA VAL C 760 -33.67 12.82 7.30
C VAL C 760 -33.79 12.86 5.76
N LEU C 761 -34.84 12.24 5.24
CA LEU C 761 -34.93 11.98 3.77
C LEU C 761 -35.15 13.26 2.96
N GLU C 762 -36.17 13.97 3.34
CA GLU C 762 -36.58 15.18 2.61
C GLU C 762 -35.48 16.19 2.70
N ASP C 763 -34.94 16.31 3.91
CA ASP C 763 -33.78 17.17 4.13
C ASP C 763 -32.60 16.87 3.19
N TYR C 764 -32.30 15.61 3.02
CA TYR C 764 -31.22 15.21 2.10
C TYR C 764 -31.57 15.57 0.66
N MET C 765 -32.72 15.10 0.22
CA MET C 765 -33.27 15.39 -1.10
C MET C 765 -33.28 16.87 -1.47
N ASN C 766 -33.73 17.67 -0.52
CA ASN C 766 -33.96 19.11 -0.76
C ASN C 766 -32.85 20.08 -0.41
N ASN C 767 -31.72 19.51 0.00
CA ASN C 767 -30.47 20.30 0.12
C ASN C 767 -29.67 20.40 -1.18
N VAL C 768 -28.90 21.48 -1.31
CA VAL C 768 -27.93 21.55 -2.41
C VAL C 768 -26.88 20.43 -2.22
N PRO C 769 -26.35 19.87 -3.30
CA PRO C 769 -25.41 18.75 -3.28
C PRO C 769 -24.31 18.83 -2.22
N ASP C 770 -23.73 20.00 -2.10
CA ASP C 770 -22.61 20.19 -1.14
C ASP C 770 -23.01 20.17 0.32
N ALA C 771 -24.30 20.17 0.56
CA ALA C 771 -24.85 20.20 1.92
C ALA C 771 -25.35 18.84 2.38
N ARG C 772 -25.36 17.94 1.43
CA ARG C 772 -25.84 16.56 1.64
C ARG C 772 -24.79 15.67 2.33
N ASP C 773 -25.20 15.08 3.44
CA ASP C 773 -24.35 14.17 4.18
C ASP C 773 -24.44 12.74 3.63
N ALA C 774 -23.27 12.17 3.29
CA ALA C 774 -23.20 10.78 2.76
C ALA C 774 -23.63 9.80 3.81
N GLU C 775 -23.48 10.23 5.04
CA GLU C 775 -23.84 9.46 6.25
C GLU C 775 -25.32 9.09 6.28
N VAL C 776 -26.14 9.93 5.68
CA VAL C 776 -27.58 9.59 5.50
C VAL C 776 -27.68 8.29 4.73
N LEU C 777 -26.94 8.22 3.62
CA LEU C 777 -26.94 7.04 2.76
C LEU C 777 -26.51 5.82 3.59
N ASN C 778 -25.47 6.04 4.37
CA ASN C 778 -24.88 4.98 5.18
C ASN C 778 -25.89 4.49 6.18
N CYS C 779 -26.58 5.41 6.80
CA CYS C 779 -27.61 5.05 7.81
C CYS C 779 -28.69 4.15 7.20
N MET C 780 -29.11 4.56 6.03
CA MET C 780 -30.25 3.93 5.31
C MET C 780 -29.91 2.50 4.92
N THR C 781 -28.64 2.31 4.55
CA THR C 781 -28.13 0.94 4.26
C THR C 781 -28.39 -0.02 5.44
N THR C 782 -27.95 0.42 6.61
CA THR C 782 -28.15 -0.38 7.86
C THR C 782 -29.64 -0.58 8.09
N VAL C 783 -30.40 0.48 7.90
CA VAL C 783 -31.85 0.35 8.10
C VAL C 783 -32.43 -0.74 7.17
N VAL C 784 -32.12 -0.62 5.88
CA VAL C 784 -32.58 -1.61 4.88
C VAL C 784 -32.06 -3.02 5.20
N GLU C 785 -30.78 -3.10 5.46
CA GLU C 785 -30.13 -4.36 5.88
C GLU C 785 -30.91 -5.07 7.00
N LYS C 786 -31.28 -4.32 8.03
CA LYS C 786 -31.85 -4.94 9.27
C LYS C 786 -33.33 -5.14 9.27
N VAL C 787 -34.04 -4.13 8.80
CA VAL C 787 -35.51 -4.22 8.79
C VAL C 787 -36.18 -3.97 7.41
N GLY C 788 -35.37 -3.98 6.37
CA GLY C 788 -35.85 -3.72 5.00
C GLY C 788 -37.03 -4.58 4.58
N HIS C 789 -36.94 -5.85 4.96
CA HIS C 789 -38.00 -6.84 4.70
C HIS C 789 -39.31 -6.49 5.38
N MET C 790 -39.22 -5.72 6.45
CA MET C 790 -40.41 -5.30 7.23
C MET C 790 -40.98 -3.92 6.83
N ILE C 791 -40.28 -3.19 5.97
CA ILE C 791 -40.73 -1.83 5.55
C ILE C 791 -40.79 -1.54 4.02
N PRO C 792 -41.51 -2.36 3.26
CA PRO C 792 -41.52 -2.12 1.81
C PRO C 792 -41.75 -0.66 1.40
N GLN C 793 -42.71 -0.03 2.04
CA GLN C 793 -43.08 1.34 1.65
C GLN C 793 -41.97 2.31 2.02
N GLY C 794 -41.41 2.09 3.20
CA GLY C 794 -40.21 2.84 3.65
C GLY C 794 -39.04 2.78 2.67
N VAL C 795 -38.80 1.58 2.17
CA VAL C 795 -37.69 1.35 1.22
C VAL C 795 -37.93 2.18 -0.01
N ILE C 796 -39.16 2.12 -0.50
CA ILE C 796 -39.60 2.97 -1.64
C ILE C 796 -39.32 4.44 -1.37
N LEU C 797 -39.69 4.88 -0.19
CA LEU C 797 -39.49 6.28 0.25
C LEU C 797 -38.02 6.69 0.21
N ILE C 798 -37.18 5.81 0.77
CA ILE C 798 -35.71 5.98 0.79
C ILE C 798 -35.19 6.17 -0.65
N LEU C 799 -35.62 5.30 -1.52
CA LEU C 799 -35.18 5.38 -2.92
C LEU C 799 -35.59 6.70 -3.57
N GLN C 800 -36.87 7.02 -3.43
CA GLN C 800 -37.44 8.22 -4.06
C GLN C 800 -36.64 9.42 -3.65
N SER C 801 -36.25 9.43 -2.39
CA SER C 801 -35.62 10.60 -1.80
C SER C 801 -34.13 10.76 -2.11
N VAL C 802 -33.44 9.67 -2.39
CA VAL C 802 -31.94 9.70 -2.56
C VAL C 802 -31.39 9.19 -3.89
N PHE C 803 -32.17 8.36 -4.56
CA PHE C 803 -31.68 7.70 -5.75
C PHE C 803 -31.26 8.70 -6.83
N GLU C 804 -32.22 9.40 -7.38
CA GLU C 804 -31.94 10.30 -8.54
C GLU C 804 -31.06 11.48 -8.19
N CYS C 805 -31.31 12.08 -7.06
CA CYS C 805 -30.50 13.25 -6.67
C CYS C 805 -29.02 12.84 -6.42
N THR C 806 -28.81 11.66 -5.83
CA THR C 806 -27.43 11.16 -5.60
C THR C 806 -26.76 10.76 -6.90
N LEU C 807 -27.51 10.04 -7.71
CA LEU C 807 -27.01 9.63 -9.03
C LEU C 807 -26.48 10.82 -9.81
N ASP C 808 -27.26 11.90 -9.82
CA ASP C 808 -26.86 13.14 -10.52
C ASP C 808 -25.58 13.85 -9.99
N MET C 809 -25.28 13.67 -8.73
CA MET C 809 -24.01 14.12 -8.11
C MET C 809 -22.77 13.37 -8.64
N ILE C 810 -22.93 12.07 -8.83
CA ILE C 810 -21.79 11.14 -9.09
C ILE C 810 -21.63 10.70 -10.55
N ASN C 811 -22.48 11.20 -11.42
CA ASN C 811 -22.49 10.73 -12.84
C ASN C 811 -21.90 11.68 -13.89
N LYS C 812 -21.10 12.60 -13.40
CA LYS C 812 -20.40 13.56 -14.27
C LYS C 812 -18.94 13.15 -14.46
N ASP C 813 -18.44 12.54 -13.41
CA ASP C 813 -17.06 12.00 -13.40
C ASP C 813 -16.96 10.97 -12.34
N PHE C 814 -15.77 10.39 -12.24
CA PHE C 814 -15.53 9.30 -11.26
C PHE C 814 -14.99 9.75 -9.89
N THR C 815 -14.76 11.04 -9.77
CA THR C 815 -13.98 11.56 -8.62
C THR C 815 -14.78 12.42 -7.63
N GLU C 816 -15.70 13.23 -8.13
CA GLU C 816 -16.44 14.11 -7.23
C GLU C 816 -17.34 13.34 -6.23
N TYR C 817 -17.49 13.92 -5.04
CA TYR C 817 -18.33 13.32 -3.95
C TYR C 817 -18.00 11.82 -3.75
N PRO C 818 -16.73 11.52 -3.42
CA PRO C 818 -16.25 10.14 -3.25
C PRO C 818 -16.98 9.33 -2.18
N GLU C 819 -17.36 9.96 -1.08
CA GLU C 819 -18.06 9.19 -0.04
C GLU C 819 -19.49 8.84 -0.48
N HIS C 820 -20.15 9.79 -1.13
CA HIS C 820 -21.54 9.61 -1.61
C HIS C 820 -21.62 8.44 -2.54
N ARG C 821 -20.67 8.47 -3.45
CA ARG C 821 -20.45 7.43 -4.47
C ARG C 821 -20.39 6.03 -3.88
N VAL C 822 -19.53 5.90 -2.89
CA VAL C 822 -19.33 4.61 -2.24
C VAL C 822 -20.57 4.20 -1.46
N GLU C 823 -21.08 5.11 -0.66
CA GLU C 823 -22.29 4.80 0.15
C GLU C 823 -23.52 4.54 -0.77
N PHE C 824 -23.58 5.31 -1.83
CA PHE C 824 -24.69 5.18 -2.80
C PHE C 824 -24.81 3.75 -3.28
N TYR C 825 -23.71 3.17 -3.74
CA TYR C 825 -23.77 1.79 -4.32
C TYR C 825 -23.97 0.69 -3.26
N LYS C 826 -23.48 0.95 -2.08
CA LYS C 826 -23.79 0.05 -0.95
C LYS C 826 -25.31 0.00 -0.65
N LEU C 827 -25.93 1.16 -0.73
CA LEU C 827 -27.37 1.29 -0.45
C LEU C 827 -28.13 0.50 -1.51
N LEU C 828 -27.88 0.83 -2.79
CA LEU C 828 -28.50 0.13 -3.89
C LEU C 828 -28.29 -1.38 -3.75
N LYS C 829 -27.09 -1.76 -3.38
CA LYS C 829 -26.77 -3.22 -3.21
C LYS C 829 -27.72 -3.92 -2.26
N VAL C 830 -27.85 -3.35 -1.09
CA VAL C 830 -28.66 -3.99 -0.04
C VAL C 830 -30.15 -3.93 -0.36
N ILE C 831 -30.57 -2.83 -1.00
CA ILE C 831 -31.97 -2.72 -1.47
C ILE C 831 -32.27 -3.81 -2.48
N ASN C 832 -31.33 -3.97 -3.41
CA ASN C 832 -31.49 -4.96 -4.48
C ASN C 832 -31.56 -6.40 -3.92
N GLU C 833 -30.73 -6.65 -2.92
CA GLU C 833 -30.70 -7.93 -2.15
C GLU C 833 -31.97 -8.21 -1.35
N LYS C 834 -32.36 -7.23 -0.55
CA LYS C 834 -33.37 -7.47 0.49
C LYS C 834 -34.77 -7.00 0.14
N SER C 835 -34.85 -6.02 -0.72
CA SER C 835 -36.11 -5.35 -1.03
CA SER C 835 -36.10 -5.35 -1.04
C SER C 835 -36.27 -5.09 -2.52
N PHE C 836 -35.99 -6.11 -3.29
CA PHE C 836 -36.05 -6.00 -4.76
C PHE C 836 -37.32 -5.37 -5.24
N ALA C 837 -38.39 -5.62 -4.50
CA ALA C 837 -39.73 -5.15 -4.88
C ALA C 837 -39.73 -3.62 -5.11
N ALA C 838 -38.89 -2.94 -4.34
CA ALA C 838 -38.80 -1.48 -4.43
C ALA C 838 -38.41 -1.05 -5.86
N PHE C 839 -37.54 -1.83 -6.47
CA PHE C 839 -37.10 -1.49 -7.84
C PHE C 839 -38.20 -1.82 -8.85
N LEU C 840 -38.95 -2.89 -8.58
CA LEU C 840 -40.16 -3.25 -9.42
C LEU C 840 -41.19 -2.14 -9.47
N GLU C 841 -41.24 -1.33 -8.41
CA GLU C 841 -42.25 -0.24 -8.31
C GLU C 841 -41.80 1.02 -9.03
N LEU C 842 -40.51 1.13 -9.26
CA LEU C 842 -39.96 2.32 -9.93
C LEU C 842 -40.65 2.52 -11.27
N PRO C 843 -40.88 3.80 -11.66
CA PRO C 843 -41.29 4.07 -13.04
C PRO C 843 -40.22 3.59 -14.04
N PRO C 844 -40.62 3.19 -15.25
CA PRO C 844 -39.66 2.75 -16.25
C PRO C 844 -38.48 3.67 -16.43
N ALA C 845 -38.71 4.98 -16.36
CA ALA C 845 -37.58 5.98 -16.53
C ALA C 845 -36.54 5.82 -15.40
N ALA C 846 -37.06 5.61 -14.21
CA ALA C 846 -36.19 5.50 -13.04
C ALA C 846 -35.43 4.19 -13.07
N PHE C 847 -36.10 3.15 -13.53
CA PHE C 847 -35.49 1.84 -13.64
C PHE C 847 -34.31 1.86 -14.65
N LYS C 848 -34.48 2.64 -15.70
CA LYS C 848 -33.44 2.81 -16.77
C LYS C 848 -32.20 3.48 -16.17
N LEU C 849 -32.47 4.51 -15.40
CA LEU C 849 -31.38 5.19 -14.63
C LEU C 849 -30.69 4.20 -13.67
N PHE C 850 -31.48 3.28 -13.11
CA PHE C 850 -30.92 2.24 -12.22
C PHE C 850 -29.89 1.38 -12.97
N VAL C 851 -30.29 0.98 -14.16
CA VAL C 851 -29.44 0.16 -15.03
C VAL C 851 -28.19 0.96 -15.39
N ASP C 852 -28.40 2.20 -15.81
CA ASP C 852 -27.29 3.13 -16.03
C ASP C 852 -26.34 3.19 -14.85
N ALA C 853 -26.94 3.35 -13.68
CA ALA C 853 -26.18 3.50 -12.43
C ALA C 853 -25.25 2.31 -12.19
N ILE C 854 -25.79 1.14 -12.42
CA ILE C 854 -25.04 -0.11 -12.28
C ILE C 854 -23.80 -0.11 -13.19
N CYS C 855 -24.05 0.12 -14.46
CA CYS C 855 -22.97 0.10 -15.49
C CYS C 855 -21.93 1.14 -15.26
N TRP C 856 -22.40 2.32 -14.94
CA TRP C 856 -21.49 3.38 -14.53
C TRP C 856 -20.57 2.88 -13.43
N ALA C 857 -21.14 2.19 -12.43
CA ALA C 857 -20.34 1.61 -11.35
C ALA C 857 -19.22 0.70 -11.90
N PHE C 858 -19.55 -0.15 -12.87
CA PHE C 858 -18.54 -1.06 -13.52
C PHE C 858 -17.31 -0.31 -13.97
N LYS C 859 -17.54 0.91 -14.37
CA LYS C 859 -16.49 1.62 -15.14
C LYS C 859 -15.54 2.35 -14.23
N HIS C 860 -15.87 2.33 -12.96
CA HIS C 860 -15.00 2.87 -11.93
C HIS C 860 -13.78 2.03 -11.80
N ASN C 861 -12.72 2.71 -11.47
CA ASN C 861 -11.49 2.03 -11.06
C ASN C 861 -11.39 1.88 -9.55
N ASN C 862 -12.06 2.78 -8.89
CA ASN C 862 -12.20 2.71 -7.44
C ASN C 862 -12.85 1.37 -7.11
N ARG C 863 -12.12 0.54 -6.38
CA ARG C 863 -12.56 -0.88 -6.11
C ARG C 863 -13.83 -0.96 -5.28
N ASP C 864 -13.98 -0.03 -4.35
CA ASP C 864 -15.18 -0.01 -3.47
CA ASP C 864 -15.17 0.05 -3.47
C ASP C 864 -16.44 0.09 -4.35
N VAL C 865 -16.41 1.02 -5.28
CA VAL C 865 -17.53 1.18 -6.24
C VAL C 865 -17.69 -0.01 -7.22
N GLU C 866 -16.59 -0.35 -7.86
CA GLU C 866 -16.57 -1.35 -8.97
C GLU C 866 -17.15 -2.70 -8.53
N VAL C 867 -16.70 -3.12 -7.35
CA VAL C 867 -17.00 -4.46 -6.85
C VAL C 867 -18.50 -4.53 -6.62
N ASN C 868 -19.02 -3.50 -5.97
CA ASN C 868 -20.49 -3.39 -5.70
C ASN C 868 -21.33 -3.33 -6.98
N GLY C 869 -20.85 -2.55 -7.91
CA GLY C 869 -21.44 -2.49 -9.26
C GLY C 869 -21.65 -3.88 -9.85
N LEU C 870 -20.58 -4.63 -9.86
CA LEU C 870 -20.57 -5.97 -10.49
C LEU C 870 -21.54 -6.93 -9.75
N GLN C 871 -21.52 -6.81 -8.44
CA GLN C 871 -22.36 -7.62 -7.54
C GLN C 871 -23.83 -7.30 -7.73
N ILE C 872 -24.10 -6.01 -7.82
CA ILE C 872 -25.49 -5.56 -7.99
C ILE C 872 -26.03 -6.13 -9.32
N ALA C 873 -25.16 -6.05 -10.33
CA ALA C 873 -25.50 -6.51 -11.70
C ALA C 873 -25.87 -7.99 -11.66
N LEU C 874 -25.02 -8.74 -10.99
CA LEU C 874 -25.20 -10.19 -10.84
C LEU C 874 -26.47 -10.54 -10.05
N ASP C 875 -26.66 -9.83 -8.94
CA ASP C 875 -27.90 -9.98 -8.11
C ASP C 875 -29.17 -9.62 -8.85
N LEU C 876 -29.04 -8.53 -9.60
CA LEU C 876 -30.17 -8.09 -10.42
C LEU C 876 -30.62 -9.18 -11.42
N VAL C 877 -29.64 -9.83 -12.03
CA VAL C 877 -29.88 -10.83 -13.07
C VAL C 877 -30.59 -12.00 -12.41
N LYS C 878 -30.03 -12.40 -11.27
CA LYS C 878 -30.66 -13.43 -10.42
C LYS C 878 -32.07 -13.02 -10.03
N ASN C 879 -32.24 -11.77 -9.56
CA ASN C 879 -33.58 -11.30 -9.12
C ASN C 879 -34.61 -11.48 -10.23
N ILE C 880 -34.20 -11.03 -11.41
CA ILE C 880 -35.00 -11.14 -12.64
C ILE C 880 -35.31 -12.58 -13.01
N GLU C 881 -34.29 -13.42 -12.91
CA GLU C 881 -34.45 -14.85 -13.27
C GLU C 881 -35.49 -15.51 -12.41
N ARG C 882 -35.38 -15.16 -11.14
CA ARG C 882 -36.20 -15.70 -10.04
C ARG C 882 -37.69 -15.45 -10.26
N MET C 883 -37.99 -14.39 -11.00
CA MET C 883 -39.40 -13.98 -11.29
C MET C 883 -40.15 -14.90 -12.26
N GLY C 884 -39.36 -15.64 -13.01
CA GLY C 884 -39.89 -16.52 -14.04
C GLY C 884 -40.42 -15.78 -15.25
N ASN C 885 -41.05 -16.55 -16.12
CA ASN C 885 -41.65 -16.01 -17.37
C ASN C 885 -42.85 -15.16 -17.03
N VAL C 886 -42.56 -13.92 -16.70
CA VAL C 886 -43.60 -12.86 -16.46
C VAL C 886 -43.20 -11.61 -17.24
N PRO C 887 -44.15 -10.70 -17.48
CA PRO C 887 -43.87 -9.55 -18.35
C PRO C 887 -42.69 -8.69 -17.96
N PHE C 888 -42.54 -8.47 -16.67
CA PHE C 888 -41.44 -7.62 -16.19
C PHE C 888 -40.06 -8.22 -16.55
N ALA C 889 -39.95 -9.52 -16.35
CA ALA C 889 -38.72 -10.25 -16.65
C ALA C 889 -38.41 -10.18 -18.16
N ASN C 890 -39.47 -10.40 -18.92
CA ASN C 890 -39.43 -10.37 -20.38
C ASN C 890 -39.01 -9.03 -20.92
N GLU C 891 -39.60 -7.99 -20.37
CA GLU C 891 -39.27 -6.61 -20.77
C GLU C 891 -37.84 -6.28 -20.42
N PHE C 892 -37.46 -6.76 -19.25
CA PHE C 892 -36.14 -6.47 -18.74
C PHE C 892 -35.09 -6.98 -19.68
N HIS C 893 -35.24 -8.23 -20.05
CA HIS C 893 -34.30 -8.83 -21.00
C HIS C 893 -34.31 -8.15 -22.34
N LYS C 894 -35.49 -7.88 -22.85
CA LYS C 894 -35.62 -7.18 -24.14
C LYS C 894 -34.90 -5.83 -24.11
N ASN C 895 -35.02 -5.11 -23.02
CA ASN C 895 -34.44 -3.74 -22.94
C ASN C 895 -32.99 -3.69 -22.57
N TYR C 896 -32.57 -4.69 -21.82
CA TYR C 896 -31.32 -4.60 -21.02
C TYR C 896 -30.30 -5.73 -21.11
N PHE C 897 -30.73 -6.90 -21.56
CA PHE C 897 -29.81 -8.07 -21.64
C PHE C 897 -28.56 -7.70 -22.43
N PHE C 898 -28.74 -7.09 -23.57
CA PHE C 898 -27.58 -6.74 -24.42
C PHE C 898 -26.81 -5.57 -23.91
N ILE C 899 -27.49 -4.68 -23.19
CA ILE C 899 -26.76 -3.56 -22.54
C ILE C 899 -25.77 -4.13 -21.53
N PHE C 900 -26.22 -5.10 -20.76
CA PHE C 900 -25.34 -5.68 -19.74
C PHE C 900 -24.19 -6.48 -20.38
N VAL C 901 -24.53 -7.17 -21.46
CA VAL C 901 -23.54 -8.03 -22.12
C VAL C 901 -22.40 -7.14 -22.68
N SER C 902 -22.79 -6.07 -23.31
CA SER C 902 -21.82 -5.20 -24.00
C SER C 902 -21.03 -4.36 -23.03
N GLU C 903 -21.71 -3.86 -22.02
CA GLU C 903 -21.02 -3.10 -20.94
C GLU C 903 -19.97 -3.95 -20.23
N THR C 904 -20.32 -5.20 -20.02
CA THR C 904 -19.44 -6.14 -19.30
C THR C 904 -18.23 -6.42 -20.18
N PHE C 905 -18.50 -6.71 -21.43
CA PHE C 905 -17.43 -6.87 -22.46
C PHE C 905 -16.49 -5.68 -22.57
N PHE C 906 -17.08 -4.50 -22.66
CA PHE C 906 -16.32 -3.24 -22.71
C PHE C 906 -15.26 -3.12 -21.58
N VAL C 907 -15.69 -3.30 -20.32
CA VAL C 907 -14.74 -3.24 -19.14
C VAL C 907 -13.76 -4.40 -19.09
N LEU C 908 -14.19 -5.55 -19.53
CA LEU C 908 -13.27 -6.70 -19.69
C LEU C 908 -12.12 -6.39 -20.63
N THR C 909 -12.45 -5.70 -21.71
CA THR C 909 -11.51 -5.54 -22.82
C THR C 909 -10.79 -4.19 -22.92
N ASP C 910 -11.02 -3.26 -22.01
CA ASP C 910 -10.40 -1.92 -22.22
C ASP C 910 -9.07 -1.74 -21.55
N SER C 911 -8.64 -2.77 -20.87
CA SER C 911 -7.33 -2.72 -20.19
C SER C 911 -7.27 -1.78 -19.00
N ASP C 912 -8.40 -1.22 -18.61
CA ASP C 912 -8.39 -0.26 -17.50
C ASP C 912 -9.14 -0.73 -16.28
N HIS C 913 -9.62 -1.97 -16.33
CA HIS C 913 -10.42 -2.50 -15.22
C HIS C 913 -9.96 -3.85 -14.77
N LYS C 914 -8.65 -4.00 -14.78
CA LYS C 914 -8.04 -5.35 -14.65
C LYS C 914 -8.36 -6.00 -13.30
N SER C 915 -8.49 -5.16 -12.29
CA SER C 915 -8.89 -5.62 -10.93
C SER C 915 -10.26 -6.34 -10.90
N GLY C 916 -11.13 -5.99 -11.84
CA GLY C 916 -12.49 -6.58 -11.85
C GLY C 916 -12.67 -7.85 -12.64
N PHE C 917 -11.58 -8.33 -13.19
CA PHE C 917 -11.62 -9.45 -14.18
C PHE C 917 -12.53 -10.61 -13.75
N SER C 918 -12.32 -11.03 -12.53
CA SER C 918 -13.03 -12.22 -12.00
C SER C 918 -14.52 -12.06 -11.98
N LYS C 919 -14.93 -10.91 -11.50
CA LYS C 919 -16.36 -10.69 -11.29
C LYS C 919 -17.03 -10.35 -12.60
N GLN C 920 -16.29 -9.64 -13.42
CA GLN C 920 -16.72 -9.40 -14.83
C GLN C 920 -17.03 -10.75 -15.54
N ALA C 921 -16.09 -11.68 -15.36
CA ALA C 921 -16.12 -13.00 -16.01
C ALA C 921 -17.35 -13.73 -15.52
N LEU C 922 -17.52 -13.69 -14.21
CA LEU C 922 -18.67 -14.33 -13.57
C LEU C 922 -19.96 -13.81 -14.19
N LEU C 923 -20.08 -12.50 -14.21
CA LEU C 923 -21.31 -11.83 -14.70
C LEU C 923 -21.59 -12.22 -16.16
N LEU C 924 -20.51 -12.15 -16.94
CA LEU C 924 -20.59 -12.47 -18.35
C LEU C 924 -21.05 -13.89 -18.52
N MET C 925 -20.47 -14.78 -17.72
CA MET C 925 -20.75 -16.20 -17.81
C MET C 925 -22.22 -16.43 -17.46
N LYS C 926 -22.64 -15.79 -16.40
CA LYS C 926 -24.06 -15.90 -16.04
C LYS C 926 -25.00 -15.45 -17.21
N LEU C 927 -24.68 -14.30 -17.75
CA LEU C 927 -25.52 -13.73 -18.86
C LEU C 927 -25.58 -14.68 -20.02
N ILE C 928 -24.43 -15.19 -20.42
CA ILE C 928 -24.35 -16.16 -21.58
C ILE C 928 -25.10 -17.46 -21.23
N SER C 929 -24.90 -17.92 -20.00
CA SER C 929 -25.54 -19.18 -19.55
C SER C 929 -27.09 -19.08 -19.59
N LEU C 930 -27.59 -17.88 -19.37
CA LEU C 930 -29.05 -17.64 -19.40
C LEU C 930 -29.63 -17.98 -20.76
N VAL C 931 -28.87 -17.69 -21.81
CA VAL C 931 -29.36 -17.97 -23.19
C VAL C 931 -29.12 -19.44 -23.54
N TYR C 932 -27.93 -19.88 -23.20
CA TYR C 932 -27.45 -21.26 -23.44
C TYR C 932 -28.37 -22.30 -22.80
N ASP C 933 -28.99 -21.87 -21.71
CA ASP C 933 -29.97 -22.67 -20.92
C ASP C 933 -31.42 -22.36 -21.24
N ASN C 934 -31.64 -21.57 -22.28
CA ASN C 934 -33.01 -21.17 -22.68
C ASN C 934 -33.90 -20.66 -21.56
N LYS C 935 -33.27 -19.93 -20.66
CA LYS C 935 -33.95 -19.27 -19.51
C LYS C 935 -34.54 -17.92 -19.88
N ILE C 936 -34.41 -17.54 -21.16
CA ILE C 936 -35.07 -16.30 -21.63
C ILE C 936 -36.16 -16.66 -22.61
N SER C 937 -37.38 -16.39 -22.16
CA SER C 937 -38.62 -16.91 -22.82
C SER C 937 -39.06 -16.13 -24.07
N VAL C 938 -38.53 -14.93 -24.25
CA VAL C 938 -38.91 -14.11 -25.42
C VAL C 938 -37.71 -13.90 -26.38
N PRO C 939 -37.98 -13.68 -27.68
CA PRO C 939 -36.85 -13.40 -28.53
C PRO C 939 -36.19 -12.10 -28.15
N LEU C 940 -34.88 -12.17 -28.13
CA LEU C 940 -34.04 -11.02 -27.73
C LEU C 940 -33.91 -10.03 -28.85
N TYR C 941 -34.25 -10.49 -30.03
CA TYR C 941 -34.28 -9.65 -31.24
C TYR C 941 -35.70 -9.18 -31.50
N GLN C 942 -35.84 -8.19 -32.37
CA GLN C 942 -37.18 -7.78 -32.89
C GLN C 942 -37.43 -8.36 -34.28
N GLU C 943 -38.70 -8.45 -34.66
CA GLU C 943 -39.03 -9.19 -35.90
C GLU C 943 -38.49 -8.50 -37.16
N ALA C 944 -38.39 -9.31 -38.20
CA ALA C 944 -37.83 -8.90 -39.51
C ALA C 944 -36.32 -8.64 -39.44
N GLU C 945 -35.83 -8.50 -38.22
CA GLU C 945 -34.38 -8.33 -37.98
C GLU C 945 -33.63 -9.62 -38.37
N VAL C 946 -34.37 -10.70 -38.22
CA VAL C 946 -33.85 -12.05 -38.37
C VAL C 946 -35.07 -12.97 -38.62
N PRO C 947 -34.87 -14.16 -39.25
CA PRO C 947 -35.98 -15.10 -39.39
C PRO C 947 -36.67 -15.43 -38.07
N GLN C 948 -37.94 -15.77 -38.19
CA GLN C 948 -38.85 -15.81 -37.03
C GLN C 948 -38.49 -16.94 -36.02
N GLY C 949 -38.15 -18.11 -36.54
CA GLY C 949 -37.87 -19.28 -35.67
C GLY C 949 -36.60 -19.18 -34.81
N THR C 950 -35.77 -18.21 -35.18
CA THR C 950 -34.37 -18.13 -34.73
C THR C 950 -34.20 -18.17 -33.21
N SER C 951 -33.40 -19.11 -32.78
CA SER C 951 -33.16 -19.31 -31.36
C SER C 951 -32.38 -18.11 -30.82
N ASN C 952 -32.52 -17.89 -29.52
CA ASN C 952 -31.75 -16.84 -28.85
C ASN C 952 -30.24 -17.12 -28.91
N GLN C 953 -29.86 -18.38 -28.91
CA GLN C 953 -28.43 -18.79 -29.05
C GLN C 953 -27.80 -18.29 -30.34
N VAL C 954 -28.51 -18.55 -31.41
CA VAL C 954 -28.04 -18.16 -32.75
C VAL C 954 -27.96 -16.62 -32.76
N TYR C 955 -29.03 -15.97 -32.33
CA TYR C 955 -29.00 -14.50 -32.30
C TYR C 955 -27.85 -13.91 -31.46
N LEU C 956 -27.65 -14.51 -30.30
CA LEU C 956 -26.61 -14.04 -29.35
C LEU C 956 -25.23 -14.08 -30.02
N SER C 957 -24.99 -15.14 -30.76
CA SER C 957 -23.75 -15.32 -31.50
C SER C 957 -23.55 -14.21 -32.48
N GLN C 958 -24.62 -13.94 -33.17
CA GLN C 958 -24.61 -13.00 -34.27
C GLN C 958 -24.38 -11.58 -33.77
N TYR C 959 -25.08 -11.26 -32.71
CA TYR C 959 -24.92 -9.97 -32.06
C TYR C 959 -23.45 -9.81 -31.68
N LEU C 960 -22.96 -10.83 -31.03
CA LEU C 960 -21.59 -10.76 -30.44
C LEU C 960 -20.50 -10.67 -31.51
N ALA C 961 -20.67 -11.46 -32.57
CA ALA C 961 -19.69 -11.48 -33.65
C ALA C 961 -19.60 -10.09 -34.23
N ASN C 962 -20.75 -9.51 -34.43
CA ASN C 962 -20.88 -8.16 -35.01
C ASN C 962 -20.28 -7.08 -34.07
N MET C 963 -20.64 -7.17 -32.81
CA MET C 963 -20.08 -6.25 -31.84
C MET C 963 -18.57 -6.32 -31.82
N LEU C 964 -18.04 -7.54 -31.87
CA LEU C 964 -16.59 -7.72 -31.75
C LEU C 964 -15.89 -7.29 -33.07
N SER C 965 -16.54 -7.62 -34.18
CA SER C 965 -16.02 -7.31 -35.50
C SER C 965 -15.82 -5.79 -35.62
N ASN C 966 -16.80 -5.06 -35.11
CA ASN C 966 -16.77 -3.59 -35.21
C ASN C 966 -15.83 -2.95 -34.21
N ALA C 967 -15.77 -3.57 -33.05
CA ALA C 967 -14.99 -3.05 -31.89
C ALA C 967 -13.49 -3.30 -32.01
N PHE C 968 -13.22 -4.46 -32.61
CA PHE C 968 -11.83 -4.95 -32.87
C PHE C 968 -11.67 -5.36 -34.33
N PRO C 969 -11.59 -4.39 -35.24
CA PRO C 969 -11.65 -4.72 -36.66
C PRO C 969 -10.37 -5.40 -37.17
N HIS C 970 -9.36 -5.42 -36.33
CA HIS C 970 -8.05 -6.08 -36.72
C HIS C 970 -8.07 -7.57 -36.56
N LEU C 971 -9.10 -8.06 -35.87
CA LEU C 971 -9.35 -9.51 -35.70
C LEU C 971 -9.96 -10.04 -36.97
N THR C 972 -9.63 -11.28 -37.31
CA THR C 972 -10.28 -11.99 -38.41
C THR C 972 -11.64 -12.50 -37.95
N SER C 973 -12.52 -12.73 -38.90
CA SER C 973 -13.84 -13.39 -38.62
C SER C 973 -13.70 -14.71 -37.88
N GLU C 974 -12.71 -15.48 -38.27
CA GLU C 974 -12.53 -16.86 -37.74
CA GLU C 974 -12.56 -16.85 -37.73
C GLU C 974 -12.06 -16.74 -36.32
N GLN C 975 -11.22 -15.75 -36.09
CA GLN C 975 -10.77 -15.53 -34.73
C GLN C 975 -12.03 -15.26 -33.85
N ILE C 976 -12.91 -14.40 -34.37
CA ILE C 976 -14.10 -14.02 -33.59
C ILE C 976 -15.04 -15.23 -33.42
N ALA C 977 -15.27 -15.91 -34.49
CA ALA C 977 -16.16 -17.06 -34.47
C ALA C 977 -15.58 -18.09 -33.50
N SER C 978 -14.28 -18.33 -33.60
CA SER C 978 -13.63 -19.37 -32.78
C SER C 978 -13.71 -19.06 -31.33
N PHE C 979 -13.44 -17.80 -31.05
CA PHE C 979 -13.47 -17.29 -29.67
C PHE C 979 -14.86 -17.49 -29.09
N LEU C 980 -15.88 -17.11 -29.86
CA LEU C 980 -17.30 -17.15 -29.37
C LEU C 980 -17.83 -18.57 -29.15
N SER C 981 -17.44 -19.47 -30.04
CA SER C 981 -17.77 -20.90 -29.91
CA SER C 981 -17.75 -20.90 -29.92
C SER C 981 -17.19 -21.45 -28.61
N ALA C 982 -15.92 -21.20 -28.40
CA ALA C 982 -15.23 -21.69 -27.22
C ALA C 982 -15.95 -21.16 -26.01
N LEU C 983 -16.13 -19.84 -26.01
CA LEU C 983 -16.64 -19.10 -24.85
C LEU C 983 -18.04 -19.56 -24.46
N THR C 984 -18.90 -19.74 -25.43
CA THR C 984 -20.29 -20.09 -25.15
C THR C 984 -20.38 -21.53 -24.62
N LYS C 985 -19.62 -22.41 -25.25
CA LYS C 985 -19.51 -23.84 -24.83
C LYS C 985 -19.02 -23.99 -23.40
N GLN C 986 -18.31 -22.98 -22.94
CA GLN C 986 -17.55 -23.05 -21.69
C GLN C 986 -18.23 -22.29 -20.56
N CYS C 987 -19.49 -21.95 -20.81
CA CYS C 987 -20.29 -21.05 -19.93
C CYS C 987 -20.79 -21.70 -18.63
N LYS C 988 -20.41 -22.97 -18.46
CA LYS C 988 -20.67 -23.70 -17.19
C LYS C 988 -19.43 -23.93 -16.33
N ASP C 989 -18.27 -23.60 -16.88
CA ASP C 989 -16.97 -23.87 -16.24
C ASP C 989 -16.11 -22.60 -16.16
N LEU C 990 -16.24 -21.91 -15.05
CA LEU C 990 -15.67 -20.56 -14.88
C LEU C 990 -14.16 -20.48 -15.11
N VAL C 991 -13.45 -21.51 -14.70
CA VAL C 991 -11.99 -21.43 -14.72
C VAL C 991 -11.55 -21.50 -16.20
N VAL C 992 -12.21 -22.36 -16.96
CA VAL C 992 -11.95 -22.52 -18.41
C VAL C 992 -12.38 -21.28 -19.24
N PHE C 993 -13.61 -20.89 -19.00
CA PHE C 993 -14.25 -19.64 -19.48
C PHE C 993 -13.30 -18.47 -19.25
N LYS C 994 -12.73 -18.38 -18.08
CA LYS C 994 -11.79 -17.29 -17.79
C LYS C 994 -10.52 -17.35 -18.60
N GLY C 995 -10.04 -18.56 -18.81
CA GLY C 995 -8.81 -18.75 -19.61
C GLY C 995 -9.01 -18.30 -21.05
N THR C 996 -10.21 -18.54 -21.53
CA THR C 996 -10.64 -18.16 -22.91
C THR C 996 -10.74 -16.65 -23.07
N LEU C 997 -11.28 -16.02 -22.04
CA LEU C 997 -11.34 -14.57 -21.95
C LEU C 997 -9.92 -13.99 -22.00
N ARG C 998 -9.05 -14.62 -21.23
CA ARG C 998 -7.63 -14.15 -21.09
C ARG C 998 -6.88 -14.28 -22.36
N ASP C 999 -7.11 -15.40 -23.04
CA ASP C 999 -6.53 -15.64 -24.37
C ASP C 999 -6.94 -14.58 -25.37
N PHE C 1000 -8.23 -14.27 -25.35
CA PHE C 1000 -8.81 -13.21 -26.22
C PHE C 1000 -8.13 -11.86 -25.96
N LEU C 1001 -7.92 -11.56 -24.70
CA LEU C 1001 -7.26 -10.27 -24.30
C LEU C 1001 -5.84 -10.23 -24.80
N VAL C 1002 -5.21 -11.39 -24.94
CA VAL C 1002 -3.87 -11.47 -25.55
C VAL C 1002 -3.99 -11.22 -27.04
N GLN C 1003 -4.94 -11.88 -27.66
CA GLN C 1003 -5.03 -11.81 -29.12
C GLN C 1003 -5.41 -10.46 -29.66
N ILE C 1004 -6.25 -9.75 -28.92
CA ILE C 1004 -6.69 -8.39 -29.31
C ILE C 1004 -5.53 -7.40 -29.27
N LYS C 1005 -4.44 -7.76 -28.63
CA LYS C 1005 -3.24 -6.86 -28.55
C LYS C 1005 -2.26 -7.01 -29.72
N GLU C 1006 -2.54 -7.98 -30.56
CA GLU C 1006 -1.70 -8.26 -31.73
C GLU C 1006 -2.57 -8.51 -32.94
N VAL C 1007 -1.89 -8.76 -34.06
CA VAL C 1007 -2.53 -9.15 -35.31
C VAL C 1007 -2.15 -10.59 -35.69
N GLY C 1008 -3.12 -11.31 -36.23
CA GLY C 1008 -2.84 -12.65 -36.78
C GLY C 1008 -2.94 -13.77 -35.79
N GLY C 1009 -3.52 -13.47 -34.65
CA GLY C 1009 -3.65 -14.49 -33.63
C GLY C 1009 -4.30 -15.75 -34.25
N ASP C 1010 -3.85 -16.90 -33.80
CA ASP C 1010 -4.35 -18.22 -34.26
C ASP C 1010 -5.72 -18.60 -33.66
N PRO C 1011 -6.73 -18.78 -34.51
CA PRO C 1011 -8.05 -19.10 -34.04
C PRO C 1011 -8.15 -20.43 -33.30
N THR C 1012 -7.29 -21.36 -33.66
CA THR C 1012 -7.25 -22.71 -33.03
C THR C 1012 -6.80 -22.64 -31.55
N ASP C 1013 -6.19 -21.52 -31.19
CA ASP C 1013 -5.80 -21.30 -29.80
C ASP C 1013 -6.99 -21.48 -28.88
N TYR C 1014 -8.16 -21.13 -29.37
CA TYR C 1014 -9.38 -21.22 -28.52
C TYR C 1014 -9.90 -22.63 -28.38
N LEU C 1015 -9.20 -23.60 -28.93
CA LEU C 1015 -9.50 -25.05 -28.65
C LEU C 1015 -8.68 -25.63 -27.50
N PHE C 1016 -7.80 -24.82 -26.95
CA PHE C 1016 -7.00 -25.29 -25.81
C PHE C 1016 -7.82 -26.09 -24.79
N ALA C 1017 -7.28 -27.23 -24.43
CA ALA C 1017 -7.90 -28.06 -23.38
C ALA C 1017 -6.88 -29.05 -22.78
#